data_6A5I
#
_entry.id   6A5I
#
_entity_poly.entity_id   1
_entity_poly.type   'polypeptide(L)'
_entity_poly.pdbx_seq_one_letter_code
;(PCA)DRPKFCYLPDDPGVCKAHIPRFYYNPASNKCKEFIYGGCGGNANNFETRAECRHTCVASRKGGPRRP
;
_entity_poly.pdbx_strand_id   A
#
# COMPACT_ATOMS: atom_id res chain seq x y z
N ASP A 2 -3.92 -10.66 -11.18
CA ASP A 2 -2.61 -11.29 -10.87
C ASP A 2 -1.90 -10.70 -9.63
N ARG A 3 -2.56 -9.77 -8.93
CA ARG A 3 -2.05 -8.93 -7.85
C ARG A 3 -3.03 -9.02 -6.69
N PRO A 4 -2.65 -8.61 -5.46
CA PRO A 4 -3.56 -8.70 -4.33
C PRO A 4 -4.69 -7.68 -4.41
N LYS A 5 -5.92 -8.09 -4.08
CA LYS A 5 -7.07 -7.19 -4.05
C LYS A 5 -6.99 -6.15 -2.93
N PHE A 6 -6.30 -6.46 -1.83
CA PHE A 6 -6.15 -5.51 -0.72
C PHE A 6 -5.37 -4.26 -1.13
N CYS A 7 -4.58 -4.36 -2.21
CA CYS A 7 -3.89 -3.21 -2.78
C CYS A 7 -4.85 -2.17 -3.38
N TYR A 8 -6.12 -2.51 -3.58
CA TYR A 8 -7.16 -1.63 -4.11
C TYR A 8 -7.91 -0.90 -3.02
N LEU A 9 -7.92 -1.45 -1.80
CA LEU A 9 -8.60 -0.85 -0.67
C LEU A 9 -8.04 0.56 -0.47
N PRO A 10 -8.87 1.62 -0.53
CA PRO A 10 -8.44 3.01 -0.30
C PRO A 10 -7.65 3.12 1.00
N ASP A 11 -6.83 4.17 1.12
CA ASP A 11 -6.03 4.38 2.32
C ASP A 11 -6.96 4.42 3.54
N ASP A 12 -6.72 3.51 4.47
CA ASP A 12 -7.51 3.36 5.67
C ASP A 12 -6.64 3.63 6.90
N PRO A 13 -6.29 4.90 7.19
CA PRO A 13 -5.64 5.28 8.43
C PRO A 13 -6.48 5.01 9.70
N GLY A 14 -7.76 4.68 9.51
CA GLY A 14 -8.74 4.55 10.56
C GLY A 14 -9.38 5.89 10.93
N VAL A 15 -9.82 5.99 12.18
CA VAL A 15 -10.57 7.16 12.73
C VAL A 15 -9.92 7.77 13.97
N CYS A 16 -8.68 7.39 14.26
CA CYS A 16 -7.93 7.86 15.41
C CYS A 16 -7.33 9.26 15.18
N LYS A 17 -6.78 9.85 16.24
CA LYS A 17 -6.22 11.20 16.27
C LYS A 17 -4.71 11.23 16.55
N ALA A 18 -3.98 10.33 15.89
CA ALA A 18 -2.52 10.21 16.05
C ALA A 18 -1.80 10.60 14.77
N HIS A 19 -0.53 10.18 14.61
CA HIS A 19 0.24 10.45 13.41
C HIS A 19 1.37 9.44 13.23
N ILE A 20 1.24 8.51 12.28
CA ILE A 20 2.28 7.52 11.97
C ILE A 20 2.52 7.52 10.45
N PRO A 21 3.75 7.77 9.95
CA PRO A 21 4.05 7.71 8.52
C PRO A 21 3.70 6.32 7.95
N ARG A 22 2.73 6.22 7.06
CA ARG A 22 2.28 4.97 6.46
C ARG A 22 2.11 5.16 4.95
N PHE A 23 1.93 4.07 4.21
CA PHE A 23 1.85 4.08 2.76
C PHE A 23 0.75 3.15 2.29
N TYR A 24 0.18 3.47 1.14
CA TYR A 24 -0.80 2.60 0.48
C TYR A 24 -0.63 2.68 -1.04
N TYR A 25 -1.04 1.62 -1.73
CA TYR A 25 -1.06 1.62 -3.19
C TYR A 25 -2.40 2.11 -3.72
N ASN A 26 -2.36 3.03 -4.71
CA ASN A 26 -3.55 3.52 -5.39
C ASN A 26 -3.61 2.98 -6.83
N PRO A 27 -4.19 1.79 -7.07
CA PRO A 27 -4.28 1.20 -8.41
C PRO A 27 -5.08 2.07 -9.39
N ALA A 28 -6.11 2.75 -8.91
CA ALA A 28 -6.95 3.65 -9.73
C ALA A 28 -6.12 4.75 -10.45
N SER A 29 -5.00 5.16 -9.86
CA SER A 29 -4.04 6.11 -10.45
C SER A 29 -2.69 5.46 -10.80
N ASN A 30 -2.53 4.16 -10.52
CA ASN A 30 -1.28 3.40 -10.67
C ASN A 30 -0.05 4.08 -10.02
N LYS A 31 -0.21 4.53 -8.77
CA LYS A 31 0.84 5.21 -8.02
C LYS A 31 0.78 4.94 -6.53
N CYS A 32 1.95 4.94 -5.88
CA CYS A 32 2.08 4.84 -4.43
C CYS A 32 1.99 6.23 -3.79
N LYS A 33 1.38 6.32 -2.60
CA LYS A 33 1.34 7.53 -1.79
C LYS A 33 1.51 7.23 -0.31
N GLU A 34 1.97 8.22 0.45
CA GLU A 34 2.13 8.21 1.88
C GLU A 34 0.92 8.85 2.57
N PHE A 35 0.40 8.21 3.62
CA PHE A 35 -0.70 8.70 4.41
C PHE A 35 -0.32 8.72 5.89
N ILE A 36 -1.06 9.49 6.69
CA ILE A 36 -0.89 9.53 8.14
C ILE A 36 -1.80 8.51 8.79
N TYR A 37 -1.24 7.48 9.41
CA TYR A 37 -1.99 6.48 10.15
C TYR A 37 -2.25 6.94 11.60
N GLY A 38 -3.44 6.60 12.11
CA GLY A 38 -3.83 6.89 13.48
C GLY A 38 -3.49 5.73 14.43
N GLY A 39 -4.36 4.74 14.47
CA GLY A 39 -4.31 3.67 15.48
C GLY A 39 -5.67 3.02 15.81
N CYS A 40 -6.70 3.28 15.00
CA CYS A 40 -8.06 2.79 15.25
C CYS A 40 -8.39 1.65 14.28
N GLY A 41 -8.70 2.01 13.02
CA GLY A 41 -8.95 1.08 11.94
C GLY A 41 -7.74 0.99 11.00
N GLY A 42 -7.77 0.00 10.12
CA GLY A 42 -6.76 -0.22 9.11
C GLY A 42 -7.08 -1.43 8.26
N ASN A 43 -6.16 -1.75 7.35
CA ASN A 43 -6.28 -2.85 6.40
C ASN A 43 -4.89 -3.45 6.09
N ALA A 44 -4.85 -4.46 5.24
CA ALA A 44 -3.60 -5.03 4.74
C ALA A 44 -2.80 -4.08 3.81
N ASN A 45 -3.28 -2.85 3.56
CA ASN A 45 -2.64 -1.87 2.69
C ASN A 45 -2.03 -0.74 3.53
N ASN A 46 -0.88 -1.03 4.13
CA ASN A 46 -0.26 -0.17 5.15
C ASN A 46 1.27 -0.37 5.21
N PHE A 47 1.98 0.17 4.23
CA PHE A 47 3.44 0.05 4.08
C PHE A 47 4.21 1.22 4.69
N GLU A 48 5.55 1.16 4.60
CA GLU A 48 6.44 2.23 5.07
C GLU A 48 7.26 2.86 3.95
N THR A 49 7.13 2.36 2.72
CA THR A 49 7.78 2.95 1.54
C THR A 49 6.99 2.79 0.24
N ARG A 50 7.38 3.56 -0.77
CA ARG A 50 6.81 3.48 -2.13
C ARG A 50 7.32 2.29 -2.92
N ALA A 51 8.61 1.93 -2.73
CA ALA A 51 9.25 0.80 -3.41
C ALA A 51 8.62 -0.54 -2.98
N GLU A 52 8.24 -0.66 -1.71
CA GLU A 52 7.46 -1.78 -1.19
C GLU A 52 6.04 -1.79 -1.78
N CYS A 53 5.31 -0.68 -1.63
CA CYS A 53 3.95 -0.52 -2.14
C CYS A 53 3.80 -0.96 -3.60
N ARG A 54 4.75 -0.57 -4.47
CA ARG A 54 4.74 -1.02 -5.88
C ARG A 54 5.13 -2.48 -6.01
N HIS A 55 6.07 -3.00 -5.21
CA HIS A 55 6.48 -4.41 -5.28
C HIS A 55 5.38 -5.35 -4.76
N THR A 56 4.42 -4.85 -3.98
CA THR A 56 3.27 -5.63 -3.50
C THR A 56 2.23 -5.85 -4.60
N CYS A 57 1.78 -4.79 -5.27
CA CYS A 57 0.73 -4.93 -6.30
C CYS A 57 1.26 -4.80 -7.73
N VAL A 58 2.17 -3.86 -7.97
CA VAL A 58 2.80 -3.63 -9.29
C VAL A 58 3.99 -4.58 -9.49
N ALA A 59 3.75 -5.88 -9.34
CA ALA A 59 4.71 -6.94 -9.56
C ALA A 59 4.41 -7.68 -10.87
N SER A 60 5.43 -8.36 -11.42
CA SER A 60 5.32 -9.17 -12.65
C SER A 60 4.65 -8.42 -13.83
N ARG A 61 5.30 -7.35 -14.31
CA ARG A 61 4.79 -6.57 -15.46
C ARG A 61 5.89 -6.13 -16.41
N LYS A 62 5.73 -6.46 -17.70
CA LYS A 62 6.67 -6.20 -18.79
C LYS A 62 5.93 -5.64 -20.02
N GLY A 63 5.49 -4.39 -19.93
CA GLY A 63 4.79 -3.75 -21.05
C GLY A 63 5.00 -2.24 -21.02
N GLY A 64 5.66 -1.71 -22.05
CA GLY A 64 6.05 -0.30 -22.18
C GLY A 64 7.57 -0.10 -22.11
N PRO A 65 8.27 0.01 -23.25
CA PRO A 65 9.72 0.20 -23.31
C PRO A 65 10.10 1.64 -22.93
N ARG A 66 10.20 1.92 -21.61
CA ARG A 66 10.49 3.28 -21.08
C ARG A 66 9.51 4.32 -21.65
N ARG A 67 8.24 4.25 -21.23
CA ARG A 67 7.24 5.29 -21.54
C ARG A 67 7.71 6.68 -21.08
N PRO A 68 7.35 7.75 -21.80
CA PRO A 68 7.61 9.14 -21.43
C PRO A 68 6.79 9.54 -20.19
N ASP A 2 -3.36 -9.11 -11.87
CA ASP A 2 -1.89 -9.17 -11.94
C ASP A 2 -1.24 -8.97 -10.57
N ARG A 3 -1.95 -8.30 -9.67
CA ARG A 3 -1.48 -7.82 -8.36
C ARG A 3 -2.56 -8.16 -7.31
N PRO A 4 -2.32 -8.03 -5.99
CA PRO A 4 -3.33 -8.39 -5.01
C PRO A 4 -4.54 -7.43 -5.04
N LYS A 5 -5.73 -7.99 -4.79
CA LYS A 5 -6.99 -7.23 -4.76
C LYS A 5 -7.08 -6.24 -3.59
N PHE A 6 -6.39 -6.50 -2.47
CA PHE A 6 -6.42 -5.60 -1.32
C PHE A 6 -5.81 -4.22 -1.66
N CYS A 7 -5.06 -4.11 -2.75
CA CYS A 7 -4.59 -2.84 -3.25
C CYS A 7 -5.72 -1.88 -3.64
N TYR A 8 -6.89 -2.40 -4.04
CA TYR A 8 -8.02 -1.55 -4.45
C TYR A 8 -8.72 -0.91 -3.25
N LEU A 9 -8.46 -1.41 -2.04
CA LEU A 9 -8.99 -0.85 -0.80
C LEU A 9 -8.28 0.49 -0.56
N PRO A 10 -9.00 1.63 -0.48
CA PRO A 10 -8.45 2.94 -0.14
C PRO A 10 -7.55 2.92 1.10
N ASP A 11 -6.75 3.96 1.28
CA ASP A 11 -5.87 4.04 2.46
C ASP A 11 -6.73 3.91 3.73
N ASP A 12 -6.35 2.95 4.59
CA ASP A 12 -7.06 2.65 5.83
C ASP A 12 -6.12 2.88 7.02
N PRO A 13 -5.81 4.13 7.37
CA PRO A 13 -5.09 4.45 8.61
C PRO A 13 -5.79 4.01 9.90
N GLY A 14 -7.05 3.58 9.79
CA GLY A 14 -7.95 3.29 10.89
C GLY A 14 -8.61 4.57 11.41
N VAL A 15 -8.82 4.63 12.72
CA VAL A 15 -9.53 5.73 13.41
C VAL A 15 -8.72 6.39 14.53
N CYS A 16 -7.43 6.02 14.66
CA CYS A 16 -6.58 6.53 15.72
C CYS A 16 -6.05 7.93 15.39
N LYS A 17 -5.79 8.71 16.44
CA LYS A 17 -5.26 10.08 16.36
C LYS A 17 -3.74 10.18 16.53
N ALA A 18 -3.02 9.08 16.29
CA ALA A 18 -1.56 9.03 16.40
C ALA A 18 -0.91 9.65 15.14
N HIS A 19 0.34 9.28 14.84
CA HIS A 19 1.06 9.80 13.68
C HIS A 19 2.18 8.86 13.25
N ILE A 20 1.95 8.04 12.23
CA ILE A 20 2.96 7.11 11.71
C ILE A 20 3.04 7.22 10.17
N PRO A 21 4.17 7.66 9.57
CA PRO A 21 4.32 7.71 8.12
C PRO A 21 4.12 6.33 7.51
N ARG A 22 3.10 6.22 6.64
CA ARG A 22 2.71 4.98 5.97
C ARG A 22 2.40 5.25 4.51
N PHE A 23 2.34 4.21 3.71
CA PHE A 23 2.09 4.28 2.28
C PHE A 23 1.02 3.26 1.89
N TYR A 24 0.36 3.51 0.77
CA TYR A 24 -0.64 2.61 0.20
C TYR A 24 -0.61 2.74 -1.33
N TYR A 25 -1.10 1.72 -2.04
CA TYR A 25 -1.23 1.77 -3.50
C TYR A 25 -2.63 2.19 -3.85
N ASN A 26 -2.77 3.14 -4.78
CA ASN A 26 -4.04 3.53 -5.36
C ASN A 26 -4.18 2.99 -6.80
N PRO A 27 -4.76 1.80 -7.02
CA PRO A 27 -5.07 1.29 -8.36
C PRO A 27 -6.00 2.21 -9.15
N ALA A 28 -6.81 3.04 -8.49
CA ALA A 28 -7.71 3.98 -9.15
C ALA A 28 -6.96 5.03 -10.00
N SER A 29 -5.65 5.23 -9.76
CA SER A 29 -4.79 6.08 -10.59
C SER A 29 -3.40 5.49 -10.85
N ASN A 30 -3.19 4.21 -10.56
CA ASN A 30 -1.91 3.51 -10.66
C ASN A 30 -0.75 4.28 -9.97
N LYS A 31 -0.98 4.80 -8.76
CA LYS A 31 -0.01 5.65 -8.06
C LYS A 31 -0.06 5.46 -6.55
N CYS A 32 1.10 5.28 -5.92
CA CYS A 32 1.21 5.19 -4.47
C CYS A 32 1.13 6.58 -3.82
N LYS A 33 0.65 6.67 -2.57
CA LYS A 33 0.72 7.89 -1.75
C LYS A 33 1.18 7.58 -0.33
N GLU A 34 1.72 8.60 0.32
CA GLU A 34 1.98 8.59 1.75
C GLU A 34 0.71 9.02 2.49
N PHE A 35 0.26 8.24 3.46
CA PHE A 35 -0.83 8.54 4.37
C PHE A 35 -0.31 8.44 5.81
N ILE A 36 -0.95 9.12 6.76
CA ILE A 36 -0.58 9.01 8.17
C ILE A 36 -1.43 7.94 8.84
N TYR A 37 -0.76 6.92 9.35
CA TYR A 37 -1.35 5.83 10.11
C TYR A 37 -1.49 6.18 11.60
N GLY A 38 -2.54 5.65 12.22
CA GLY A 38 -2.82 5.81 13.63
C GLY A 38 -2.32 4.63 14.47
N GLY A 39 -3.13 3.57 14.51
CA GLY A 39 -2.93 2.45 15.45
C GLY A 39 -4.21 1.79 15.97
N CYS A 40 -5.38 2.22 15.49
CA CYS A 40 -6.68 1.68 15.92
C CYS A 40 -7.24 0.64 14.93
N GLY A 41 -6.56 0.43 13.80
CA GLY A 41 -7.00 -0.45 12.73
C GLY A 41 -6.17 -0.23 11.47
N GLY A 42 -6.37 -1.08 10.48
CA GLY A 42 -5.71 -0.98 9.19
C GLY A 42 -6.06 -2.16 8.28
N ASN A 43 -5.81 -2.00 6.99
CA ASN A 43 -6.02 -3.03 5.99
C ASN A 43 -4.70 -3.66 5.51
N ALA A 44 -4.80 -4.67 4.64
CA ALA A 44 -3.64 -5.30 3.99
C ALA A 44 -2.93 -4.38 2.97
N ASN A 45 -3.41 -3.16 2.76
CA ASN A 45 -2.80 -2.14 1.88
C ASN A 45 -1.88 -1.19 2.68
N ASN A 46 -1.27 -1.67 3.77
CA ASN A 46 -0.35 -0.88 4.57
C ASN A 46 1.10 -1.15 4.11
N PHE A 47 1.79 -0.11 3.64
CA PHE A 47 3.17 -0.20 3.16
C PHE A 47 4.06 0.76 3.92
N GLU A 48 5.33 0.43 4.08
CA GLU A 48 6.28 1.31 4.78
C GLU A 48 6.79 2.45 3.89
N THR A 49 6.98 2.20 2.59
CA THR A 49 7.48 3.20 1.64
C THR A 49 6.98 2.94 0.22
N ARG A 50 7.28 3.86 -0.71
CA ARG A 50 7.01 3.69 -2.15
C ARG A 50 7.64 2.42 -2.73
N ALA A 51 8.80 1.99 -2.23
CA ALA A 51 9.48 0.79 -2.70
C ALA A 51 8.68 -0.47 -2.32
N GLU A 52 8.12 -0.48 -1.11
CA GLU A 52 7.23 -1.54 -0.64
C GLU A 52 5.93 -1.57 -1.45
N CYS A 53 5.34 -0.41 -1.75
CA CYS A 53 4.15 -0.31 -2.61
C CYS A 53 4.31 -1.01 -3.98
N ARG A 54 5.54 -1.14 -4.48
CA ARG A 54 5.86 -1.93 -5.67
C ARG A 54 5.93 -3.41 -5.34
N HIS A 55 6.71 -3.81 -4.33
CA HIS A 55 6.87 -5.23 -3.95
C HIS A 55 5.56 -5.88 -3.49
N THR A 56 4.61 -5.10 -2.98
CA THR A 56 3.28 -5.55 -2.54
C THR A 56 2.21 -5.37 -3.60
N CYS A 57 2.52 -4.78 -4.76
CA CYS A 57 1.55 -4.64 -5.85
C CYS A 57 2.22 -4.49 -7.22
N VAL A 58 2.86 -3.35 -7.48
CA VAL A 58 3.48 -3.04 -8.78
C VAL A 58 4.91 -3.59 -8.87
N ALA A 59 5.06 -4.91 -8.77
CA ALA A 59 6.35 -5.57 -8.75
C ALA A 59 6.83 -5.93 -10.17
N SER A 60 8.14 -5.85 -10.40
CA SER A 60 8.77 -6.21 -11.68
C SER A 60 10.17 -6.81 -11.49
N ARG A 61 10.46 -7.33 -10.28
CA ARG A 61 11.75 -7.94 -9.94
C ARG A 61 11.71 -9.45 -10.20
N LYS A 62 12.84 -10.00 -10.63
CA LYS A 62 13.02 -11.44 -10.84
C LYS A 62 12.80 -12.18 -9.52
N GLY A 63 11.77 -13.01 -9.45
CA GLY A 63 11.43 -13.81 -8.27
C GLY A 63 10.38 -14.90 -8.51
N GLY A 64 10.07 -15.21 -9.78
CA GLY A 64 9.03 -16.17 -10.14
C GLY A 64 8.19 -15.69 -11.33
N PRO A 65 8.73 -15.69 -12.56
CA PRO A 65 7.96 -15.30 -13.76
C PRO A 65 6.79 -16.26 -14.02
N ARG A 66 5.73 -15.74 -14.63
CA ARG A 66 4.51 -16.52 -14.95
C ARG A 66 4.38 -16.88 -16.44
N ARG A 67 5.53 -16.99 -17.14
CA ARG A 67 5.62 -17.14 -18.60
C ARG A 67 4.87 -16.01 -19.33
N PRO A 68 5.44 -14.78 -19.34
CA PRO A 68 4.88 -13.64 -20.07
C PRO A 68 4.84 -13.91 -21.58
N ASP A 2 -3.51 -7.76 -12.66
CA ASP A 2 -2.23 -8.41 -12.30
C ASP A 2 -1.75 -8.07 -10.88
N ARG A 3 -2.36 -7.03 -10.27
CA ARG A 3 -2.05 -6.59 -8.91
C ARG A 3 -3.08 -7.14 -7.91
N PRO A 4 -2.71 -7.33 -6.63
CA PRO A 4 -3.63 -7.83 -5.63
C PRO A 4 -4.91 -6.98 -5.52
N LYS A 5 -6.03 -7.65 -5.23
CA LYS A 5 -7.34 -7.00 -5.09
C LYS A 5 -7.47 -6.10 -3.86
N PHE A 6 -6.74 -6.40 -2.78
CA PHE A 6 -6.76 -5.57 -1.58
C PHE A 6 -6.15 -4.17 -1.83
N CYS A 7 -5.43 -3.98 -2.93
CA CYS A 7 -4.97 -2.66 -3.34
C CYS A 7 -6.11 -1.70 -3.68
N TYR A 8 -7.31 -2.21 -4.05
CA TYR A 8 -8.47 -1.39 -4.37
C TYR A 8 -9.17 -0.83 -3.13
N LEU A 9 -8.66 -1.15 -1.94
CA LEU A 9 -9.13 -0.62 -0.67
C LEU A 9 -8.35 0.67 -0.36
N PRO A 10 -9.02 1.82 -0.21
CA PRO A 10 -8.42 3.10 0.19
C PRO A 10 -7.50 2.97 1.42
N ASP A 11 -6.62 3.94 1.62
CA ASP A 11 -5.73 3.92 2.78
C ASP A 11 -6.53 3.78 4.07
N ASP A 12 -6.14 2.80 4.89
CA ASP A 12 -6.82 2.51 6.14
C ASP A 12 -5.80 2.52 7.29
N PRO A 13 -5.44 3.73 7.76
CA PRO A 13 -4.61 3.88 8.96
C PRO A 13 -5.18 3.26 10.24
N GLY A 14 -6.50 3.09 10.31
CA GLY A 14 -7.23 2.62 11.46
C GLY A 14 -7.94 3.76 12.22
N VAL A 15 -8.34 3.48 13.46
CA VAL A 15 -9.17 4.38 14.30
C VAL A 15 -8.36 5.19 15.33
N CYS A 16 -7.06 4.97 15.39
CA CYS A 16 -6.18 5.69 16.32
C CYS A 16 -5.95 7.14 15.91
N LYS A 17 -5.39 7.92 16.83
CA LYS A 17 -5.15 9.37 16.69
C LYS A 17 -3.66 9.74 16.80
N ALA A 18 -2.79 8.89 16.25
CA ALA A 18 -1.35 9.10 16.26
C ALA A 18 -0.86 9.70 14.92
N HIS A 19 0.42 9.54 14.61
CA HIS A 19 0.98 9.98 13.34
C HIS A 19 2.23 9.19 12.98
N ILE A 20 2.13 8.27 12.00
CA ILE A 20 3.27 7.47 11.53
C ILE A 20 3.30 7.48 10.01
N PRO A 21 4.42 7.87 9.35
CA PRO A 21 4.53 7.84 7.89
C PRO A 21 4.26 6.43 7.34
N ARG A 22 3.23 6.32 6.50
CA ARG A 22 2.81 5.04 5.93
C ARG A 22 2.34 5.24 4.49
N PHE A 23 2.31 4.18 3.72
CA PHE A 23 2.02 4.24 2.30
C PHE A 23 0.98 3.19 1.91
N TYR A 24 0.27 3.44 0.80
CA TYR A 24 -0.71 2.51 0.25
C TYR A 24 -0.74 2.60 -1.30
N TYR A 25 -1.20 1.53 -1.97
CA TYR A 25 -1.33 1.52 -3.42
C TYR A 25 -2.71 2.04 -3.80
N ASN A 26 -2.75 3.04 -4.66
CA ASN A 26 -3.99 3.58 -5.23
C ASN A 26 -4.13 3.13 -6.69
N PRO A 27 -4.92 2.06 -6.97
CA PRO A 27 -5.15 1.60 -8.33
C PRO A 27 -5.95 2.62 -9.16
N ALA A 28 -6.69 3.50 -8.50
CA ALA A 28 -7.43 4.60 -9.14
C ALA A 28 -6.54 5.54 -9.96
N SER A 29 -5.23 5.65 -9.63
CA SER A 29 -4.27 6.43 -10.42
C SER A 29 -3.01 5.63 -10.77
N ASN A 30 -3.01 4.31 -10.57
CA ASN A 30 -1.87 3.42 -10.80
C ASN A 30 -0.56 3.89 -10.12
N LYS A 31 -0.60 4.23 -8.83
CA LYS A 31 0.60 4.72 -8.11
C LYS A 31 0.51 4.49 -6.61
N CYS A 32 1.49 5.02 -5.88
CA CYS A 32 1.59 4.96 -4.43
C CYS A 32 1.13 6.28 -3.80
N LYS A 33 0.74 6.23 -2.53
CA LYS A 33 0.31 7.39 -1.72
C LYS A 33 0.97 7.33 -0.36
N GLU A 34 1.10 8.48 0.28
CA GLU A 34 1.63 8.65 1.63
C GLU A 34 0.47 9.07 2.55
N PHE A 35 0.08 8.19 3.46
CA PHE A 35 -0.97 8.42 4.43
C PHE A 35 -0.40 8.41 5.86
N ILE A 36 -1.11 9.00 6.81
CA ILE A 36 -0.72 9.02 8.21
C ILE A 36 -1.35 7.83 8.94
N TYR A 37 -0.53 6.94 9.45
CA TYR A 37 -0.94 5.80 10.27
C TYR A 37 -1.07 6.15 11.76
N GLY A 38 -2.01 5.48 12.42
CA GLY A 38 -2.25 5.62 13.85
C GLY A 38 -1.46 4.59 14.67
N GLY A 39 -2.12 3.49 15.02
CA GLY A 39 -1.60 2.47 15.92
C GLY A 39 -2.66 1.49 16.45
N CYS A 40 -3.82 1.42 15.80
CA CYS A 40 -4.96 0.64 16.27
C CYS A 40 -5.11 -0.62 15.38
N GLY A 41 -5.91 -0.53 14.33
CA GLY A 41 -6.07 -1.57 13.33
C GLY A 41 -5.27 -1.26 12.06
N GLY A 42 -5.87 -1.53 10.91
CA GLY A 42 -5.31 -1.24 9.60
C GLY A 42 -5.99 -2.11 8.54
N ASN A 43 -5.30 -2.33 7.44
CA ASN A 43 -5.79 -3.13 6.31
C ASN A 43 -4.64 -3.85 5.61
N ALA A 44 -4.95 -4.73 4.66
CA ALA A 44 -3.99 -5.44 3.82
C ALA A 44 -3.22 -4.53 2.84
N ASN A 45 -3.59 -3.24 2.74
CA ASN A 45 -2.93 -2.22 1.93
C ASN A 45 -2.10 -1.28 2.81
N ASN A 46 -1.24 -1.82 3.68
CA ASN A 46 -0.37 -1.07 4.59
C ASN A 46 1.09 -1.25 4.22
N PHE A 47 1.72 -0.21 3.66
CA PHE A 47 3.12 -0.26 3.23
C PHE A 47 3.97 0.73 3.99
N GLU A 48 5.27 0.48 4.06
CA GLU A 48 6.19 1.37 4.75
C GLU A 48 6.56 2.60 3.91
N THR A 49 6.89 2.38 2.63
CA THR A 49 7.26 3.43 1.68
C THR A 49 6.86 3.05 0.25
N ARG A 50 7.09 3.95 -0.71
CA ARG A 50 6.91 3.67 -2.15
C ARG A 50 7.65 2.40 -2.63
N ALA A 51 8.77 2.07 -1.99
CA ALA A 51 9.54 0.86 -2.31
C ALA A 51 8.73 -0.42 -2.02
N GLU A 52 8.22 -0.52 -0.79
CA GLU A 52 7.31 -1.61 -0.41
C GLU A 52 6.03 -1.59 -1.24
N CYS A 53 5.47 -0.41 -1.51
CA CYS A 53 4.31 -0.27 -2.39
C CYS A 53 4.51 -0.86 -3.79
N ARG A 54 5.73 -0.73 -4.34
CA ARG A 54 6.12 -1.34 -5.62
C ARG A 54 6.34 -2.84 -5.49
N HIS A 55 6.77 -3.34 -4.33
CA HIS A 55 7.02 -4.77 -4.13
C HIS A 55 5.75 -5.55 -3.74
N THR A 56 4.74 -4.89 -3.16
CA THR A 56 3.49 -5.51 -2.73
C THR A 56 2.42 -5.51 -3.80
N CYS A 57 2.33 -4.43 -4.58
CA CYS A 57 1.30 -4.29 -5.61
C CYS A 57 1.88 -4.30 -7.02
N VAL A 58 2.50 -3.20 -7.46
CA VAL A 58 3.06 -3.04 -8.81
C VAL A 58 4.47 -3.64 -8.93
N ALA A 59 4.55 -4.94 -8.69
CA ALA A 59 5.79 -5.70 -8.68
C ALA A 59 5.98 -6.49 -9.99
N SER A 60 7.23 -6.69 -10.39
CA SER A 60 7.60 -7.49 -11.57
C SER A 60 9.06 -7.97 -11.48
N ARG A 61 9.26 -9.10 -10.80
CA ARG A 61 10.60 -9.71 -10.68
C ARG A 61 10.98 -10.48 -11.97
N LYS A 62 12.20 -10.99 -12.00
CA LYS A 62 12.68 -11.90 -13.06
C LYS A 62 11.92 -13.23 -13.08
N GLY A 63 12.01 -13.96 -14.19
CA GLY A 63 11.48 -15.32 -14.31
C GLY A 63 12.54 -16.42 -14.12
N GLY A 64 12.08 -17.67 -14.10
CA GLY A 64 12.97 -18.84 -14.03
C GLY A 64 13.95 -18.90 -15.22
N PRO A 65 15.10 -19.60 -15.06
CA PRO A 65 16.11 -19.72 -16.15
C PRO A 65 15.62 -20.48 -17.38
N ARG A 66 14.45 -21.11 -17.29
CA ARG A 66 13.79 -21.85 -18.36
C ARG A 66 12.28 -21.88 -18.07
N ARG A 67 11.46 -22.08 -19.10
CA ARG A 67 10.02 -22.28 -19.02
C ARG A 67 9.63 -23.47 -19.92
N PRO A 68 8.62 -24.28 -19.53
CA PRO A 68 8.06 -25.35 -20.36
C PRO A 68 7.19 -24.73 -21.47
N ASP A 2 -4.64 -9.52 -11.60
CA ASP A 2 -3.21 -9.70 -11.83
C ASP A 2 -2.36 -9.45 -10.57
N ARG A 3 -2.72 -8.46 -9.76
CA ARG A 3 -2.07 -8.12 -8.47
C ARG A 3 -3.05 -8.38 -7.31
N PRO A 4 -2.70 -8.14 -6.04
CA PRO A 4 -3.63 -8.44 -4.96
C PRO A 4 -4.83 -7.50 -4.96
N LYS A 5 -6.02 -8.04 -4.68
CA LYS A 5 -7.27 -7.27 -4.61
C LYS A 5 -7.33 -6.28 -3.44
N PHE A 6 -6.56 -6.51 -2.37
CA PHE A 6 -6.51 -5.58 -1.23
C PHE A 6 -5.92 -4.21 -1.63
N CYS A 7 -5.25 -4.12 -2.79
CA CYS A 7 -4.83 -2.84 -3.36
C CYS A 7 -6.00 -1.89 -3.63
N TYR A 8 -7.18 -2.41 -3.96
CA TYR A 8 -8.36 -1.59 -4.29
C TYR A 8 -9.01 -0.98 -3.05
N LEU A 9 -8.56 -1.36 -1.85
CA LEU A 9 -9.01 -0.80 -0.59
C LEU A 9 -8.26 0.51 -0.34
N PRO A 10 -8.94 1.67 -0.26
CA PRO A 10 -8.35 2.96 0.07
C PRO A 10 -7.43 2.91 1.31
N ASP A 11 -6.60 3.94 1.48
CA ASP A 11 -5.72 4.02 2.63
C ASP A 11 -6.52 3.85 3.93
N ASP A 12 -6.18 2.83 4.72
CA ASP A 12 -6.87 2.47 5.96
C ASP A 12 -5.91 2.56 7.15
N PRO A 13 -5.58 3.79 7.61
CA PRO A 13 -4.81 3.99 8.84
C PRO A 13 -5.44 3.42 10.11
N GLY A 14 -6.70 3.01 10.06
CA GLY A 14 -7.52 2.59 11.17
C GLY A 14 -8.30 3.76 11.78
N VAL A 15 -8.47 3.74 13.10
CA VAL A 15 -9.33 4.69 13.83
C VAL A 15 -8.61 5.45 14.97
N CYS A 16 -7.28 5.27 15.06
CA CYS A 16 -6.47 5.89 16.12
C CYS A 16 -6.09 7.34 15.79
N LYS A 17 -5.95 8.16 16.83
CA LYS A 17 -5.63 9.58 16.71
C LYS A 17 -4.13 9.81 16.94
N ALA A 18 -3.30 9.31 16.03
CA ALA A 18 -1.85 9.46 16.10
C ALA A 18 -1.30 10.01 14.77
N HIS A 19 0.00 9.82 14.50
CA HIS A 19 0.63 10.24 13.26
C HIS A 19 1.87 9.42 12.95
N ILE A 20 1.80 8.50 11.99
CA ILE A 20 2.94 7.68 11.58
C ILE A 20 3.03 7.67 10.05
N PRO A 21 4.17 8.06 9.42
CA PRO A 21 4.32 8.01 7.96
C PRO A 21 4.11 6.57 7.46
N ARG A 22 3.12 6.39 6.60
CA ARG A 22 2.74 5.08 6.03
C ARG A 22 2.36 5.26 4.58
N PHE A 23 2.34 4.18 3.82
CA PHE A 23 2.08 4.20 2.39
C PHE A 23 1.04 3.17 1.99
N TYR A 24 0.36 3.40 0.88
CA TYR A 24 -0.63 2.47 0.31
C TYR A 24 -0.61 2.57 -1.22
N TYR A 25 -1.06 1.53 -1.93
CA TYR A 25 -1.17 1.54 -3.38
C TYR A 25 -2.56 1.97 -3.80
N ASN A 26 -2.65 3.00 -4.65
CA ASN A 26 -3.89 3.45 -5.24
C ASN A 26 -4.02 2.94 -6.70
N PRO A 27 -4.68 1.79 -6.94
CA PRO A 27 -4.93 1.27 -8.27
C PRO A 27 -5.82 2.20 -9.10
N ALA A 28 -6.65 3.05 -8.47
CA ALA A 28 -7.49 4.03 -9.16
C ALA A 28 -6.66 5.12 -9.87
N SER A 29 -5.34 5.14 -9.70
CA SER A 29 -4.44 6.03 -10.44
C SER A 29 -3.07 5.37 -10.74
N ASN A 30 -2.93 4.06 -10.54
CA ASN A 30 -1.66 3.33 -10.67
C ASN A 30 -0.47 3.99 -9.94
N LYS A 31 -0.68 4.53 -8.73
CA LYS A 31 0.36 5.26 -7.98
C LYS A 31 0.20 5.08 -6.49
N CYS A 32 1.30 5.16 -5.75
CA CYS A 32 1.28 5.11 -4.29
C CYS A 32 1.20 6.51 -3.70
N LYS A 33 0.70 6.61 -2.46
CA LYS A 33 0.73 7.87 -1.66
C LYS A 33 1.26 7.59 -0.26
N GLU A 34 1.62 8.66 0.44
CA GLU A 34 1.96 8.63 1.86
C GLU A 34 0.74 9.07 2.68
N PHE A 35 0.14 8.17 3.46
CA PHE A 35 -0.96 8.47 4.36
C PHE A 35 -0.46 8.49 5.81
N ILE A 36 -1.22 9.14 6.69
CA ILE A 36 -0.91 9.18 8.12
C ILE A 36 -1.56 8.01 8.83
N TYR A 37 -0.76 7.11 9.38
CA TYR A 37 -1.21 5.96 10.16
C TYR A 37 -1.40 6.31 11.64
N GLY A 38 -2.38 5.67 12.26
CA GLY A 38 -2.72 5.81 13.67
C GLY A 38 -1.99 4.77 14.54
N GLY A 39 -2.60 3.60 14.69
CA GLY A 39 -2.17 2.58 15.65
C GLY A 39 -3.28 1.65 16.18
N CYS A 40 -4.50 1.75 15.63
CA CYS A 40 -5.64 0.97 16.10
C CYS A 40 -5.85 -0.28 15.24
N GLY A 41 -6.09 -0.07 13.95
CA GLY A 41 -6.33 -1.14 12.97
C GLY A 41 -5.59 -0.83 11.68
N GLY A 42 -5.93 -1.56 10.64
CA GLY A 42 -5.40 -1.36 9.29
C GLY A 42 -5.77 -2.51 8.37
N ASN A 43 -5.64 -2.29 7.07
CA ASN A 43 -5.86 -3.31 6.05
C ASN A 43 -4.54 -3.89 5.52
N ALA A 44 -4.62 -4.90 4.65
CA ALA A 44 -3.45 -5.47 3.96
C ALA A 44 -2.81 -4.53 2.91
N ASN A 45 -3.30 -3.29 2.78
CA ASN A 45 -2.73 -2.27 1.90
C ASN A 45 -1.79 -1.32 2.67
N ASN A 46 -1.39 -1.70 3.89
CA ASN A 46 -0.47 -0.95 4.74
C ASN A 46 0.98 -1.22 4.34
N PHE A 47 1.67 -0.20 3.81
CA PHE A 47 3.07 -0.30 3.42
C PHE A 47 3.94 0.67 4.19
N GLU A 48 5.22 0.33 4.32
CA GLU A 48 6.19 1.15 5.05
C GLU A 48 6.69 2.32 4.18
N THR A 49 6.95 2.05 2.89
CA THR A 49 7.42 3.06 1.92
C THR A 49 7.03 2.69 0.49
N ARG A 50 7.28 3.62 -0.46
CA ARG A 50 7.13 3.38 -1.89
C ARG A 50 7.87 2.14 -2.41
N ALA A 51 8.98 1.75 -1.77
CA ALA A 51 9.75 0.56 -2.16
C ALA A 51 8.89 -0.71 -2.04
N GLU A 52 8.25 -0.87 -0.88
CA GLU A 52 7.30 -1.94 -0.65
C GLU A 52 6.03 -1.77 -1.47
N CYS A 53 5.49 -0.55 -1.60
CA CYS A 53 4.28 -0.32 -2.41
C CYS A 53 4.39 -0.85 -3.84
N ARG A 54 5.61 -0.81 -4.40
CA ARG A 54 5.96 -1.41 -5.68
C ARG A 54 6.06 -2.92 -5.58
N HIS A 55 6.77 -3.45 -4.58
CA HIS A 55 6.92 -4.91 -4.39
C HIS A 55 5.60 -5.62 -4.05
N THR A 56 4.59 -4.90 -3.56
CA THR A 56 3.27 -5.46 -3.23
C THR A 56 2.36 -5.57 -4.45
N CYS A 57 2.03 -4.44 -5.09
CA CYS A 57 1.12 -4.42 -6.22
C CYS A 57 1.87 -4.38 -7.56
N VAL A 58 2.81 -3.44 -7.73
CA VAL A 58 3.53 -3.22 -9.00
C VAL A 58 4.79 -4.12 -9.11
N ALA A 59 4.62 -5.41 -8.83
CA ALA A 59 5.69 -6.41 -8.89
C ALA A 59 5.64 -7.18 -10.22
N SER A 60 6.81 -7.47 -10.81
CA SER A 60 6.90 -8.27 -12.05
C SER A 60 5.94 -7.79 -13.16
N ARG A 61 6.13 -6.55 -13.63
CA ARG A 61 5.26 -5.91 -14.63
C ARG A 61 5.98 -5.73 -15.96
N LYS A 62 6.13 -6.84 -16.70
CA LYS A 62 6.82 -6.90 -18.01
C LYS A 62 8.28 -6.39 -17.87
N GLY A 63 8.96 -6.15 -18.99
CA GLY A 63 10.30 -5.58 -19.01
C GLY A 63 10.27 -4.06 -18.83
N GLY A 64 10.26 -3.31 -19.95
CA GLY A 64 10.27 -1.85 -19.95
C GLY A 64 8.86 -1.22 -19.95
N PRO A 65 8.69 0.02 -19.43
CA PRO A 65 7.40 0.74 -19.46
C PRO A 65 6.98 1.24 -20.86
N ARG A 66 7.72 0.86 -21.90
CA ARG A 66 7.56 1.33 -23.29
C ARG A 66 7.33 0.18 -24.28
N ARG A 67 6.98 -1.01 -23.77
CA ARG A 67 6.84 -2.28 -24.53
C ARG A 67 8.17 -2.63 -25.26
N PRO A 68 9.06 -3.42 -24.60
CA PRO A 68 10.29 -3.88 -25.24
C PRO A 68 10.00 -4.84 -26.39
N ASP A 2 -3.42 -8.15 -12.56
CA ASP A 2 -2.11 -8.71 -12.15
C ASP A 2 -1.68 -8.26 -10.75
N ARG A 3 -2.22 -7.13 -10.29
CA ARG A 3 -1.97 -6.55 -8.98
C ARG A 3 -2.95 -7.14 -7.97
N PRO A 4 -2.59 -7.28 -6.68
CA PRO A 4 -3.49 -7.80 -5.66
C PRO A 4 -4.78 -6.99 -5.54
N LYS A 5 -5.87 -7.69 -5.22
CA LYS A 5 -7.20 -7.10 -5.06
C LYS A 5 -7.31 -6.20 -3.83
N PHE A 6 -6.56 -6.52 -2.77
CA PHE A 6 -6.54 -5.67 -1.58
C PHE A 6 -5.93 -4.29 -1.87
N CYS A 7 -5.16 -4.12 -2.97
CA CYS A 7 -4.65 -2.79 -3.36
C CYS A 7 -5.78 -1.81 -3.70
N TYR A 8 -7.00 -2.30 -3.93
CA TYR A 8 -8.17 -1.47 -4.26
C TYR A 8 -8.90 -0.98 -2.99
N LEU A 9 -8.27 -1.12 -1.81
CA LEU A 9 -8.85 -0.71 -0.54
C LEU A 9 -8.22 0.62 -0.11
N PRO A 10 -8.99 1.75 -0.07
CA PRO A 10 -8.50 3.04 0.38
C PRO A 10 -7.64 2.96 1.64
N ASP A 11 -6.72 3.91 1.81
CA ASP A 11 -5.81 3.90 2.96
C ASP A 11 -6.58 3.71 4.25
N ASP A 12 -6.19 2.68 5.01
CA ASP A 12 -6.82 2.32 6.28
C ASP A 12 -5.80 2.50 7.41
N PRO A 13 -5.54 3.75 7.84
CA PRO A 13 -4.75 4.03 9.04
C PRO A 13 -5.28 3.38 10.32
N GLY A 14 -6.50 2.86 10.28
CA GLY A 14 -7.21 2.27 11.39
C GLY A 14 -8.12 3.28 12.10
N VAL A 15 -8.73 2.84 13.21
CA VAL A 15 -9.66 3.66 13.99
C VAL A 15 -8.98 4.82 14.75
N CYS A 16 -7.69 4.64 15.04
CA CYS A 16 -6.84 5.63 15.68
C CYS A 16 -6.26 6.61 14.64
N LYS A 17 -5.79 7.76 15.13
CA LYS A 17 -5.34 8.87 14.28
C LYS A 17 -3.84 9.02 14.35
N ALA A 18 -3.32 9.28 15.57
CA ALA A 18 -1.92 9.49 15.91
C ALA A 18 -1.14 10.19 14.77
N HIS A 19 0.11 9.76 14.49
CA HIS A 19 0.82 10.18 13.29
C HIS A 19 2.03 9.28 12.98
N ILE A 20 1.91 8.35 12.05
CA ILE A 20 3.02 7.49 11.61
C ILE A 20 3.12 7.52 10.07
N PRO A 21 4.27 7.89 9.47
CA PRO A 21 4.45 7.85 8.02
C PRO A 21 4.20 6.44 7.47
N ARG A 22 3.21 6.30 6.60
CA ARG A 22 2.74 5.02 6.07
C ARG A 22 2.38 5.19 4.59
N PHE A 23 2.33 4.11 3.85
CA PHE A 23 2.09 4.17 2.40
C PHE A 23 1.00 3.16 2.01
N TYR A 24 0.30 3.45 0.92
CA TYR A 24 -0.73 2.56 0.38
C TYR A 24 -0.75 2.71 -1.16
N TYR A 25 -1.21 1.67 -1.86
CA TYR A 25 -1.35 1.71 -3.32
C TYR A 25 -2.71 2.28 -3.69
N ASN A 26 -2.77 3.21 -4.62
CA ASN A 26 -4.03 3.75 -5.13
C ASN A 26 -4.21 3.37 -6.63
N PRO A 27 -4.85 2.22 -6.93
CA PRO A 27 -5.08 1.74 -8.29
C PRO A 27 -5.89 2.72 -9.13
N ALA A 28 -6.76 3.52 -8.51
CA ALA A 28 -7.56 4.56 -9.18
C ALA A 28 -6.72 5.52 -10.02
N SER A 29 -5.44 5.69 -9.71
CA SER A 29 -4.48 6.45 -10.51
C SER A 29 -3.20 5.67 -10.81
N ASN A 30 -3.24 4.34 -10.66
CA ASN A 30 -2.10 3.43 -10.88
C ASN A 30 -0.81 3.85 -10.15
N LYS A 31 -0.90 4.36 -8.92
CA LYS A 31 0.29 4.77 -8.16
C LYS A 31 0.08 4.77 -6.64
N CYS A 32 1.15 4.72 -5.88
CA CYS A 32 1.10 4.79 -4.42
C CYS A 32 0.99 6.23 -3.89
N LYS A 33 0.65 6.38 -2.61
CA LYS A 33 0.78 7.65 -1.89
C LYS A 33 1.29 7.42 -0.46
N GLU A 34 1.57 8.51 0.22
CA GLU A 34 1.87 8.53 1.66
C GLU A 34 0.61 8.96 2.42
N PHE A 35 0.24 8.21 3.46
CA PHE A 35 -0.86 8.52 4.38
C PHE A 35 -0.34 8.48 5.82
N ILE A 36 -1.08 9.11 6.73
CA ILE A 36 -0.74 9.12 8.15
C ILE A 36 -1.45 7.96 8.85
N TYR A 37 -0.68 7.04 9.43
CA TYR A 37 -1.17 5.92 10.20
C TYR A 37 -1.29 6.24 11.70
N GLY A 38 -2.29 5.62 12.35
CA GLY A 38 -2.54 5.79 13.77
C GLY A 38 -1.79 4.81 14.64
N GLY A 39 -2.36 3.62 14.78
CA GLY A 39 -1.88 2.63 15.75
C GLY A 39 -2.94 1.62 16.21
N CYS A 40 -4.11 1.55 15.56
CA CYS A 40 -5.22 0.71 16.01
C CYS A 40 -6.00 0.18 14.80
N GLY A 41 -5.74 -1.05 14.39
CA GLY A 41 -6.35 -1.66 13.20
C GLY A 41 -5.43 -1.61 11.98
N GLY A 42 -6.00 -1.43 10.80
CA GLY A 42 -5.30 -1.48 9.52
C GLY A 42 -5.90 -2.50 8.57
N ASN A 43 -5.22 -2.73 7.44
CA ASN A 43 -5.67 -3.64 6.40
C ASN A 43 -4.50 -4.27 5.64
N ALA A 44 -4.78 -5.09 4.61
CA ALA A 44 -3.73 -5.63 3.74
C ALA A 44 -3.15 -4.60 2.74
N ASN A 45 -3.77 -3.43 2.58
CA ASN A 45 -3.28 -2.35 1.73
C ASN A 45 -2.26 -1.45 2.45
N ASN A 46 -1.88 -1.78 3.68
CA ASN A 46 -0.88 -1.06 4.44
C ASN A 46 0.54 -1.37 3.97
N PHE A 47 1.36 -0.34 3.75
CA PHE A 47 2.79 -0.46 3.43
C PHE A 47 3.61 0.48 4.32
N GLU A 48 4.93 0.47 4.13
CA GLU A 48 5.85 1.31 4.90
C GLU A 48 6.53 2.40 4.08
N THR A 49 6.79 2.15 2.78
CA THR A 49 7.44 3.10 1.85
C THR A 49 7.05 2.84 0.40
N ARG A 50 7.46 3.75 -0.50
CA ARG A 50 7.32 3.56 -1.95
C ARG A 50 8.00 2.28 -2.48
N ALA A 51 9.05 1.80 -1.83
CA ALA A 51 9.74 0.57 -2.21
C ALA A 51 8.85 -0.66 -2.00
N GLU A 52 8.23 -0.76 -0.82
CA GLU A 52 7.27 -1.81 -0.54
C GLU A 52 5.99 -1.64 -1.37
N CYS A 53 5.54 -0.40 -1.61
CA CYS A 53 4.29 -0.18 -2.35
C CYS A 53 4.32 -0.79 -3.76
N ARG A 54 5.46 -0.73 -4.45
CA ARG A 54 5.66 -1.38 -5.75
C ARG A 54 5.92 -2.86 -5.59
N HIS A 55 6.63 -3.30 -4.55
CA HIS A 55 6.94 -4.72 -4.34
C HIS A 55 5.73 -5.54 -3.84
N THR A 56 4.71 -4.87 -3.31
CA THR A 56 3.47 -5.49 -2.84
C THR A 56 2.37 -5.44 -3.90
N CYS A 57 2.34 -4.38 -4.72
CA CYS A 57 1.34 -4.25 -5.77
C CYS A 57 1.89 -4.56 -7.17
N VAL A 58 2.81 -3.72 -7.67
CA VAL A 58 3.40 -3.81 -9.03
C VAL A 58 4.60 -4.76 -9.04
N ALA A 59 4.35 -6.02 -8.69
CA ALA A 59 5.37 -7.06 -8.64
C ALA A 59 4.78 -8.46 -8.77
N SER A 60 5.57 -9.40 -9.29
CA SER A 60 5.23 -10.82 -9.41
C SER A 60 5.51 -11.61 -8.13
N ARG A 61 4.92 -11.15 -7.01
CA ARG A 61 5.02 -11.87 -5.72
C ARG A 61 4.13 -13.12 -5.74
N LYS A 62 4.62 -14.18 -5.08
CA LYS A 62 3.91 -15.47 -4.88
C LYS A 62 3.78 -15.78 -3.39
N GLY A 63 3.27 -16.98 -3.07
CA GLY A 63 3.23 -17.51 -1.71
C GLY A 63 4.63 -17.87 -1.18
N GLY A 64 4.78 -19.05 -0.58
CA GLY A 64 6.05 -19.51 -0.01
C GLY A 64 5.80 -20.38 1.21
N PRO A 65 6.25 -19.99 2.43
CA PRO A 65 6.01 -20.74 3.65
C PRO A 65 4.52 -20.97 3.90
N ARG A 66 4.18 -22.08 4.57
CA ARG A 66 2.79 -22.45 4.90
C ARG A 66 2.75 -23.16 6.24
N ARG A 67 1.86 -22.72 7.13
CA ARG A 67 1.70 -23.23 8.49
C ARG A 67 3.05 -23.22 9.25
N PRO A 68 3.46 -22.05 9.76
CA PRO A 68 4.68 -21.89 10.57
C PRO A 68 4.62 -22.76 11.82
N ASP A 2 -3.64 -8.19 -12.16
CA ASP A 2 -2.53 -9.15 -12.00
C ASP A 2 -1.83 -9.05 -10.62
N ARG A 3 -2.28 -8.10 -9.80
CA ARG A 3 -1.71 -7.72 -8.49
C ARG A 3 -2.74 -8.02 -7.41
N PRO A 4 -2.47 -7.80 -6.10
CA PRO A 4 -3.45 -8.14 -5.08
C PRO A 4 -4.67 -7.22 -5.13
N LYS A 5 -5.86 -7.79 -4.85
CA LYS A 5 -7.11 -7.02 -4.81
C LYS A 5 -7.24 -6.09 -3.63
N PHE A 6 -6.54 -6.36 -2.52
CA PHE A 6 -6.56 -5.48 -1.34
C PHE A 6 -5.96 -4.10 -1.66
N CYS A 7 -5.20 -3.98 -2.75
CA CYS A 7 -4.73 -2.68 -3.26
C CYS A 7 -5.89 -1.74 -3.64
N TYR A 8 -7.08 -2.26 -3.96
CA TYR A 8 -8.25 -1.46 -4.33
C TYR A 8 -8.95 -0.87 -3.11
N LEU A 9 -8.57 -1.28 -1.91
CA LEU A 9 -9.10 -0.73 -0.67
C LEU A 9 -8.40 0.61 -0.40
N PRO A 10 -9.13 1.74 -0.29
CA PRO A 10 -8.55 3.05 0.05
C PRO A 10 -7.69 3.01 1.30
N ASP A 11 -6.84 4.02 1.49
CA ASP A 11 -5.97 4.08 2.66
C ASP A 11 -6.82 4.00 3.93
N ASP A 12 -6.42 3.09 4.83
CA ASP A 12 -7.12 2.86 6.10
C ASP A 12 -6.12 3.02 7.25
N PRO A 13 -5.73 4.26 7.59
CA PRO A 13 -4.93 4.53 8.81
C PRO A 13 -5.60 4.11 10.12
N GLY A 14 -6.88 3.75 10.06
CA GLY A 14 -7.72 3.40 11.19
C GLY A 14 -8.41 4.61 11.80
N VAL A 15 -8.47 4.65 13.13
CA VAL A 15 -9.22 5.68 13.90
C VAL A 15 -8.38 6.36 14.97
N CYS A 16 -7.30 5.74 15.42
CA CYS A 16 -6.40 6.32 16.44
C CYS A 16 -5.73 7.63 15.97
N LYS A 17 -5.44 8.52 16.91
CA LYS A 17 -4.87 9.84 16.64
C LYS A 17 -3.39 9.88 17.00
N ALA A 18 -2.57 9.22 16.21
CA ALA A 18 -1.11 9.23 16.38
C ALA A 18 -0.42 9.77 15.12
N HIS A 19 0.78 9.28 14.80
CA HIS A 19 1.52 9.78 13.63
C HIS A 19 2.59 8.80 13.16
N ILE A 20 2.28 7.93 12.19
CA ILE A 20 3.22 6.98 11.62
C ILE A 20 3.25 7.11 10.08
N PRO A 21 4.37 7.50 9.44
CA PRO A 21 4.48 7.55 7.99
C PRO A 21 4.16 6.19 7.38
N ARG A 22 3.12 6.13 6.56
CA ARG A 22 2.65 4.90 5.91
C ARG A 22 2.26 5.19 4.46
N PHE A 23 2.19 4.12 3.68
CA PHE A 23 1.92 4.22 2.25
C PHE A 23 0.87 3.19 1.84
N TYR A 24 0.18 3.44 0.74
CA TYR A 24 -0.83 2.52 0.21
C TYR A 24 -0.80 2.58 -1.34
N TYR A 25 -1.21 1.51 -2.02
CA TYR A 25 -1.32 1.51 -3.48
C TYR A 25 -2.68 2.05 -3.88
N ASN A 26 -2.69 3.04 -4.76
CA ASN A 26 -3.93 3.60 -5.29
C ASN A 26 -4.11 3.16 -6.76
N PRO A 27 -4.85 2.07 -7.04
CA PRO A 27 -5.05 1.57 -8.41
C PRO A 27 -5.78 2.59 -9.27
N ALA A 28 -6.54 3.52 -8.68
CA ALA A 28 -7.22 4.60 -9.38
C ALA A 28 -6.31 5.45 -10.29
N SER A 29 -5.08 5.75 -9.85
CA SER A 29 -4.08 6.48 -10.64
C SER A 29 -2.87 5.60 -10.92
N ASN A 30 -2.98 4.28 -10.65
CA ASN A 30 -1.93 3.28 -10.83
C ASN A 30 -0.58 3.70 -10.19
N LYS A 31 -0.62 4.23 -8.96
CA LYS A 31 0.57 4.74 -8.26
C LYS A 31 0.50 4.45 -6.75
N CYS A 32 1.41 5.06 -6.00
CA CYS A 32 1.47 4.99 -4.55
C CYS A 32 1.03 6.31 -3.92
N LYS A 33 0.63 6.25 -2.66
CA LYS A 33 0.21 7.38 -1.83
C LYS A 33 0.88 7.33 -0.46
N GLU A 34 1.03 8.49 0.15
CA GLU A 34 1.60 8.68 1.49
C GLU A 34 0.47 9.12 2.42
N PHE A 35 0.16 8.29 3.44
CA PHE A 35 -0.87 8.56 4.44
C PHE A 35 -0.25 8.43 5.84
N ILE A 36 -0.83 9.12 6.83
CA ILE A 36 -0.40 8.99 8.22
C ILE A 36 -1.28 7.99 8.95
N TYR A 37 -0.65 6.97 9.51
CA TYR A 37 -1.29 5.98 10.35
C TYR A 37 -1.31 6.39 11.82
N GLY A 38 -2.39 5.97 12.52
CA GLY A 38 -2.54 6.17 13.95
C GLY A 38 -1.90 5.05 14.77
N GLY A 39 -2.74 4.13 15.22
CA GLY A 39 -2.37 3.07 16.16
C GLY A 39 -3.39 1.92 16.24
N CYS A 40 -4.60 2.12 15.70
CA CYS A 40 -5.67 1.14 15.74
C CYS A 40 -6.56 1.30 14.49
N GLY A 41 -6.82 0.17 13.82
CA GLY A 41 -7.51 0.10 12.53
C GLY A 41 -6.52 0.10 11.36
N GLY A 42 -6.72 -0.80 10.40
CA GLY A 42 -5.84 -0.97 9.26
C GLY A 42 -6.28 -2.14 8.37
N ASN A 43 -5.75 -2.16 7.15
CA ASN A 43 -6.03 -3.20 6.15
C ASN A 43 -4.74 -3.80 5.57
N ALA A 44 -4.87 -4.82 4.72
CA ALA A 44 -3.73 -5.42 4.01
C ALA A 44 -3.02 -4.45 3.02
N ASN A 45 -3.55 -3.24 2.82
CA ASN A 45 -2.96 -2.19 2.00
C ASN A 45 -2.07 -1.22 2.83
N ASN A 46 -1.70 -1.61 4.04
CA ASN A 46 -0.82 -0.83 4.92
C ASN A 46 0.68 -1.05 4.59
N PHE A 47 1.24 -0.30 3.66
CA PHE A 47 2.67 -0.33 3.36
C PHE A 47 3.44 0.69 4.20
N GLU A 48 4.76 0.76 4.03
CA GLU A 48 5.64 1.66 4.76
C GLU A 48 6.22 2.77 3.89
N THR A 49 6.54 2.49 2.63
CA THR A 49 7.09 3.45 1.67
C THR A 49 6.74 3.06 0.24
N ARG A 50 7.01 3.97 -0.72
CA ARG A 50 6.87 3.69 -2.16
C ARG A 50 7.67 2.44 -2.61
N ALA A 51 8.74 2.10 -1.91
CA ALA A 51 9.56 0.92 -2.21
C ALA A 51 8.76 -0.37 -1.96
N GLU A 52 8.15 -0.50 -0.79
CA GLU A 52 7.24 -1.61 -0.47
C GLU A 52 6.00 -1.58 -1.35
N CYS A 53 5.38 -0.40 -1.55
CA CYS A 53 4.23 -0.24 -2.43
C CYS A 53 4.45 -0.85 -3.83
N ARG A 54 5.69 -0.85 -4.32
CA ARG A 54 6.08 -1.56 -5.53
C ARG A 54 6.13 -3.06 -5.31
N HIS A 55 6.89 -3.55 -4.33
CA HIS A 55 7.04 -4.99 -4.08
C HIS A 55 5.73 -5.69 -3.68
N THR A 56 4.75 -4.93 -3.16
CA THR A 56 3.46 -5.43 -2.69
C THR A 56 2.32 -5.17 -3.69
N CYS A 57 2.54 -4.42 -4.77
CA CYS A 57 1.50 -4.19 -5.79
C CYS A 57 1.99 -3.86 -7.20
N VAL A 58 3.08 -3.11 -7.36
CA VAL A 58 3.63 -2.71 -8.67
C VAL A 58 5.15 -2.94 -8.80
N ALA A 59 5.56 -4.18 -9.08
CA ALA A 59 6.97 -4.55 -9.25
C ALA A 59 7.22 -5.28 -10.57
N SER A 60 8.29 -4.86 -11.27
CA SER A 60 8.76 -5.48 -12.51
C SER A 60 10.22 -5.98 -12.41
N ARG A 61 10.83 -5.91 -11.21
CA ARG A 61 12.24 -6.30 -10.98
C ARG A 61 12.35 -7.25 -9.80
N LYS A 62 12.62 -8.52 -10.09
CA LYS A 62 12.79 -9.61 -9.10
C LYS A 62 14.08 -10.41 -9.27
N GLY A 63 15.01 -9.93 -10.08
CA GLY A 63 16.32 -10.58 -10.31
C GLY A 63 17.52 -9.84 -9.72
N GLY A 64 17.29 -8.71 -9.02
CA GLY A 64 18.37 -7.87 -8.49
C GLY A 64 18.10 -6.37 -8.69
N PRO A 65 17.62 -5.65 -7.66
CA PRO A 65 17.48 -4.19 -7.73
C PRO A 65 18.85 -3.51 -7.78
N ARG A 66 19.18 -2.91 -8.93
CA ARG A 66 20.45 -2.19 -9.15
C ARG A 66 20.38 -0.71 -8.76
N ARG A 67 19.18 -0.12 -8.89
CA ARG A 67 18.91 1.28 -8.55
C ARG A 67 18.32 1.33 -7.12
N PRO A 68 18.49 2.46 -6.39
CA PRO A 68 17.86 2.67 -5.09
C PRO A 68 16.33 2.53 -5.15
N ASP A 2 -2.88 -7.24 -12.45
CA ASP A 2 -2.73 -8.64 -11.97
C ASP A 2 -2.04 -8.75 -10.59
N ARG A 3 -2.38 -7.83 -9.70
CA ARG A 3 -1.76 -7.63 -8.36
C ARG A 3 -2.83 -7.99 -7.30
N PRO A 4 -2.57 -7.82 -5.98
CA PRO A 4 -3.57 -8.23 -5.00
C PRO A 4 -4.78 -7.30 -5.00
N LYS A 5 -5.97 -7.83 -4.73
CA LYS A 5 -7.22 -7.04 -4.68
C LYS A 5 -7.27 -6.06 -3.50
N PHE A 6 -6.55 -6.35 -2.41
CA PHE A 6 -6.53 -5.42 -1.26
C PHE A 6 -5.86 -4.08 -1.64
N CYS A 7 -5.11 -4.05 -2.76
CA CYS A 7 -4.62 -2.80 -3.34
C CYS A 7 -5.74 -1.81 -3.70
N TYR A 8 -6.98 -2.27 -3.84
CA TYR A 8 -8.12 -1.41 -4.13
C TYR A 8 -8.75 -0.79 -2.89
N LEU A 9 -8.46 -1.34 -1.70
CA LEU A 9 -8.96 -0.80 -0.44
C LEU A 9 -8.27 0.55 -0.20
N PRO A 10 -9.01 1.67 -0.10
CA PRO A 10 -8.46 2.99 0.19
C PRO A 10 -7.57 2.97 1.44
N ASP A 11 -6.70 3.97 1.59
CA ASP A 11 -5.83 4.05 2.76
C ASP A 11 -6.67 3.94 4.04
N ASP A 12 -6.30 2.99 4.90
CA ASP A 12 -7.03 2.71 6.13
C ASP A 12 -6.06 2.84 7.31
N PRO A 13 -5.72 4.06 7.73
CA PRO A 13 -4.95 4.29 8.95
C PRO A 13 -5.61 3.78 10.24
N GLY A 14 -6.90 3.43 10.18
CA GLY A 14 -7.72 3.02 11.30
C GLY A 14 -8.51 4.19 11.89
N VAL A 15 -8.74 4.15 13.21
CA VAL A 15 -9.59 5.12 13.92
C VAL A 15 -8.83 6.02 14.90
N CYS A 16 -7.69 5.55 15.42
CA CYS A 16 -6.89 6.31 16.37
C CYS A 16 -6.14 7.46 15.69
N LYS A 17 -5.97 8.57 16.41
CA LYS A 17 -5.34 9.79 15.91
C LYS A 17 -3.93 9.89 16.47
N ALA A 18 -2.97 9.29 15.76
CA ALA A 18 -1.56 9.37 16.11
C ALA A 18 -0.76 9.89 14.91
N HIS A 19 0.48 9.42 14.69
CA HIS A 19 1.31 9.86 13.58
C HIS A 19 2.38 8.84 13.18
N ILE A 20 2.10 7.98 12.21
CA ILE A 20 3.07 6.98 11.71
C ILE A 20 3.12 7.07 10.17
N PRO A 21 4.27 7.44 9.56
CA PRO A 21 4.41 7.48 8.10
C PRO A 21 4.09 6.15 7.43
N ARG A 22 3.07 6.12 6.58
CA ARG A 22 2.69 4.95 5.78
C ARG A 22 2.42 5.33 4.34
N PHE A 23 2.31 4.31 3.52
CA PHE A 23 2.02 4.41 2.10
C PHE A 23 0.95 3.37 1.75
N TYR A 24 0.19 3.61 0.68
CA TYR A 24 -0.81 2.67 0.20
C TYR A 24 -0.87 2.71 -1.33
N TYR A 25 -1.34 1.62 -1.96
CA TYR A 25 -1.49 1.58 -3.41
C TYR A 25 -2.83 2.17 -3.81
N ASN A 26 -2.81 3.13 -4.75
CA ASN A 26 -4.01 3.74 -5.31
C ASN A 26 -4.19 3.29 -6.78
N PRO A 27 -5.05 2.29 -7.05
CA PRO A 27 -5.29 1.83 -8.43
C PRO A 27 -5.85 2.93 -9.32
N ALA A 28 -6.67 3.82 -8.76
CA ALA A 28 -7.30 4.92 -9.51
C ALA A 28 -6.30 5.73 -10.35
N SER A 29 -5.16 6.11 -9.76
CA SER A 29 -4.07 6.80 -10.48
C SER A 29 -2.95 5.84 -10.92
N ASN A 30 -3.07 4.54 -10.62
CA ASN A 30 -2.00 3.53 -10.80
C ASN A 30 -0.70 3.91 -10.05
N LYS A 31 -0.79 4.65 -8.95
CA LYS A 31 0.37 5.16 -8.18
C LYS A 31 0.21 4.87 -6.70
N CYS A 32 1.25 5.14 -5.92
CA CYS A 32 1.24 4.98 -4.47
C CYS A 32 1.32 6.37 -3.81
N LYS A 33 0.43 6.63 -2.84
CA LYS A 33 0.45 7.85 -2.03
C LYS A 33 0.92 7.54 -0.61
N GLU A 34 1.30 8.58 0.12
CA GLU A 34 1.60 8.51 1.55
C GLU A 34 0.35 8.87 2.37
N PHE A 35 0.12 8.13 3.44
CA PHE A 35 -0.93 8.38 4.42
C PHE A 35 -0.35 8.30 5.83
N ILE A 36 -0.95 8.98 6.79
CA ILE A 36 -0.53 8.89 8.19
C ILE A 36 -1.37 7.88 8.95
N TYR A 37 -0.71 6.89 9.53
CA TYR A 37 -1.31 5.85 10.36
C TYR A 37 -1.40 6.27 11.82
N GLY A 38 -2.46 5.79 12.48
CA GLY A 38 -2.71 6.02 13.90
C GLY A 38 -2.05 4.93 14.78
N GLY A 39 -2.87 3.96 15.16
CA GLY A 39 -2.48 2.91 16.11
C GLY A 39 -3.59 1.92 16.43
N CYS A 40 -4.75 2.01 15.76
CA CYS A 40 -5.94 1.23 16.09
C CYS A 40 -6.73 0.94 14.80
N GLY A 41 -6.53 -0.25 14.23
CA GLY A 41 -7.12 -0.65 12.94
C GLY A 41 -6.17 -0.44 11.76
N GLY A 42 -6.45 -1.13 10.67
CA GLY A 42 -5.69 -1.07 9.43
C GLY A 42 -6.11 -2.13 8.42
N ASN A 43 -5.59 -2.03 7.20
CA ASN A 43 -5.86 -2.97 6.12
C ASN A 43 -4.58 -3.65 5.61
N ALA A 44 -4.73 -4.63 4.72
CA ALA A 44 -3.60 -5.31 4.05
C ALA A 44 -2.88 -4.44 3.00
N ASN A 45 -3.29 -3.17 2.84
CA ASN A 45 -2.71 -2.23 1.90
C ASN A 45 -1.74 -1.24 2.61
N ASN A 46 -1.36 -1.57 3.85
CA ASN A 46 -0.44 -0.80 4.68
C ASN A 46 1.01 -1.02 4.21
N PHE A 47 1.65 0.03 3.72
CA PHE A 47 3.04 -0.03 3.26
C PHE A 47 3.97 0.91 4.04
N GLU A 48 5.25 0.62 4.02
CA GLU A 48 6.32 1.43 4.59
C GLU A 48 6.67 2.64 3.71
N THR A 49 6.93 2.41 2.42
CA THR A 49 7.33 3.44 1.46
C THR A 49 6.89 3.11 0.04
N ARG A 50 7.11 4.02 -0.91
CA ARG A 50 6.95 3.76 -2.36
C ARG A 50 7.75 2.55 -2.85
N ALA A 51 8.80 2.12 -2.14
CA ALA A 51 9.56 0.93 -2.50
C ALA A 51 8.82 -0.37 -2.13
N GLU A 52 8.18 -0.40 -0.96
CA GLU A 52 7.33 -1.52 -0.55
C GLU A 52 6.06 -1.57 -1.38
N CYS A 53 5.42 -0.43 -1.65
CA CYS A 53 4.21 -0.38 -2.50
C CYS A 53 4.40 -1.07 -3.87
N ARG A 54 5.65 -1.10 -4.36
CA ARG A 54 6.04 -1.86 -5.54
C ARG A 54 6.06 -3.36 -5.23
N HIS A 55 6.85 -3.80 -4.25
CA HIS A 55 6.97 -5.21 -3.91
C HIS A 55 5.64 -5.85 -3.49
N THR A 56 4.68 -5.04 -3.01
CA THR A 56 3.35 -5.47 -2.60
C THR A 56 2.30 -5.31 -3.71
N CYS A 57 2.55 -4.45 -4.71
CA CYS A 57 1.60 -4.23 -5.81
C CYS A 57 2.31 -3.96 -7.16
N VAL A 58 3.14 -2.92 -7.27
CA VAL A 58 3.84 -2.54 -8.52
C VAL A 58 5.18 -3.28 -8.73
N ALA A 59 5.16 -4.61 -8.72
CA ALA A 59 6.31 -5.47 -8.98
C ALA A 59 5.92 -6.91 -9.28
N SER A 60 6.87 -7.68 -9.82
CA SER A 60 6.74 -9.13 -10.07
C SER A 60 7.99 -9.92 -9.63
N ARG A 61 8.84 -9.34 -8.76
CA ARG A 61 10.14 -9.91 -8.34
C ARG A 61 10.13 -10.38 -6.88
N LYS A 62 9.25 -11.33 -6.59
CA LYS A 62 9.11 -11.98 -5.28
C LYS A 62 9.77 -13.36 -5.26
N GLY A 63 10.19 -13.81 -4.09
CA GLY A 63 10.84 -15.11 -3.90
C GLY A 63 10.58 -15.65 -2.50
N GLY A 64 11.61 -16.22 -1.88
CA GLY A 64 11.56 -16.71 -0.49
C GLY A 64 11.99 -15.66 0.54
N PRO A 65 12.33 -16.08 1.78
CA PRO A 65 12.76 -15.20 2.87
C PRO A 65 14.17 -14.61 2.69
N ARG A 66 14.75 -14.72 1.48
CA ARG A 66 16.14 -14.38 1.14
C ARG A 66 17.16 -15.14 2.00
N ARG A 67 17.39 -14.67 3.25
CA ARG A 67 18.42 -15.17 4.18
C ARG A 67 19.80 -15.32 3.51
N PRO A 68 20.56 -14.21 3.40
CA PRO A 68 21.91 -14.21 2.82
C PRO A 68 22.83 -15.23 3.51
N ASP A 2 -4.45 -8.64 -11.98
CA ASP A 2 -3.33 -9.57 -11.70
C ASP A 2 -2.68 -9.29 -10.31
N ARG A 3 -2.79 -8.04 -9.85
CA ARG A 3 -2.24 -7.56 -8.58
C ARG A 3 -3.26 -7.83 -7.45
N PRO A 4 -2.87 -7.80 -6.17
CA PRO A 4 -3.79 -8.18 -5.10
C PRO A 4 -5.01 -7.25 -5.01
N LYS A 5 -6.18 -7.82 -4.71
CA LYS A 5 -7.44 -7.06 -4.57
C LYS A 5 -7.45 -6.08 -3.39
N PHE A 6 -6.69 -6.37 -2.32
CA PHE A 6 -6.61 -5.44 -1.18
C PHE A 6 -5.96 -4.11 -1.56
N CYS A 7 -5.21 -4.04 -2.67
CA CYS A 7 -4.69 -2.80 -3.20
C CYS A 7 -5.78 -1.81 -3.61
N TYR A 8 -7.00 -2.27 -3.89
CA TYR A 8 -8.12 -1.41 -4.26
C TYR A 8 -8.76 -0.72 -3.07
N LEU A 9 -8.61 -1.30 -1.86
CA LEU A 9 -9.10 -0.71 -0.62
C LEU A 9 -8.35 0.60 -0.40
N PRO A 10 -9.04 1.77 -0.35
CA PRO A 10 -8.45 3.07 -0.05
C PRO A 10 -7.55 3.06 1.20
N ASP A 11 -6.72 4.08 1.35
CA ASP A 11 -5.84 4.17 2.52
C ASP A 11 -6.67 4.09 3.81
N ASP A 12 -6.38 3.06 4.62
CA ASP A 12 -7.12 2.77 5.85
C ASP A 12 -6.13 2.67 7.01
N PRO A 13 -5.70 3.82 7.57
CA PRO A 13 -4.85 3.86 8.77
C PRO A 13 -5.46 3.19 10.02
N GLY A 14 -6.79 3.04 10.05
CA GLY A 14 -7.55 2.51 11.16
C GLY A 14 -8.18 3.59 12.05
N VAL A 15 -8.84 3.17 13.12
CA VAL A 15 -9.68 4.01 14.02
C VAL A 15 -8.85 4.90 14.98
N CYS A 16 -7.52 4.76 14.95
CA CYS A 16 -6.64 5.52 15.83
C CYS A 16 -6.45 6.96 15.36
N LYS A 17 -5.84 7.77 16.21
CA LYS A 17 -5.59 9.20 16.00
C LYS A 17 -4.12 9.59 16.19
N ALA A 18 -3.22 8.62 16.03
CA ALA A 18 -1.78 8.85 16.16
C ALA A 18 -1.22 9.48 14.88
N HIS A 19 0.10 9.31 14.64
CA HIS A 19 0.72 9.81 13.42
C HIS A 19 1.98 9.01 13.06
N ILE A 20 1.88 8.11 12.09
CA ILE A 20 3.03 7.31 11.63
C ILE A 20 3.11 7.35 10.09
N PRO A 21 4.24 7.73 9.48
CA PRO A 21 4.39 7.72 8.03
C PRO A 21 4.11 6.34 7.43
N ARG A 22 3.12 6.26 6.55
CA ARG A 22 2.68 5.00 5.92
C ARG A 22 2.31 5.26 4.47
N PHE A 23 2.19 4.22 3.67
CA PHE A 23 1.97 4.29 2.24
C PHE A 23 0.93 3.25 1.83
N TYR A 24 0.26 3.49 0.72
CA TYR A 24 -0.72 2.55 0.14
C TYR A 24 -0.70 2.66 -1.40
N TYR A 25 -1.15 1.62 -2.10
CA TYR A 25 -1.26 1.64 -3.56
C TYR A 25 -2.64 2.13 -3.96
N ASN A 26 -2.69 3.09 -4.87
CA ASN A 26 -3.93 3.59 -5.46
C ASN A 26 -4.08 3.06 -6.91
N PRO A 27 -4.80 1.94 -7.13
CA PRO A 27 -5.05 1.39 -8.46
C PRO A 27 -5.97 2.29 -9.30
N ALA A 28 -6.76 3.18 -8.68
CA ALA A 28 -7.64 4.11 -9.38
C ALA A 28 -6.86 5.16 -10.19
N SER A 29 -5.54 5.28 -9.99
CA SER A 29 -4.67 6.14 -10.80
C SER A 29 -3.26 5.59 -11.01
N ASN A 30 -3.03 4.30 -10.74
CA ASN A 30 -1.72 3.64 -10.83
C ASN A 30 -0.60 4.39 -10.09
N LYS A 31 -0.78 4.70 -8.81
CA LYS A 31 0.20 5.49 -8.05
C LYS A 31 0.18 5.19 -6.57
N CYS A 32 1.34 5.26 -5.91
CA CYS A 32 1.41 5.10 -4.46
C CYS A 32 1.42 6.47 -3.80
N LYS A 33 0.59 6.65 -2.74
CA LYS A 33 0.59 7.87 -1.93
C LYS A 33 1.00 7.54 -0.50
N GLU A 34 1.43 8.56 0.23
CA GLU A 34 1.65 8.47 1.68
C GLU A 34 0.40 8.89 2.45
N PHE A 35 0.10 8.17 3.53
CA PHE A 35 -0.98 8.46 4.46
C PHE A 35 -0.44 8.40 5.90
N ILE A 36 -1.20 8.99 6.84
CA ILE A 36 -0.84 8.97 8.25
C ILE A 36 -1.50 7.78 8.92
N TYR A 37 -0.70 6.85 9.44
CA TYR A 37 -1.15 5.69 10.19
C TYR A 37 -1.33 5.97 11.68
N GLY A 38 -2.31 5.27 12.28
CA GLY A 38 -2.63 5.36 13.69
C GLY A 38 -1.96 4.26 14.52
N GLY A 39 -2.65 3.11 14.66
CA GLY A 39 -2.25 2.05 15.58
C GLY A 39 -3.41 1.23 16.17
N CYS A 40 -4.63 1.41 15.67
CA CYS A 40 -5.84 0.72 16.17
C CYS A 40 -6.34 -0.36 15.19
N GLY A 41 -5.71 -0.49 14.01
CA GLY A 41 -6.13 -1.39 12.95
C GLY A 41 -5.42 -1.05 11.66
N GLY A 42 -6.07 -1.38 10.54
CA GLY A 42 -5.60 -1.09 9.19
C GLY A 42 -5.79 -2.28 8.26
N ASN A 43 -5.94 -2.01 6.98
CA ASN A 43 -6.13 -3.04 5.96
C ASN A 43 -4.80 -3.67 5.50
N ALA A 44 -4.86 -4.71 4.65
CA ALA A 44 -3.68 -5.31 4.04
C ALA A 44 -2.96 -4.40 3.01
N ASN A 45 -3.44 -3.18 2.79
CA ASN A 45 -2.83 -2.17 1.92
C ASN A 45 -1.96 -1.21 2.75
N ASN A 46 -1.26 -1.73 3.74
CA ASN A 46 -0.43 -0.98 4.68
C ASN A 46 1.04 -1.14 4.34
N PHE A 47 1.60 -0.18 3.60
CA PHE A 47 3.01 -0.19 3.22
C PHE A 47 3.83 0.82 4.01
N GLU A 48 5.14 0.60 4.10
CA GLU A 48 6.05 1.48 4.82
C GLU A 48 6.64 2.57 3.92
N THR A 49 6.83 2.28 2.63
CA THR A 49 7.38 3.23 1.64
C THR A 49 6.92 2.92 0.21
N ARG A 50 7.17 3.86 -0.71
CA ARG A 50 7.00 3.65 -2.16
C ARG A 50 7.76 2.44 -2.70
N ALA A 51 8.90 2.06 -2.09
CA ALA A 51 9.66 0.90 -2.52
C ALA A 51 8.85 -0.39 -2.26
N GLU A 52 8.29 -0.52 -1.05
CA GLU A 52 7.41 -1.62 -0.69
C GLU A 52 6.12 -1.61 -1.51
N CYS A 53 5.50 -0.44 -1.75
CA CYS A 53 4.26 -0.38 -2.53
C CYS A 53 4.37 -1.08 -3.90
N ARG A 54 5.58 -1.05 -4.49
CA ARG A 54 5.89 -1.77 -5.71
C ARG A 54 6.07 -3.25 -5.43
N HIS A 55 6.88 -3.64 -4.46
CA HIS A 55 7.10 -5.05 -4.13
C HIS A 55 5.83 -5.78 -3.63
N THR A 56 4.83 -5.04 -3.15
CA THR A 56 3.57 -5.58 -2.63
C THR A 56 2.44 -5.52 -3.66
N CYS A 57 2.48 -4.57 -4.61
CA CYS A 57 1.43 -4.43 -5.63
C CYS A 57 1.96 -4.33 -7.06
N VAL A 58 2.96 -3.50 -7.33
CA VAL A 58 3.55 -3.34 -8.68
C VAL A 58 4.75 -4.29 -8.85
N ALA A 59 5.91 -3.76 -9.25
CA ALA A 59 7.15 -4.49 -9.50
C ALA A 59 6.98 -5.66 -10.47
N SER A 60 8.05 -6.45 -10.59
CA SER A 60 8.11 -7.66 -11.40
C SER A 60 8.75 -8.76 -10.54
N ARG A 61 9.38 -9.76 -11.17
CA ARG A 61 10.01 -10.92 -10.49
C ARG A 61 9.00 -11.71 -9.65
N LYS A 62 8.38 -12.72 -10.29
CA LYS A 62 7.33 -13.58 -9.72
C LYS A 62 6.08 -12.76 -9.37
N GLY A 63 5.13 -12.73 -10.31
CA GLY A 63 3.87 -11.99 -10.15
C GLY A 63 2.94 -12.70 -9.15
N GLY A 64 2.04 -13.53 -9.67
CA GLY A 64 1.10 -14.31 -8.87
C GLY A 64 -0.32 -13.75 -8.94
N PRO A 65 -1.25 -14.45 -9.61
CA PRO A 65 -2.63 -13.97 -9.84
C PRO A 65 -3.51 -13.96 -8.58
N ARG A 66 -2.89 -14.11 -7.39
CA ARG A 66 -3.53 -14.33 -6.08
C ARG A 66 -4.38 -15.62 -6.04
N ARG A 67 -4.68 -16.06 -4.83
CA ARG A 67 -5.68 -17.12 -4.60
C ARG A 67 -7.09 -16.56 -4.83
N PRO A 68 -8.06 -17.39 -5.24
CA PRO A 68 -9.48 -16.98 -5.32
C PRO A 68 -9.96 -16.39 -3.98
N ASP A 2 -3.78 -9.15 -11.36
CA ASP A 2 -2.53 -9.91 -11.24
C ASP A 2 -1.89 -9.76 -9.83
N ARG A 3 -2.23 -8.67 -9.15
CA ARG A 3 -1.71 -8.27 -7.84
C ARG A 3 -2.81 -8.48 -6.78
N PRO A 4 -2.58 -8.25 -5.47
CA PRO A 4 -3.61 -8.52 -4.47
C PRO A 4 -4.82 -7.61 -4.66
N LYS A 5 -6.02 -8.06 -4.26
CA LYS A 5 -7.23 -7.23 -4.35
C LYS A 5 -7.33 -6.17 -3.25
N PHE A 6 -6.66 -6.37 -2.12
CA PHE A 6 -6.64 -5.36 -1.05
C PHE A 6 -5.94 -4.07 -1.50
N CYS A 7 -5.17 -4.13 -2.59
CA CYS A 7 -4.58 -2.97 -3.25
C CYS A 7 -5.61 -1.92 -3.70
N TYR A 8 -6.87 -2.32 -3.90
CA TYR A 8 -7.96 -1.43 -4.30
C TYR A 8 -8.66 -0.78 -3.11
N LEU A 9 -8.41 -1.25 -1.89
CA LEU A 9 -8.98 -0.67 -0.68
C LEU A 9 -8.30 0.69 -0.45
N PRO A 10 -9.06 1.82 -0.43
CA PRO A 10 -8.53 3.16 -0.17
C PRO A 10 -7.68 3.19 1.11
N ASP A 11 -6.82 4.20 1.24
CA ASP A 11 -5.99 4.35 2.42
C ASP A 11 -6.84 4.36 3.69
N ASP A 12 -6.54 3.44 4.61
CA ASP A 12 -7.30 3.27 5.83
C ASP A 12 -6.32 3.16 7.01
N PRO A 13 -5.83 4.30 7.54
CA PRO A 13 -5.04 4.34 8.76
C PRO A 13 -5.69 3.71 9.99
N GLY A 14 -7.00 3.58 9.96
CA GLY A 14 -7.81 3.07 11.06
C GLY A 14 -8.37 4.16 11.97
N VAL A 15 -8.83 3.75 13.15
CA VAL A 15 -9.48 4.63 14.13
C VAL A 15 -8.49 5.38 15.05
N CYS A 16 -7.25 4.93 15.13
CA CYS A 16 -6.24 5.55 16.00
C CYS A 16 -5.84 6.96 15.52
N LYS A 17 -5.52 7.84 16.46
CA LYS A 17 -5.18 9.25 16.22
C LYS A 17 -3.68 9.54 16.39
N ALA A 18 -2.83 8.52 16.22
CA ALA A 18 -1.38 8.66 16.33
C ALA A 18 -0.77 9.27 15.06
N HIS A 19 0.51 9.01 14.80
CA HIS A 19 1.16 9.51 13.59
C HIS A 19 2.33 8.62 13.18
N ILE A 20 2.17 7.83 12.12
CA ILE A 20 3.23 6.95 11.58
C ILE A 20 3.26 7.12 10.05
N PRO A 21 4.39 7.50 9.44
CA PRO A 21 4.51 7.58 7.98
C PRO A 21 4.15 6.25 7.35
N ARG A 22 3.09 6.21 6.53
CA ARG A 22 2.55 4.98 5.95
C ARG A 22 2.17 5.25 4.50
N PHE A 23 2.11 4.19 3.71
CA PHE A 23 1.86 4.29 2.29
C PHE A 23 0.81 3.28 1.86
N TYR A 24 0.15 3.51 0.73
CA TYR A 24 -0.89 2.62 0.20
C TYR A 24 -0.90 2.62 -1.34
N TYR A 25 -1.21 1.50 -1.99
CA TYR A 25 -1.23 1.42 -3.45
C TYR A 25 -2.50 2.06 -4.03
N ASN A 26 -2.35 2.79 -5.11
CA ASN A 26 -3.42 3.49 -5.81
C ASN A 26 -3.62 2.82 -7.19
N PRO A 27 -4.37 1.73 -7.33
CA PRO A 27 -4.61 1.07 -8.61
C PRO A 27 -5.27 2.00 -9.63
N ALA A 28 -6.04 2.99 -9.16
CA ALA A 28 -6.67 4.03 -9.98
C ALA A 28 -5.65 4.91 -10.74
N SER A 29 -4.37 4.94 -10.34
CA SER A 29 -3.33 5.68 -11.06
C SER A 29 -2.00 4.90 -11.14
N ASN A 30 -2.02 3.60 -10.86
CA ASN A 30 -0.82 2.75 -10.78
C ASN A 30 0.31 3.29 -9.87
N LYS A 31 -0.03 4.13 -8.88
CA LYS A 31 0.96 4.86 -8.04
C LYS A 31 0.83 4.49 -6.57
N CYS A 32 1.50 5.23 -5.70
CA CYS A 32 1.36 5.12 -4.27
C CYS A 32 1.08 6.48 -3.62
N LYS A 33 0.50 6.49 -2.43
CA LYS A 33 0.25 7.69 -1.61
C LYS A 33 0.94 7.56 -0.26
N GLU A 34 1.13 8.70 0.38
CA GLU A 34 1.68 8.85 1.73
C GLU A 34 0.54 9.30 2.65
N PHE A 35 0.14 8.45 3.59
CA PHE A 35 -0.90 8.73 4.57
C PHE A 35 -0.33 8.58 5.99
N ILE A 36 -0.96 9.22 6.98
CA ILE A 36 -0.57 9.10 8.38
C ILE A 36 -1.33 7.93 9.02
N TYR A 37 -0.59 6.91 9.47
CA TYR A 37 -1.15 5.78 10.19
C TYR A 37 -1.22 6.02 11.70
N GLY A 38 -2.20 5.39 12.35
CA GLY A 38 -2.42 5.43 13.78
C GLY A 38 -1.67 4.30 14.50
N GLY A 39 -2.38 3.20 14.76
CA GLY A 39 -1.92 2.13 15.64
C GLY A 39 -3.02 1.22 16.20
N CYS A 40 -4.24 1.32 15.67
CA CYS A 40 -5.41 0.58 16.19
C CYS A 40 -5.74 -0.60 15.26
N GLY A 41 -6.39 -0.31 14.14
CA GLY A 41 -6.74 -1.31 13.13
C GLY A 41 -7.12 -0.60 11.84
N GLY A 42 -6.36 -0.87 10.78
CA GLY A 42 -6.60 -0.33 9.44
C GLY A 42 -6.96 -1.45 8.46
N ASN A 43 -6.31 -1.46 7.29
CA ASN A 43 -6.47 -2.50 6.27
C ASN A 43 -5.17 -3.24 5.94
N ALA A 44 -5.23 -4.16 4.97
CA ALA A 44 -4.05 -4.89 4.46
C ALA A 44 -3.23 -4.09 3.42
N ASN A 45 -3.64 -2.88 3.08
CA ASN A 45 -2.96 -2.03 2.10
C ASN A 45 -2.01 -1.04 2.80
N ASN A 46 -1.60 -1.34 4.02
CA ASN A 46 -0.76 -0.53 4.90
C ASN A 46 0.73 -0.83 4.67
N PHE A 47 1.38 -0.01 3.86
CA PHE A 47 2.80 -0.16 3.49
C PHE A 47 3.70 0.79 4.28
N GLU A 48 5.01 0.72 4.02
CA GLU A 48 6.01 1.57 4.71
C GLU A 48 6.45 2.74 3.86
N THR A 49 6.72 2.53 2.56
CA THR A 49 7.18 3.56 1.61
C THR A 49 6.78 3.24 0.19
N ARG A 50 7.00 4.19 -0.74
CA ARG A 50 6.81 4.00 -2.19
C ARG A 50 7.46 2.73 -2.75
N ALA A 51 8.56 2.26 -2.16
CA ALA A 51 9.25 1.03 -2.55
C ALA A 51 8.49 -0.24 -2.15
N GLU A 52 7.74 -0.21 -1.05
CA GLU A 52 6.88 -1.31 -0.63
C GLU A 52 5.64 -1.39 -1.51
N CYS A 53 5.04 -0.25 -1.86
CA CYS A 53 3.91 -0.22 -2.79
C CYS A 53 4.19 -0.91 -4.14
N ARG A 54 5.49 -1.01 -4.49
CA ARG A 54 5.96 -1.83 -5.61
C ARG A 54 5.98 -3.31 -5.28
N HIS A 55 6.71 -3.73 -4.25
CA HIS A 55 6.84 -5.16 -3.91
C HIS A 55 5.49 -5.81 -3.57
N THR A 56 4.54 -5.03 -3.06
CA THR A 56 3.17 -5.50 -2.79
C THR A 56 2.24 -5.44 -4.01
N CYS A 57 2.43 -4.51 -4.94
CA CYS A 57 1.58 -4.36 -6.12
C CYS A 57 2.37 -4.07 -7.41
N VAL A 58 3.15 -2.99 -7.48
CA VAL A 58 3.91 -2.62 -8.68
C VAL A 58 5.26 -3.38 -8.80
N ALA A 59 5.22 -4.71 -8.87
CA ALA A 59 6.41 -5.55 -9.05
C ALA A 59 6.09 -6.89 -9.73
N SER A 60 6.89 -7.22 -10.75
CA SER A 60 6.75 -8.47 -11.53
C SER A 60 8.03 -8.84 -12.30
N ARG A 61 9.19 -8.55 -11.71
CA ARG A 61 10.52 -8.80 -12.32
C ARG A 61 10.99 -10.26 -12.12
N LYS A 62 10.42 -11.19 -12.89
CA LYS A 62 10.79 -12.62 -12.79
C LYS A 62 12.18 -12.88 -13.40
N GLY A 63 12.47 -12.29 -14.56
CA GLY A 63 13.76 -12.40 -15.23
C GLY A 63 14.61 -11.13 -15.06
N GLY A 64 15.19 -10.64 -16.16
CA GLY A 64 15.95 -9.41 -16.17
C GLY A 64 15.09 -8.14 -16.13
N PRO A 65 15.64 -7.00 -15.69
CA PRO A 65 14.94 -5.71 -15.68
C PRO A 65 14.86 -5.05 -17.08
N ARG A 66 15.52 -5.63 -18.08
CA ARG A 66 15.53 -5.20 -19.47
C ARG A 66 16.00 -6.37 -20.34
N ARG A 67 15.12 -6.91 -21.18
CA ARG A 67 15.41 -7.98 -22.14
C ARG A 67 14.85 -7.57 -23.50
N PRO A 68 15.59 -7.79 -24.60
CA PRO A 68 15.06 -7.63 -25.97
C PRO A 68 13.97 -8.66 -26.25
N ASP A 2 -4.39 -9.93 -10.92
CA ASP A 2 -2.93 -10.18 -10.98
C ASP A 2 -2.18 -9.94 -9.65
N ARG A 3 -2.37 -8.78 -9.04
CA ARG A 3 -1.81 -8.32 -7.77
C ARG A 3 -2.84 -8.52 -6.65
N PRO A 4 -2.55 -8.21 -5.37
CA PRO A 4 -3.52 -8.47 -4.31
C PRO A 4 -4.73 -7.53 -4.39
N LYS A 5 -5.90 -8.06 -4.02
CA LYS A 5 -7.17 -7.32 -4.07
C LYS A 5 -7.28 -6.23 -3.01
N PHE A 6 -6.57 -6.36 -1.88
CA PHE A 6 -6.57 -5.34 -0.83
C PHE A 6 -5.96 -4.02 -1.31
N CYS A 7 -5.27 -4.02 -2.45
CA CYS A 7 -4.80 -2.81 -3.10
C CYS A 7 -5.94 -1.86 -3.50
N TYR A 8 -7.13 -2.41 -3.85
CA TYR A 8 -8.27 -1.64 -4.31
C TYR A 8 -8.98 -0.91 -3.15
N LEU A 9 -8.58 -1.20 -1.92
CA LEU A 9 -9.07 -0.53 -0.72
C LEU A 9 -8.28 0.77 -0.55
N PRO A 10 -8.93 1.97 -0.59
CA PRO A 10 -8.32 3.26 -0.31
C PRO A 10 -7.47 3.28 0.97
N ASP A 11 -6.61 4.28 1.13
CA ASP A 11 -5.77 4.37 2.33
C ASP A 11 -6.64 4.37 3.59
N ASP A 12 -6.46 3.34 4.43
CA ASP A 12 -7.26 3.13 5.63
C ASP A 12 -6.33 3.03 6.83
N PRO A 13 -5.84 4.17 7.35
CA PRO A 13 -5.04 4.22 8.59
C PRO A 13 -5.68 3.59 9.81
N GLY A 14 -7.00 3.47 9.80
CA GLY A 14 -7.81 2.97 10.90
C GLY A 14 -8.36 4.07 11.80
N VAL A 15 -8.81 3.66 13.00
CA VAL A 15 -9.61 4.52 13.90
C VAL A 15 -8.84 5.16 15.06
N CYS A 16 -7.54 4.86 15.23
CA CYS A 16 -6.75 5.40 16.34
C CYS A 16 -6.37 6.86 16.16
N LYS A 17 -6.35 7.39 14.93
CA LYS A 17 -6.01 8.79 14.62
C LYS A 17 -4.67 9.26 15.21
N ALA A 18 -3.72 8.34 15.41
CA ALA A 18 -2.37 8.64 15.88
C ALA A 18 -1.53 9.28 14.76
N HIS A 19 -0.21 8.99 14.70
CA HIS A 19 0.65 9.66 13.72
C HIS A 19 1.86 8.83 13.29
N ILE A 20 1.69 7.95 12.30
CA ILE A 20 2.78 7.09 11.80
C ILE A 20 2.89 7.24 10.26
N PRO A 21 4.05 7.66 9.69
CA PRO A 21 4.23 7.72 8.24
C PRO A 21 4.02 6.34 7.60
N ARG A 22 3.07 6.26 6.67
CA ARG A 22 2.60 5.01 6.05
C ARG A 22 2.36 5.25 4.57
N PHE A 23 2.32 4.17 3.78
CA PHE A 23 2.12 4.26 2.34
C PHE A 23 1.07 3.25 1.90
N TYR A 24 0.44 3.50 0.77
CA TYR A 24 -0.58 2.61 0.20
C TYR A 24 -0.48 2.66 -1.33
N TYR A 25 -0.91 1.60 -2.01
CA TYR A 25 -1.00 1.54 -3.47
C TYR A 25 -2.40 1.93 -3.91
N ASN A 26 -2.45 2.84 -4.87
CA ASN A 26 -3.68 3.30 -5.52
C ASN A 26 -3.82 2.67 -6.91
N PRO A 27 -4.47 1.51 -7.07
CA PRO A 27 -4.73 0.89 -8.36
C PRO A 27 -5.59 1.77 -9.28
N ALA A 28 -6.39 2.69 -8.73
CA ALA A 28 -7.18 3.63 -9.53
C ALA A 28 -6.33 4.59 -10.39
N SER A 29 -5.02 4.66 -10.12
CA SER A 29 -4.08 5.47 -10.91
C SER A 29 -2.72 4.79 -11.08
N ASN A 30 -2.60 3.49 -10.76
CA ASN A 30 -1.34 2.72 -10.80
C ASN A 30 -0.19 3.40 -10.02
N LYS A 31 -0.47 4.12 -8.94
CA LYS A 31 0.52 4.95 -8.22
C LYS A 31 0.57 4.61 -6.73
N CYS A 32 1.48 5.27 -6.02
CA CYS A 32 1.60 5.17 -4.56
C CYS A 32 1.48 6.55 -3.91
N LYS A 33 0.92 6.61 -2.70
CA LYS A 33 0.88 7.84 -1.89
C LYS A 33 1.27 7.55 -0.44
N GLU A 34 1.66 8.60 0.26
CA GLU A 34 1.88 8.58 1.71
C GLU A 34 0.60 9.03 2.42
N PHE A 35 0.28 8.36 3.52
CA PHE A 35 -0.82 8.68 4.43
C PHE A 35 -0.34 8.56 5.88
N ILE A 36 -1.04 9.19 6.83
CA ILE A 36 -0.73 9.06 8.25
C ILE A 36 -1.56 7.94 8.87
N TYR A 37 -0.86 6.92 9.38
CA TYR A 37 -1.41 5.76 10.08
C TYR A 37 -1.63 6.02 11.57
N GLY A 38 -2.66 5.37 12.11
CA GLY A 38 -3.00 5.41 13.53
C GLY A 38 -2.28 4.32 14.30
N GLY A 39 -2.98 3.21 14.53
CA GLY A 39 -2.55 2.16 15.47
C GLY A 39 -3.65 1.24 15.99
N CYS A 40 -4.88 1.34 15.43
CA CYS A 40 -6.03 0.56 15.91
C CYS A 40 -6.31 -0.62 14.97
N GLY A 41 -7.00 -0.37 13.86
CA GLY A 41 -7.29 -1.38 12.85
C GLY A 41 -7.50 -0.68 11.52
N GLY A 42 -6.63 -1.00 10.56
CA GLY A 42 -6.68 -0.50 9.19
C GLY A 42 -6.86 -1.63 8.19
N ASN A 43 -6.61 -1.36 6.90
CA ASN A 43 -6.61 -2.38 5.85
C ASN A 43 -5.23 -3.04 5.65
N ALA A 44 -5.19 -4.11 4.85
CA ALA A 44 -3.95 -4.78 4.44
C ALA A 44 -3.12 -3.98 3.40
N ASN A 45 -3.52 -2.76 3.07
CA ASN A 45 -2.80 -1.85 2.17
C ASN A 45 -1.90 -0.89 2.97
N ASN A 46 -1.47 -1.29 4.16
CA ASN A 46 -0.69 -0.50 5.11
C ASN A 46 0.82 -0.73 4.93
N PHE A 47 1.39 -0.18 3.87
CA PHE A 47 2.83 -0.29 3.58
C PHE A 47 3.69 0.64 4.43
N GLU A 48 4.99 0.59 4.23
CA GLU A 48 5.98 1.39 4.96
C GLU A 48 6.62 2.46 4.08
N THR A 49 6.78 2.20 2.77
CA THR A 49 7.38 3.13 1.81
C THR A 49 6.85 2.89 0.39
N ARG A 50 7.10 3.85 -0.52
CA ARG A 50 6.84 3.66 -1.96
C ARG A 50 7.59 2.47 -2.57
N ALA A 51 8.69 2.03 -1.95
CA ALA A 51 9.46 0.88 -2.41
C ALA A 51 8.65 -0.41 -2.21
N GLU A 52 8.16 -0.64 -0.99
CA GLU A 52 7.26 -1.75 -0.67
C GLU A 52 5.99 -1.68 -1.52
N CYS A 53 5.39 -0.50 -1.66
CA CYS A 53 4.22 -0.29 -2.52
C CYS A 53 4.39 -0.89 -3.93
N ARG A 54 5.61 -0.86 -4.46
CA ARG A 54 5.93 -1.48 -5.74
C ARG A 54 6.08 -2.99 -5.64
N HIS A 55 6.69 -3.52 -4.58
CA HIS A 55 6.86 -4.97 -4.41
C HIS A 55 5.55 -5.67 -4.01
N THR A 56 4.59 -4.94 -3.46
CA THR A 56 3.30 -5.47 -3.02
C THR A 56 2.20 -5.34 -4.07
N CYS A 57 2.31 -4.40 -5.02
CA CYS A 57 1.29 -4.25 -6.07
C CYS A 57 1.75 -3.71 -7.44
N VAL A 58 3.01 -3.26 -7.58
CA VAL A 58 3.55 -2.76 -8.85
C VAL A 58 4.68 -3.71 -9.27
N ALA A 59 5.88 -3.15 -9.50
CA ALA A 59 7.08 -3.82 -9.96
C ALA A 59 6.93 -4.43 -11.36
N SER A 60 7.93 -4.22 -12.21
CA SER A 60 8.01 -4.83 -13.55
C SER A 60 8.40 -6.29 -13.50
N ARG A 61 7.71 -7.11 -12.68
CA ARG A 61 7.92 -8.57 -12.51
C ARG A 61 9.40 -8.94 -12.30
N LYS A 62 9.94 -8.69 -11.10
CA LYS A 62 11.34 -8.99 -10.79
C LYS A 62 11.53 -10.48 -10.51
N GLY A 63 12.55 -11.08 -11.12
CA GLY A 63 12.97 -12.46 -10.86
C GLY A 63 14.15 -12.48 -9.89
N GLY A 64 14.06 -13.33 -8.85
CA GLY A 64 15.08 -13.47 -7.83
C GLY A 64 15.30 -14.95 -7.46
N PRO A 65 15.59 -15.26 -6.19
CA PRO A 65 15.77 -16.64 -5.72
C PRO A 65 14.61 -17.55 -6.12
N ARG A 66 14.94 -18.73 -6.68
CA ARG A 66 13.97 -19.75 -7.07
C ARG A 66 13.81 -20.75 -5.93
N ARG A 67 12.78 -20.57 -5.10
CA ARG A 67 12.40 -21.52 -4.06
C ARG A 67 11.78 -22.83 -4.62
N PRO A 68 10.91 -22.78 -5.67
CA PRO A 68 10.34 -23.99 -6.28
C PRO A 68 11.35 -24.77 -7.14
N ASP A 2 -3.70 -9.03 -11.84
CA ASP A 2 -2.32 -9.57 -11.76
C ASP A 2 -1.65 -9.33 -10.39
N ARG A 3 -2.28 -8.50 -9.56
CA ARG A 3 -1.78 -7.98 -8.28
C ARG A 3 -2.79 -8.29 -7.17
N PRO A 4 -2.46 -8.11 -5.88
CA PRO A 4 -3.42 -8.43 -4.81
C PRO A 4 -4.65 -7.52 -4.82
N LYS A 5 -5.81 -8.08 -4.45
CA LYS A 5 -7.10 -7.35 -4.41
C LYS A 5 -7.18 -6.29 -3.32
N PHE A 6 -6.46 -6.44 -2.21
CA PHE A 6 -6.50 -5.45 -1.12
C PHE A 6 -5.93 -4.10 -1.57
N CYS A 7 -5.21 -4.04 -2.70
CA CYS A 7 -4.84 -2.80 -3.37
C CYS A 7 -6.02 -1.89 -3.69
N TYR A 8 -7.20 -2.45 -3.90
CA TYR A 8 -8.41 -1.71 -4.26
C TYR A 8 -9.10 -1.09 -3.05
N LEU A 9 -8.44 -1.10 -1.89
CA LEU A 9 -8.95 -0.55 -0.65
C LEU A 9 -8.18 0.75 -0.36
N PRO A 10 -8.85 1.92 -0.30
CA PRO A 10 -8.21 3.20 0.02
C PRO A 10 -7.35 3.13 1.30
N ASP A 11 -6.45 4.10 1.46
CA ASP A 11 -5.57 4.12 2.63
C ASP A 11 -6.38 3.96 3.92
N ASP A 12 -6.08 2.89 4.65
CA ASP A 12 -6.83 2.52 5.85
C ASP A 12 -5.89 2.53 7.07
N PRO A 13 -5.59 3.73 7.62
CA PRO A 13 -4.80 3.86 8.83
C PRO A 13 -5.43 3.26 10.10
N GLY A 14 -6.74 3.07 10.11
CA GLY A 14 -7.53 2.73 11.29
C GLY A 14 -8.05 3.96 12.04
N VAL A 15 -8.23 3.82 13.37
CA VAL A 15 -8.96 4.80 14.21
C VAL A 15 -8.16 5.36 15.40
N CYS A 16 -6.88 5.01 15.55
CA CYS A 16 -6.05 5.47 16.68
C CYS A 16 -5.47 6.87 16.48
N LYS A 17 -5.15 7.24 15.24
CA LYS A 17 -4.56 8.54 14.88
C LYS A 17 -3.35 8.98 15.74
N ALA A 18 -2.28 8.19 15.72
CA ALA A 18 -1.01 8.50 16.40
C ALA A 18 0.05 9.24 15.55
N HIS A 19 -0.22 9.46 14.25
CA HIS A 19 0.67 10.17 13.34
C HIS A 19 1.94 9.40 12.95
N ILE A 20 1.80 8.35 12.14
CA ILE A 20 2.91 7.50 11.68
C ILE A 20 3.04 7.55 10.16
N PRO A 21 4.21 7.88 9.58
CA PRO A 21 4.41 7.87 8.13
C PRO A 21 4.18 6.48 7.56
N ARG A 22 3.23 6.35 6.63
CA ARG A 22 2.83 5.09 6.01
C ARG A 22 2.48 5.33 4.55
N PHE A 23 2.39 4.28 3.76
CA PHE A 23 2.13 4.34 2.32
C PHE A 23 1.08 3.32 1.94
N TYR A 24 0.38 3.56 0.84
CA TYR A 24 -0.59 2.63 0.26
C TYR A 24 -0.61 2.75 -1.26
N TYR A 25 -1.01 1.67 -1.95
CA TYR A 25 -1.07 1.63 -3.42
C TYR A 25 -2.46 1.99 -3.89
N ASN A 26 -2.53 2.94 -4.81
CA ASN A 26 -3.76 3.43 -5.38
C ASN A 26 -3.92 2.87 -6.82
N PRO A 27 -4.64 1.75 -7.02
CA PRO A 27 -4.91 1.19 -8.35
C PRO A 27 -5.76 2.12 -9.20
N ALA A 28 -6.56 3.00 -8.59
CA ALA A 28 -7.35 4.01 -9.29
C ALA A 28 -6.53 5.02 -10.10
N SER A 29 -5.21 5.07 -9.88
CA SER A 29 -4.28 5.89 -10.67
C SER A 29 -2.93 5.19 -10.90
N ASN A 30 -2.86 3.88 -10.68
CA ASN A 30 -1.64 3.07 -10.79
C ASN A 30 -0.41 3.65 -10.03
N LYS A 31 -0.64 4.38 -8.95
CA LYS A 31 0.41 5.12 -8.22
C LYS A 31 0.43 4.77 -6.74
N CYS A 32 1.31 5.43 -6.00
CA CYS A 32 1.38 5.35 -4.55
C CYS A 32 1.10 6.72 -3.90
N LYS A 33 0.74 6.73 -2.61
CA LYS A 33 0.68 7.94 -1.78
C LYS A 33 1.13 7.62 -0.34
N GLU A 34 1.60 8.64 0.36
CA GLU A 34 1.93 8.59 1.79
C GLU A 34 0.68 9.02 2.58
N PHE A 35 0.22 8.17 3.50
CA PHE A 35 -0.87 8.44 4.43
C PHE A 35 -0.36 8.43 5.88
N ILE A 36 -1.14 9.00 6.79
CA ILE A 36 -0.83 8.98 8.22
C ILE A 36 -1.53 7.83 8.93
N TYR A 37 -0.75 6.92 9.48
CA TYR A 37 -1.18 5.78 10.27
C TYR A 37 -1.32 6.10 11.77
N GLY A 38 -2.11 5.27 12.47
CA GLY A 38 -2.30 5.36 13.91
C GLY A 38 -1.74 4.15 14.67
N GLY A 39 -2.53 3.09 14.78
CA GLY A 39 -2.21 1.93 15.64
C GLY A 39 -3.42 1.14 16.14
N CYS A 40 -4.61 1.31 15.54
CA CYS A 40 -5.83 0.63 15.96
C CYS A 40 -6.23 -0.40 14.91
N GLY A 41 -7.18 -0.07 14.03
CA GLY A 41 -7.49 -0.86 12.84
C GLY A 41 -6.37 -0.77 11.80
N GLY A 42 -6.72 -1.07 10.56
CA GLY A 42 -5.78 -1.08 9.46
C GLY A 42 -6.30 -1.89 8.28
N ASN A 43 -5.40 -2.22 7.36
CA ASN A 43 -5.70 -3.04 6.20
C ASN A 43 -4.42 -3.68 5.66
N ALA A 44 -4.53 -4.58 4.68
CA ALA A 44 -3.39 -5.18 3.97
C ALA A 44 -2.70 -4.21 2.99
N ASN A 45 -3.18 -2.97 2.87
CA ASN A 45 -2.52 -1.90 2.12
C ASN A 45 -1.56 -1.03 2.94
N ASN A 46 -1.19 -1.45 4.14
CA ASN A 46 -0.20 -0.76 4.93
C ASN A 46 1.22 -1.02 4.40
N PHE A 47 1.90 0.01 3.88
CA PHE A 47 3.29 -0.07 3.41
C PHE A 47 4.16 0.93 4.14
N GLU A 48 5.43 0.62 4.28
CA GLU A 48 6.37 1.55 4.96
C GLU A 48 6.82 2.67 4.04
N THR A 49 7.05 2.37 2.75
CA THR A 49 7.47 3.35 1.74
C THR A 49 7.02 2.94 0.35
N ARG A 50 7.27 3.79 -0.66
CA ARG A 50 7.04 3.48 -2.08
C ARG A 50 7.79 2.21 -2.54
N ALA A 51 8.87 1.82 -1.87
CA ALA A 51 9.63 0.63 -2.21
C ALA A 51 8.80 -0.66 -1.99
N GLU A 52 8.17 -0.78 -0.83
CA GLU A 52 7.21 -1.86 -0.54
C GLU A 52 5.95 -1.70 -1.40
N CYS A 53 5.46 -0.47 -1.55
CA CYS A 53 4.28 -0.19 -2.41
C CYS A 53 4.38 -0.80 -3.81
N ARG A 54 5.62 -0.86 -4.36
CA ARG A 54 5.90 -1.61 -5.58
C ARG A 54 5.90 -3.11 -5.36
N HIS A 55 6.68 -3.63 -4.40
CA HIS A 55 6.77 -5.07 -4.15
C HIS A 55 5.42 -5.72 -3.82
N THR A 56 4.46 -4.95 -3.33
CA THR A 56 3.09 -5.38 -3.13
C THR A 56 2.25 -5.44 -4.41
N CYS A 57 2.18 -4.35 -5.18
CA CYS A 57 1.29 -4.25 -6.35
C CYS A 57 2.06 -3.91 -7.65
N VAL A 58 2.98 -2.95 -7.62
CA VAL A 58 3.78 -2.56 -8.80
C VAL A 58 5.07 -3.37 -8.92
N ALA A 59 4.95 -4.69 -8.96
CA ALA A 59 6.04 -5.65 -9.12
C ALA A 59 5.53 -7.02 -9.58
N SER A 60 6.44 -7.86 -10.05
CA SER A 60 6.16 -9.27 -10.37
C SER A 60 7.29 -10.15 -9.84
N ARG A 61 6.96 -11.05 -8.91
CA ARG A 61 7.93 -11.94 -8.23
C ARG A 61 7.42 -13.36 -8.21
N LYS A 62 7.39 -14.00 -9.38
CA LYS A 62 6.85 -15.36 -9.57
C LYS A 62 5.36 -15.39 -9.15
N GLY A 63 4.80 -16.59 -9.00
CA GLY A 63 3.39 -16.80 -8.71
C GLY A 63 2.68 -17.45 -9.88
N GLY A 64 2.00 -18.56 -9.61
CA GLY A 64 1.30 -19.35 -10.61
C GLY A 64 0.21 -20.20 -9.98
N PRO A 65 0.55 -21.26 -9.22
CA PRO A 65 -0.43 -22.12 -8.55
C PRO A 65 -0.98 -21.45 -7.27
N ARG A 66 -1.72 -20.36 -7.42
CA ARG A 66 -2.38 -19.59 -6.33
C ARG A 66 -3.91 -19.55 -6.45
N ARG A 67 -4.47 -20.07 -7.54
CA ARG A 67 -5.90 -20.14 -7.80
C ARG A 67 -6.28 -21.59 -8.11
N PRO A 68 -6.72 -22.37 -7.11
CA PRO A 68 -7.23 -23.72 -7.27
C PRO A 68 -8.44 -23.75 -8.21
N ASP A 2 -4.22 -9.19 -11.49
CA ASP A 2 -2.98 -9.98 -11.40
C ASP A 2 -2.22 -9.77 -10.08
N ARG A 3 -2.59 -8.73 -9.33
CA ARG A 3 -1.95 -8.28 -8.09
C ARG A 3 -2.94 -8.48 -6.93
N PRO A 4 -2.62 -8.14 -5.67
CA PRO A 4 -3.55 -8.40 -4.58
C PRO A 4 -4.79 -7.46 -4.64
N LYS A 5 -5.95 -8.00 -4.29
CA LYS A 5 -7.22 -7.27 -4.28
C LYS A 5 -7.30 -6.20 -3.18
N PHE A 6 -6.57 -6.36 -2.08
CA PHE A 6 -6.59 -5.37 -1.01
C PHE A 6 -6.08 -4.01 -1.48
N CYS A 7 -5.26 -3.95 -2.54
CA CYS A 7 -4.84 -2.70 -3.17
C CYS A 7 -5.99 -1.78 -3.58
N TYR A 8 -7.19 -2.33 -3.81
CA TYR A 8 -8.37 -1.56 -4.22
C TYR A 8 -9.12 -0.95 -3.03
N LEU A 9 -8.50 -0.94 -1.84
CA LEU A 9 -9.06 -0.39 -0.61
C LEU A 9 -8.32 0.93 -0.32
N PRO A 10 -8.98 2.10 -0.43
CA PRO A 10 -8.41 3.40 -0.09
C PRO A 10 -7.65 3.36 1.23
N ASP A 11 -6.66 4.25 1.39
CA ASP A 11 -5.81 4.28 2.59
C ASP A 11 -6.66 4.23 3.86
N ASP A 12 -6.43 3.18 4.65
CA ASP A 12 -7.21 2.89 5.85
C ASP A 12 -6.29 2.95 7.07
N PRO A 13 -5.88 4.15 7.52
CA PRO A 13 -5.10 4.32 8.75
C PRO A 13 -5.81 3.85 10.03
N GLY A 14 -7.11 3.59 9.95
CA GLY A 14 -7.96 3.23 11.07
C GLY A 14 -8.71 4.44 11.64
N VAL A 15 -9.09 4.32 12.92
CA VAL A 15 -9.93 5.33 13.60
C VAL A 15 -9.18 6.22 14.60
N CYS A 16 -8.04 5.75 15.10
CA CYS A 16 -7.22 6.47 16.07
C CYS A 16 -6.41 7.60 15.41
N LYS A 17 -6.30 8.74 16.10
CA LYS A 17 -5.63 9.94 15.61
C LYS A 17 -4.22 10.03 16.18
N ALA A 18 -3.33 9.18 15.68
CA ALA A 18 -1.91 9.20 16.05
C ALA A 18 -1.07 9.79 14.90
N HIS A 19 0.17 9.31 14.72
CA HIS A 19 1.04 9.80 13.65
C HIS A 19 2.12 8.79 13.25
N ILE A 20 1.87 7.96 12.25
CA ILE A 20 2.84 6.97 11.76
C ILE A 20 2.94 7.03 10.22
N PRO A 21 4.07 7.49 9.65
CA PRO A 21 4.24 7.54 8.18
C PRO A 21 4.02 6.17 7.54
N ARG A 22 3.03 6.08 6.65
CA ARG A 22 2.67 4.85 5.96
C ARG A 22 2.32 5.14 4.50
N PHE A 23 2.29 4.12 3.65
CA PHE A 23 2.05 4.25 2.23
C PHE A 23 1.00 3.23 1.77
N TYR A 24 0.33 3.52 0.66
CA TYR A 24 -0.73 2.65 0.13
C TYR A 24 -0.73 2.71 -1.42
N TYR A 25 -1.19 1.63 -2.07
CA TYR A 25 -1.25 1.57 -3.54
C TYR A 25 -2.60 2.11 -4.00
N ASN A 26 -2.61 2.92 -5.04
CA ASN A 26 -3.82 3.55 -5.57
C ASN A 26 -4.05 2.95 -6.98
N PRO A 27 -4.74 1.80 -7.15
CA PRO A 27 -5.00 1.21 -8.46
C PRO A 27 -5.67 2.18 -9.44
N ALA A 28 -6.59 3.00 -8.94
CA ALA A 28 -7.34 3.96 -9.75
C ALA A 28 -6.43 4.86 -10.63
N SER A 29 -5.44 5.50 -10.03
CA SER A 29 -4.47 6.34 -10.74
C SER A 29 -3.12 5.63 -10.97
N ASN A 30 -3.04 4.34 -10.64
CA ASN A 30 -1.85 3.50 -10.77
C ASN A 30 -0.57 4.12 -10.15
N LYS A 31 -0.67 4.64 -8.93
CA LYS A 31 0.47 5.22 -8.19
C LYS A 31 0.41 4.94 -6.71
N CYS A 32 1.47 5.25 -5.97
CA CYS A 32 1.49 5.15 -4.50
C CYS A 32 1.46 6.55 -3.88
N LYS A 33 0.80 6.69 -2.73
CA LYS A 33 0.82 7.93 -1.92
C LYS A 33 1.26 7.61 -0.49
N GLU A 34 1.59 8.65 0.26
CA GLU A 34 1.86 8.61 1.68
C GLU A 34 0.57 8.99 2.46
N PHE A 35 0.23 8.23 3.49
CA PHE A 35 -0.85 8.51 4.42
C PHE A 35 -0.33 8.39 5.86
N ILE A 36 -0.96 9.08 6.81
CA ILE A 36 -0.60 8.96 8.21
C ILE A 36 -1.47 7.90 8.88
N TYR A 37 -0.82 6.86 9.39
CA TYR A 37 -1.42 5.79 10.16
C TYR A 37 -1.58 6.15 11.63
N GLY A 38 -2.66 5.63 12.25
CA GLY A 38 -2.97 5.81 13.65
C GLY A 38 -2.37 4.71 14.53
N GLY A 39 -3.18 3.67 14.75
CA GLY A 39 -2.87 2.60 15.71
C GLY A 39 -4.06 1.75 16.10
N CYS A 40 -5.24 1.96 15.50
CA CYS A 40 -6.48 1.29 15.87
C CYS A 40 -7.27 0.96 14.60
N GLY A 41 -7.03 -0.23 14.06
CA GLY A 41 -7.57 -0.68 12.77
C GLY A 41 -6.68 -0.32 11.59
N GLY A 42 -6.88 -1.04 10.49
CA GLY A 42 -6.17 -0.83 9.24
C GLY A 42 -6.30 -2.04 8.32
N ASN A 43 -6.43 -1.80 7.03
CA ASN A 43 -6.46 -2.83 6.01
C ASN A 43 -5.04 -3.36 5.68
N ALA A 44 -4.91 -4.19 4.63
CA ALA A 44 -3.62 -4.68 4.14
C ALA A 44 -2.84 -3.67 3.26
N ASN A 45 -3.31 -2.44 3.11
CA ASN A 45 -2.56 -1.37 2.42
C ASN A 45 -1.78 -0.50 3.39
N ASN A 46 -1.01 -1.13 4.29
CA ASN A 46 -0.13 -0.46 5.23
C ASN A 46 1.33 -0.63 4.80
N PHE A 47 1.74 -0.02 3.69
CA PHE A 47 3.11 -0.17 3.21
C PHE A 47 4.10 0.74 3.95
N GLU A 48 5.36 0.32 3.99
CA GLU A 48 6.43 1.08 4.64
C GLU A 48 6.82 2.34 3.84
N THR A 49 7.07 2.17 2.54
CA THR A 49 7.49 3.27 1.65
C THR A 49 7.07 3.02 0.19
N ARG A 50 7.36 3.99 -0.69
CA ARG A 50 7.24 3.86 -2.15
C ARG A 50 8.00 2.66 -2.73
N ALA A 51 9.01 2.13 -2.04
CA ALA A 51 9.72 0.93 -2.48
C ALA A 51 8.87 -0.33 -2.28
N GLU A 52 8.36 -0.51 -1.06
CA GLU A 52 7.47 -1.61 -0.72
C GLU A 52 6.16 -1.55 -1.50
N CYS A 53 5.58 -0.36 -1.69
CA CYS A 53 4.32 -0.22 -2.44
C CYS A 53 4.34 -0.89 -3.82
N ARG A 54 5.54 -0.93 -4.44
CA ARG A 54 5.81 -1.62 -5.69
C ARG A 54 5.94 -3.11 -5.46
N HIS A 55 6.77 -3.53 -4.50
CA HIS A 55 6.97 -4.96 -4.18
C HIS A 55 5.67 -5.66 -3.73
N THR A 56 4.71 -4.93 -3.17
CA THR A 56 3.43 -5.45 -2.68
C THR A 56 2.30 -5.38 -3.70
N CYS A 57 2.38 -4.52 -4.73
CA CYS A 57 1.34 -4.43 -5.75
C CYS A 57 1.89 -4.36 -7.18
N VAL A 58 2.81 -3.44 -7.50
CA VAL A 58 3.36 -3.24 -8.85
C VAL A 58 4.89 -3.49 -8.94
N ALA A 59 5.26 -4.78 -8.95
CA ALA A 59 6.64 -5.25 -9.03
C ALA A 59 7.02 -5.74 -10.43
N SER A 60 8.27 -6.17 -10.63
CA SER A 60 8.79 -6.74 -11.89
C SER A 60 8.54 -5.89 -13.14
N ARG A 61 9.47 -4.94 -13.40
CA ARG A 61 9.43 -4.03 -14.56
C ARG A 61 10.61 -4.28 -15.49
N LYS A 62 10.36 -4.21 -16.79
CA LYS A 62 11.38 -4.37 -17.84
C LYS A 62 11.67 -3.06 -18.61
N GLY A 63 10.99 -1.96 -18.23
CA GLY A 63 11.10 -0.67 -18.89
C GLY A 63 9.84 0.17 -18.68
N GLY A 64 9.04 0.29 -19.74
CA GLY A 64 7.82 1.10 -19.77
C GLY A 64 8.15 2.60 -19.76
N PRO A 65 8.58 3.17 -20.90
CA PRO A 65 8.85 4.60 -21.04
C PRO A 65 7.64 5.45 -20.64
N ARG A 66 7.87 6.49 -19.85
CA ARG A 66 6.85 7.44 -19.35
C ARG A 66 7.43 8.69 -18.67
N ARG A 67 8.76 8.77 -18.59
CA ARG A 67 9.49 9.86 -17.92
C ARG A 67 9.80 10.99 -18.92
N PRO A 68 10.25 10.67 -20.15
CA PRO A 68 10.33 11.65 -21.22
C PRO A 68 8.93 11.99 -21.71
N ASP A 2 -2.83 -8.32 -11.88
CA ASP A 2 -1.48 -8.87 -11.68
C ASP A 2 -0.95 -8.69 -10.23
N ARG A 3 -1.74 -8.05 -9.38
CA ARG A 3 -1.38 -7.55 -8.04
C ARG A 3 -2.46 -7.96 -7.03
N PRO A 4 -2.26 -7.80 -5.72
CA PRO A 4 -3.26 -8.19 -4.74
C PRO A 4 -4.50 -7.29 -4.83
N LYS A 5 -5.66 -7.87 -4.47
CA LYS A 5 -6.96 -7.19 -4.50
C LYS A 5 -7.12 -6.15 -3.39
N PHE A 6 -6.44 -6.35 -2.25
CA PHE A 6 -6.45 -5.35 -1.17
C PHE A 6 -5.83 -4.02 -1.58
N CYS A 7 -5.13 -3.97 -2.73
CA CYS A 7 -4.67 -2.72 -3.33
C CYS A 7 -5.80 -1.77 -3.73
N TYR A 8 -6.99 -2.28 -4.02
CA TYR A 8 -8.14 -1.47 -4.44
C TYR A 8 -8.85 -0.80 -3.27
N LEU A 9 -8.45 -1.14 -2.04
CA LEU A 9 -8.98 -0.54 -0.82
C LEU A 9 -8.29 0.82 -0.61
N PRO A 10 -9.05 1.93 -0.53
CA PRO A 10 -8.53 3.27 -0.21
C PRO A 10 -7.65 3.29 1.03
N ASP A 11 -6.86 4.36 1.21
CA ASP A 11 -5.94 4.45 2.35
C ASP A 11 -6.68 4.18 3.66
N ASP A 12 -6.10 3.29 4.45
CA ASP A 12 -6.74 2.71 5.63
C ASP A 12 -5.89 2.92 6.89
N PRO A 13 -5.57 4.17 7.26
CA PRO A 13 -4.84 4.47 8.51
C PRO A 13 -5.50 3.93 9.78
N GLY A 14 -6.79 3.63 9.69
CA GLY A 14 -7.62 3.12 10.76
C GLY A 14 -8.13 4.20 11.69
N VAL A 15 -8.67 3.77 12.83
CA VAL A 15 -9.40 4.62 13.78
C VAL A 15 -8.57 5.04 14.99
N CYS A 16 -7.45 4.33 15.28
CA CYS A 16 -6.58 4.66 16.42
C CYS A 16 -6.05 6.10 16.42
N LYS A 17 -6.05 6.78 15.26
CA LYS A 17 -5.71 8.21 15.13
C LYS A 17 -4.39 8.59 15.79
N ALA A 18 -3.32 7.87 15.46
CA ALA A 18 -1.96 8.15 15.92
C ALA A 18 -1.16 8.91 14.84
N HIS A 19 0.14 8.61 14.71
CA HIS A 19 1.00 9.24 13.71
C HIS A 19 2.15 8.33 13.26
N ILE A 20 1.98 7.56 12.19
CA ILE A 20 3.04 6.69 11.66
C ILE A 20 3.15 6.87 10.13
N PRO A 21 4.32 7.25 9.56
CA PRO A 21 4.51 7.36 8.12
C PRO A 21 4.16 6.04 7.42
N ARG A 22 3.19 6.09 6.51
CA ARG A 22 2.68 4.90 5.82
C ARG A 22 2.30 5.24 4.38
N PHE A 23 2.22 4.21 3.55
CA PHE A 23 1.96 4.35 2.12
C PHE A 23 0.90 3.33 1.70
N TYR A 24 0.22 3.59 0.60
CA TYR A 24 -0.81 2.70 0.07
C TYR A 24 -0.84 2.78 -1.47
N TYR A 25 -1.32 1.71 -2.13
CA TYR A 25 -1.46 1.70 -3.57
C TYR A 25 -2.83 2.24 -3.96
N ASN A 26 -2.90 3.16 -4.92
CA ASN A 26 -4.14 3.68 -5.46
C ASN A 26 -4.34 3.23 -6.92
N PRO A 27 -4.97 2.06 -7.18
CA PRO A 27 -5.24 1.56 -8.53
C PRO A 27 -6.05 2.55 -9.37
N ALA A 28 -7.01 3.25 -8.76
CA ALA A 28 -7.85 4.25 -9.43
C ALA A 28 -7.05 5.39 -10.08
N SER A 29 -5.77 5.54 -9.72
CA SER A 29 -4.83 6.51 -10.32
C SER A 29 -3.51 5.86 -10.74
N ASN A 30 -3.38 4.53 -10.64
CA ASN A 30 -2.16 3.77 -10.91
C ASN A 30 -0.89 4.34 -10.19
N LYS A 31 -1.02 4.75 -8.93
CA LYS A 31 0.07 5.40 -8.21
C LYS A 31 0.02 5.17 -6.70
N CYS A 32 1.17 5.19 -6.06
CA CYS A 32 1.24 5.13 -4.60
C CYS A 32 0.88 6.48 -3.95
N LYS A 33 0.50 6.46 -2.67
CA LYS A 33 0.33 7.68 -1.85
C LYS A 33 1.03 7.55 -0.49
N GLU A 34 1.24 8.69 0.16
CA GLU A 34 1.85 8.83 1.48
C GLU A 34 0.76 9.33 2.44
N PHE A 35 0.36 8.49 3.40
CA PHE A 35 -0.68 8.80 4.38
C PHE A 35 -0.13 8.59 5.81
N ILE A 36 -0.79 9.17 6.81
CA ILE A 36 -0.42 8.94 8.21
C ILE A 36 -1.28 7.86 8.84
N TYR A 37 -0.65 6.76 9.24
CA TYR A 37 -1.26 5.62 9.90
C TYR A 37 -1.45 5.84 11.40
N GLY A 38 -2.51 5.23 11.95
CA GLY A 38 -2.80 5.22 13.37
C GLY A 38 -2.16 4.02 14.07
N GLY A 39 -2.93 2.94 14.21
CA GLY A 39 -2.58 1.81 15.08
C GLY A 39 -3.55 0.63 15.00
N CYS A 40 -4.76 0.84 14.50
CA CYS A 40 -5.81 -0.18 14.47
C CYS A 40 -6.90 0.21 13.47
N GLY A 41 -7.44 -0.77 12.73
CA GLY A 41 -8.48 -0.55 11.71
C GLY A 41 -7.95 -0.31 10.30
N GLY A 42 -6.75 -0.80 9.98
CA GLY A 42 -6.16 -0.75 8.63
C GLY A 42 -6.18 -2.10 7.93
N ASN A 43 -6.31 -2.08 6.61
CA ASN A 43 -6.28 -3.25 5.74
C ASN A 43 -4.82 -3.74 5.57
N ALA A 44 -4.58 -4.63 4.61
CA ALA A 44 -3.24 -5.04 4.20
C ALA A 44 -2.56 -4.07 3.21
N ASN A 45 -3.20 -2.94 2.88
CA ASN A 45 -2.67 -1.95 1.93
C ASN A 45 -1.75 -0.92 2.62
N ASN A 46 -1.31 -1.22 3.86
CA ASN A 46 -0.54 -0.37 4.75
C ASN A 46 0.97 -0.56 4.56
N PHE A 47 1.52 -0.06 3.47
CA PHE A 47 2.94 -0.16 3.14
C PHE A 47 3.81 0.81 3.94
N GLU A 48 5.11 0.55 3.96
CA GLU A 48 6.07 1.43 4.65
C GLU A 48 6.49 2.64 3.81
N THR A 49 6.82 2.39 2.53
CA THR A 49 7.26 3.43 1.58
C THR A 49 6.90 3.05 0.16
N ARG A 50 7.14 3.94 -0.82
CA ARG A 50 6.98 3.65 -2.26
C ARG A 50 7.75 2.40 -2.72
N ALA A 51 8.81 2.01 -2.01
CA ALA A 51 9.60 0.81 -2.31
C ALA A 51 8.83 -0.48 -1.96
N GLU A 52 8.28 -0.57 -0.75
CA GLU A 52 7.39 -1.67 -0.37
C GLU A 52 6.09 -1.61 -1.19
N CYS A 53 5.58 -0.43 -1.47
CA CYS A 53 4.35 -0.24 -2.25
C CYS A 53 4.34 -0.98 -3.60
N ARG A 54 5.47 -0.87 -4.33
CA ARG A 54 5.64 -1.66 -5.56
C ARG A 54 5.89 -3.12 -5.26
N HIS A 55 6.70 -3.46 -4.25
CA HIS A 55 7.00 -4.86 -3.93
C HIS A 55 5.77 -5.67 -3.50
N THR A 56 4.76 -5.01 -2.93
CA THR A 56 3.48 -5.59 -2.56
C THR A 56 2.47 -5.59 -3.71
N CYS A 57 2.44 -4.51 -4.50
CA CYS A 57 1.48 -4.38 -5.62
C CYS A 57 2.18 -4.46 -6.98
N VAL A 58 2.88 -3.40 -7.39
CA VAL A 58 3.54 -3.31 -8.72
C VAL A 58 4.89 -4.05 -8.72
N ALA A 59 4.85 -5.36 -8.48
CA ALA A 59 6.03 -6.20 -8.35
C ALA A 59 6.23 -7.09 -9.58
N SER A 60 7.48 -7.23 -10.00
CA SER A 60 7.86 -8.09 -11.14
C SER A 60 9.05 -9.00 -10.78
N ARG A 61 9.26 -9.26 -9.48
CA ARG A 61 10.37 -10.06 -8.94
C ARG A 61 9.83 -11.23 -8.13
N LYS A 62 10.69 -12.24 -7.91
CA LYS A 62 10.39 -13.39 -7.04
C LYS A 62 10.30 -12.96 -5.57
N GLY A 63 9.44 -13.65 -4.81
CA GLY A 63 9.26 -13.48 -3.36
C GLY A 63 9.72 -14.68 -2.54
N GLY A 64 10.73 -15.43 -3.00
CA GLY A 64 11.27 -16.61 -2.31
C GLY A 64 12.67 -16.37 -1.75
N PRO A 65 13.01 -16.92 -0.56
CA PRO A 65 14.35 -16.83 0.01
C PRO A 65 15.42 -17.48 -0.87
N ARG A 66 16.69 -17.13 -0.65
CA ARG A 66 17.83 -17.78 -1.28
C ARG A 66 18.20 -19.06 -0.53
N ARG A 67 18.45 -20.14 -1.26
CA ARG A 67 18.84 -21.47 -0.77
C ARG A 67 20.22 -21.87 -1.30
N PRO A 68 20.46 -21.82 -2.62
CA PRO A 68 21.81 -21.95 -3.18
C PRO A 68 22.59 -20.67 -2.94
N ASP A 2 -3.36 -7.70 -12.30
CA ASP A 2 -3.07 -9.05 -11.76
C ASP A 2 -2.51 -9.05 -10.32
N ARG A 3 -2.39 -7.88 -9.71
CA ARG A 3 -1.96 -7.70 -8.32
C ARG A 3 -2.99 -8.19 -7.28
N PRO A 4 -2.66 -8.26 -5.98
CA PRO A 4 -3.69 -8.55 -4.96
C PRO A 4 -4.84 -7.53 -4.99
N LYS A 5 -6.07 -7.99 -4.70
CA LYS A 5 -7.25 -7.11 -4.67
C LYS A 5 -7.25 -6.16 -3.47
N PHE A 6 -6.57 -6.52 -2.38
CA PHE A 6 -6.47 -5.64 -1.21
C PHE A 6 -5.75 -4.33 -1.54
N CYS A 7 -4.95 -4.27 -2.61
CA CYS A 7 -4.35 -3.05 -3.12
C CYS A 7 -5.40 -2.00 -3.51
N TYR A 8 -6.67 -2.36 -3.65
CA TYR A 8 -7.77 -1.43 -3.92
C TYR A 8 -8.32 -0.76 -2.66
N LEU A 9 -8.01 -1.27 -1.48
CA LEU A 9 -8.48 -0.72 -0.21
C LEU A 9 -7.98 0.74 -0.12
N PRO A 10 -8.86 1.75 -0.09
CA PRO A 10 -8.49 3.16 0.05
C PRO A 10 -7.61 3.37 1.27
N ASP A 11 -6.81 4.44 1.31
CA ASP A 11 -5.92 4.73 2.44
C ASP A 11 -6.73 4.80 3.74
N ASP A 12 -6.64 3.76 4.56
CA ASP A 12 -7.40 3.62 5.81
C ASP A 12 -6.43 3.57 6.99
N PRO A 13 -5.94 4.73 7.45
CA PRO A 13 -5.16 4.82 8.70
C PRO A 13 -5.88 4.37 9.96
N GLY A 14 -7.21 4.21 9.88
CA GLY A 14 -8.11 3.98 10.99
C GLY A 14 -8.47 5.25 11.76
N VAL A 15 -9.00 5.07 12.96
CA VAL A 15 -9.54 6.16 13.81
C VAL A 15 -8.54 6.71 14.82
N CYS A 16 -7.49 5.96 15.18
CA CYS A 16 -6.51 6.39 16.19
C CYS A 16 -5.77 7.67 15.81
N LYS A 17 -5.74 8.02 14.52
CA LYS A 17 -5.02 9.17 13.93
C LYS A 17 -3.51 9.12 14.13
N ALA A 18 -3.04 9.27 15.39
CA ALA A 18 -1.65 9.36 15.82
C ALA A 18 -0.76 10.06 14.78
N HIS A 19 0.43 9.52 14.52
CA HIS A 19 1.30 10.00 13.44
C HIS A 19 2.35 8.98 13.02
N ILE A 20 2.04 8.10 12.06
CA ILE A 20 3.01 7.10 11.59
C ILE A 20 3.05 7.12 10.03
N PRO A 21 4.19 7.43 9.39
CA PRO A 21 4.31 7.40 7.94
C PRO A 21 3.92 6.02 7.38
N ARG A 22 2.87 5.98 6.55
CA ARG A 22 2.35 4.74 5.98
C ARG A 22 1.85 5.01 4.57
N PHE A 23 2.47 4.34 3.61
CA PHE A 23 2.12 4.46 2.21
C PHE A 23 1.06 3.43 1.83
N TYR A 24 0.38 3.64 0.71
CA TYR A 24 -0.58 2.64 0.21
C TYR A 24 -0.59 2.66 -1.32
N TYR A 25 -1.16 1.63 -1.94
CA TYR A 25 -1.31 1.57 -3.39
C TYR A 25 -2.63 2.24 -3.78
N ASN A 26 -2.57 3.15 -4.74
CA ASN A 26 -3.74 3.80 -5.32
C ASN A 26 -3.93 3.27 -6.76
N PRO A 27 -4.84 2.29 -6.98
CA PRO A 27 -5.12 1.78 -8.32
C PRO A 27 -5.66 2.87 -9.25
N ALA A 28 -6.51 3.78 -8.74
CA ALA A 28 -7.13 4.84 -9.55
C ALA A 28 -6.09 5.73 -10.24
N SER A 29 -4.94 5.94 -9.59
CA SER A 29 -3.81 6.67 -10.18
C SER A 29 -2.68 5.75 -10.66
N ASN A 30 -2.77 4.43 -10.47
CA ASN A 30 -1.68 3.46 -10.69
C ASN A 30 -0.38 3.79 -9.89
N LYS A 31 -0.46 4.58 -8.84
CA LYS A 31 0.71 5.08 -8.07
C LYS A 31 0.52 4.89 -6.57
N CYS A 32 1.58 5.10 -5.81
CA CYS A 32 1.56 4.98 -4.36
C CYS A 32 1.36 6.36 -3.72
N LYS A 33 0.60 6.43 -2.63
CA LYS A 33 0.44 7.66 -1.82
C LYS A 33 1.12 7.55 -0.46
N GLU A 34 1.31 8.67 0.19
CA GLU A 34 1.83 8.82 1.56
C GLU A 34 0.68 9.26 2.46
N PHE A 35 0.19 8.38 3.33
CA PHE A 35 -0.84 8.69 4.32
C PHE A 35 -0.23 8.62 5.73
N ILE A 36 -0.90 9.25 6.71
CA ILE A 36 -0.50 9.13 8.12
C ILE A 36 -1.38 8.14 8.84
N TYR A 37 -0.77 7.06 9.33
CA TYR A 37 -1.37 6.00 10.09
C TYR A 37 -1.48 6.32 11.58
N GLY A 38 -2.52 5.77 12.21
CA GLY A 38 -2.77 5.86 13.64
C GLY A 38 -2.26 4.66 14.44
N GLY A 39 -3.16 3.67 14.61
CA GLY A 39 -2.93 2.54 15.53
C GLY A 39 -4.20 1.87 16.06
N CYS A 40 -5.36 2.07 15.41
CA CYS A 40 -6.66 1.50 15.84
C CYS A 40 -7.26 0.51 14.84
N GLY A 41 -6.63 0.36 13.66
CA GLY A 41 -7.21 -0.37 12.52
C GLY A 41 -6.18 -0.46 11.42
N GLY A 42 -6.60 -0.21 10.18
CA GLY A 42 -5.76 -0.42 9.02
C GLY A 42 -6.29 -1.51 8.11
N ASN A 43 -5.94 -1.39 6.85
CA ASN A 43 -6.25 -2.35 5.80
C ASN A 43 -5.04 -3.27 5.52
N ALA A 44 -5.11 -4.08 4.47
CA ALA A 44 -4.00 -4.98 4.10
C ALA A 44 -3.02 -4.39 3.08
N ASN A 45 -3.34 -3.29 2.41
CA ASN A 45 -2.41 -2.56 1.53
C ASN A 45 -1.70 -1.42 2.28
N ASN A 46 -1.57 -1.55 3.59
CA ASN A 46 -0.84 -0.65 4.46
C ASN A 46 0.66 -0.92 4.33
N PHE A 47 1.36 -0.04 3.63
CA PHE A 47 2.79 -0.15 3.39
C PHE A 47 3.57 0.86 4.20
N GLU A 48 4.86 0.65 4.41
CA GLU A 48 5.69 1.63 5.10
C GLU A 48 6.21 2.70 4.16
N THR A 49 6.46 2.33 2.90
CA THR A 49 6.97 3.23 1.87
C THR A 49 6.47 2.85 0.48
N ARG A 50 6.53 3.82 -0.45
CA ARG A 50 6.27 3.59 -1.87
C ARG A 50 7.20 2.54 -2.52
N ALA A 51 8.30 2.17 -1.89
CA ALA A 51 9.18 1.10 -2.34
C ALA A 51 8.52 -0.28 -2.14
N GLU A 52 8.07 -0.56 -0.90
CA GLU A 52 7.28 -1.75 -0.59
C GLU A 52 5.98 -1.78 -1.41
N CYS A 53 5.29 -0.64 -1.55
CA CYS A 53 4.10 -0.52 -2.39
C CYS A 53 4.27 -1.11 -3.80
N ARG A 54 5.41 -0.84 -4.44
CA ARG A 54 5.75 -1.42 -5.74
C ARG A 54 5.97 -2.91 -5.63
N HIS A 55 6.64 -3.40 -4.57
CA HIS A 55 6.90 -4.82 -4.36
C HIS A 55 5.65 -5.62 -3.95
N THR A 56 4.63 -4.96 -3.39
CA THR A 56 3.39 -5.59 -2.93
C THR A 56 2.30 -5.64 -4.00
N CYS A 57 2.16 -4.56 -4.80
CA CYS A 57 1.14 -4.50 -5.85
C CYS A 57 1.75 -4.49 -7.25
N VAL A 58 2.70 -3.61 -7.53
CA VAL A 58 3.28 -3.45 -8.88
C VAL A 58 4.46 -4.39 -9.10
N ALA A 59 4.23 -5.69 -8.85
CA ALA A 59 5.20 -6.76 -8.96
C ALA A 59 4.57 -7.99 -9.60
N SER A 60 5.37 -9.07 -9.80
CA SER A 60 4.89 -10.37 -10.33
C SER A 60 3.98 -10.32 -11.59
N ARG A 61 4.10 -9.26 -12.40
CA ARG A 61 3.29 -9.01 -13.59
C ARG A 61 3.89 -9.56 -14.91
N LYS A 62 4.23 -10.85 -14.94
CA LYS A 62 4.81 -11.52 -16.11
C LYS A 62 4.24 -12.93 -16.29
N GLY A 63 4.14 -13.38 -17.54
CA GLY A 63 3.51 -14.67 -17.86
C GLY A 63 1.99 -14.59 -17.85
N GLY A 64 1.33 -15.65 -17.41
CA GLY A 64 -0.14 -15.74 -17.37
C GLY A 64 -0.63 -16.87 -16.47
N PRO A 65 -0.47 -18.15 -16.84
CA PRO A 65 -0.85 -19.27 -16.00
C PRO A 65 -0.04 -19.31 -14.69
N ARG A 66 -0.68 -19.73 -13.61
CA ARG A 66 -0.13 -19.76 -12.24
C ARG A 66 -0.42 -21.07 -11.51
N ARG A 67 -0.31 -22.19 -12.23
CA ARG A 67 -0.53 -23.55 -11.73
C ARG A 67 0.76 -24.35 -11.90
N PRO A 68 1.55 -24.53 -10.82
CA PRO A 68 2.74 -25.40 -10.82
C PRO A 68 2.38 -26.82 -11.24
N ASP A 2 -3.72 -10.00 -11.37
CA ASP A 2 -2.47 -10.59 -10.86
C ASP A 2 -2.05 -10.04 -9.49
N ARG A 3 -2.26 -8.74 -9.28
CA ARG A 3 -1.87 -8.04 -8.05
C ARG A 3 -2.86 -8.35 -6.92
N PRO A 4 -2.46 -8.22 -5.63
CA PRO A 4 -3.35 -8.45 -4.51
C PRO A 4 -4.56 -7.51 -4.50
N LYS A 5 -5.71 -8.05 -4.09
CA LYS A 5 -7.00 -7.32 -4.02
C LYS A 5 -7.04 -6.33 -2.88
N PHE A 6 -6.40 -6.65 -1.75
CA PHE A 6 -6.29 -5.73 -0.61
C PHE A 6 -5.52 -4.44 -0.98
N CYS A 7 -4.74 -4.47 -2.05
CA CYS A 7 -4.02 -3.30 -2.56
C CYS A 7 -4.92 -2.26 -3.25
N TYR A 8 -6.19 -2.61 -3.50
CA TYR A 8 -7.20 -1.69 -4.05
C TYR A 8 -7.98 -0.93 -2.99
N LEU A 9 -8.04 -1.48 -1.77
CA LEU A 9 -8.73 -0.86 -0.65
C LEU A 9 -8.18 0.56 -0.45
N PRO A 10 -9.02 1.61 -0.46
CA PRO A 10 -8.59 2.99 -0.25
C PRO A 10 -7.78 3.13 1.04
N ASP A 11 -6.97 4.19 1.13
CA ASP A 11 -6.17 4.45 2.30
C ASP A 11 -7.06 4.52 3.54
N ASP A 12 -6.81 3.61 4.47
CA ASP A 12 -7.57 3.48 5.72
C ASP A 12 -6.63 3.72 6.90
N PRO A 13 -6.21 4.97 7.18
CA PRO A 13 -5.48 5.29 8.42
C PRO A 13 -6.25 4.97 9.70
N GLY A 14 -7.55 4.71 9.62
CA GLY A 14 -8.46 4.53 10.73
C GLY A 14 -8.95 5.88 11.29
N VAL A 15 -9.45 5.86 12.53
CA VAL A 15 -10.14 7.00 13.16
C VAL A 15 -9.43 7.57 14.40
N CYS A 16 -8.21 7.11 14.69
CA CYS A 16 -7.44 7.57 15.86
C CYS A 16 -6.86 8.98 15.70
N LYS A 17 -6.81 9.50 14.47
CA LYS A 17 -6.27 10.82 14.14
C LYS A 17 -4.84 11.06 14.68
N ALA A 18 -4.06 9.98 14.87
CA ALA A 18 -2.66 10.06 15.29
C ALA A 18 -1.75 10.50 14.14
N HIS A 19 -0.50 10.07 14.13
CA HIS A 19 0.47 10.53 13.13
C HIS A 19 1.61 9.53 12.90
N ILE A 20 1.33 8.44 12.17
CA ILE A 20 2.33 7.41 11.87
C ILE A 20 2.58 7.36 10.35
N PRO A 21 3.81 7.60 9.85
CA PRO A 21 4.10 7.53 8.41
C PRO A 21 3.73 6.16 7.84
N ARG A 22 2.82 6.14 6.86
CA ARG A 22 2.33 4.92 6.25
C ARG A 22 2.14 5.13 4.73
N PHE A 23 1.97 4.05 4.01
CA PHE A 23 1.89 4.05 2.57
C PHE A 23 0.75 3.15 2.11
N TYR A 24 0.07 3.56 1.04
CA TYR A 24 -0.97 2.76 0.40
C TYR A 24 -0.82 2.88 -1.11
N TYR A 25 -1.06 1.79 -1.83
CA TYR A 25 -1.07 1.84 -3.29
C TYR A 25 -2.44 2.25 -3.78
N ASN A 26 -2.52 3.13 -4.78
CA ASN A 26 -3.76 3.44 -5.48
C ASN A 26 -3.77 2.81 -6.88
N PRO A 27 -4.29 1.58 -7.07
CA PRO A 27 -4.44 0.95 -8.37
C PRO A 27 -5.20 1.80 -9.39
N ALA A 28 -6.17 2.61 -8.95
CA ALA A 28 -6.98 3.45 -9.84
C ALA A 28 -6.13 4.37 -10.72
N SER A 29 -5.03 4.92 -10.18
CA SER A 29 -4.03 5.69 -10.92
C SER A 29 -2.68 4.98 -11.04
N ASN A 30 -2.63 3.69 -10.70
CA ASN A 30 -1.44 2.87 -10.62
C ASN A 30 -0.25 3.57 -9.90
N LYS A 31 -0.47 4.17 -8.72
CA LYS A 31 0.55 4.96 -8.01
C LYS A 31 0.35 4.93 -6.50
N CYS A 32 1.41 4.63 -5.75
CA CYS A 32 1.42 4.69 -4.30
C CYS A 32 1.51 6.14 -3.76
N LYS A 33 1.07 6.36 -2.53
CA LYS A 33 1.24 7.62 -1.78
C LYS A 33 1.67 7.35 -0.34
N GLU A 34 2.21 8.37 0.32
CA GLU A 34 2.47 8.39 1.76
C GLU A 34 1.26 9.05 2.45
N PHE A 35 0.62 8.33 3.37
CA PHE A 35 -0.50 8.81 4.17
C PHE A 35 -0.17 8.66 5.65
N ILE A 36 -0.75 9.54 6.48
CA ILE A 36 -0.60 9.43 7.93
C ILE A 36 -1.61 8.46 8.53
N TYR A 37 -1.10 7.40 9.14
CA TYR A 37 -1.87 6.41 9.88
C TYR A 37 -2.18 6.84 11.32
N GLY A 38 -3.32 6.39 11.83
CA GLY A 38 -3.81 6.63 13.19
C GLY A 38 -3.44 5.50 14.14
N GLY A 39 -4.28 4.46 14.20
CA GLY A 39 -4.20 3.41 15.23
C GLY A 39 -5.54 2.83 15.67
N CYS A 40 -6.67 3.33 15.18
CA CYS A 40 -8.01 2.88 15.56
C CYS A 40 -8.66 2.07 14.43
N GLY A 41 -7.91 1.16 13.81
CA GLY A 41 -8.37 0.38 12.66
C GLY A 41 -7.26 0.18 11.65
N GLY A 42 -7.58 0.31 10.37
CA GLY A 42 -6.69 0.03 9.26
C GLY A 42 -7.05 -1.25 8.51
N ASN A 43 -6.29 -1.50 7.45
CA ASN A 43 -6.47 -2.63 6.57
C ASN A 43 -5.10 -3.26 6.20
N ALA A 44 -5.10 -4.31 5.40
CA ALA A 44 -3.85 -4.91 4.91
C ALA A 44 -3.04 -3.95 3.97
N ASN A 45 -3.63 -2.83 3.53
CA ASN A 45 -2.97 -1.83 2.67
C ASN A 45 -2.30 -0.75 3.51
N ASN A 46 -1.12 -1.09 4.05
CA ASN A 46 -0.40 -0.21 4.96
C ASN A 46 1.08 -0.57 4.96
N PHE A 47 1.91 0.25 4.32
CA PHE A 47 3.35 0.01 4.18
C PHE A 47 4.17 1.13 4.82
N GLU A 48 5.46 0.92 5.03
CA GLU A 48 6.35 1.91 5.63
C GLU A 48 7.03 2.78 4.55
N THR A 49 7.01 2.31 3.29
CA THR A 49 7.58 2.98 2.13
C THR A 49 6.82 2.69 0.84
N ARG A 50 7.11 3.49 -0.19
CA ARG A 50 6.63 3.28 -1.56
C ARG A 50 7.36 2.16 -2.31
N ALA A 51 8.48 1.65 -1.80
CA ALA A 51 9.29 0.62 -2.45
C ALA A 51 8.56 -0.74 -2.43
N GLU A 52 8.27 -1.22 -1.23
CA GLU A 52 7.40 -2.36 -0.97
C GLU A 52 6.01 -2.16 -1.58
N CYS A 53 5.44 -0.95 -1.52
CA CYS A 53 4.15 -0.62 -2.10
C CYS A 53 4.11 -0.93 -3.61
N ARG A 54 5.13 -0.51 -4.37
CA ARG A 54 5.28 -0.86 -5.79
C ARG A 54 5.58 -2.33 -5.98
N HIS A 55 6.33 -2.98 -5.08
CA HIS A 55 6.62 -4.41 -5.17
C HIS A 55 5.39 -5.31 -4.87
N THR A 56 4.45 -4.82 -4.06
CA THR A 56 3.22 -5.53 -3.70
C THR A 56 2.15 -5.38 -4.77
N CYS A 57 1.92 -4.17 -5.27
CA CYS A 57 0.91 -3.94 -6.30
C CYS A 57 1.42 -4.14 -7.75
N VAL A 58 2.74 -4.06 -7.96
CA VAL A 58 3.38 -4.13 -9.29
C VAL A 58 4.62 -5.02 -9.22
N ALA A 59 4.38 -6.32 -9.00
CA ALA A 59 5.44 -7.31 -8.96
C ALA A 59 5.98 -7.61 -10.36
N SER A 60 7.31 -7.55 -10.55
CA SER A 60 7.98 -7.91 -11.81
C SER A 60 9.40 -8.39 -11.54
N ARG A 61 9.64 -9.70 -11.63
CA ARG A 61 10.95 -10.31 -11.34
C ARG A 61 11.34 -11.40 -12.34
N LYS A 62 11.14 -11.12 -13.61
CA LYS A 62 11.47 -12.04 -14.74
C LYS A 62 12.97 -12.31 -14.92
N GLY A 63 13.83 -11.41 -14.45
CA GLY A 63 15.28 -11.45 -14.65
C GLY A 63 15.90 -10.06 -14.58
N GLY A 64 16.91 -9.81 -15.40
CA GLY A 64 17.61 -8.53 -15.47
C GLY A 64 18.06 -8.17 -16.89
N PRO A 65 19.10 -8.85 -17.42
CA PRO A 65 19.60 -8.61 -18.77
C PRO A 65 18.61 -9.07 -19.86
N ARG A 66 19.01 -8.89 -21.12
CA ARG A 66 18.25 -9.32 -22.31
C ARG A 66 19.20 -9.96 -23.33
N ARG A 67 18.74 -11.03 -23.99
CA ARG A 67 19.45 -11.68 -25.09
C ARG A 67 19.08 -11.02 -26.42
N PRO A 68 19.97 -10.98 -27.42
CA PRO A 68 19.69 -10.44 -28.76
C PRO A 68 18.49 -11.15 -29.41
N ASP A 2 -3.76 -10.21 -11.48
CA ASP A 2 -2.68 -10.98 -10.80
C ASP A 2 -2.15 -10.28 -9.54
N ARG A 3 -2.62 -9.06 -9.26
CA ARG A 3 -2.19 -8.22 -8.14
C ARG A 3 -3.10 -8.48 -6.94
N PRO A 4 -2.62 -8.25 -5.70
CA PRO A 4 -3.45 -8.44 -4.52
C PRO A 4 -4.68 -7.54 -4.53
N LYS A 5 -5.83 -8.08 -4.13
CA LYS A 5 -7.12 -7.37 -4.05
C LYS A 5 -7.13 -6.31 -2.96
N PHE A 6 -6.41 -6.57 -1.85
CA PHE A 6 -6.26 -5.61 -0.75
C PHE A 6 -5.54 -4.33 -1.19
N CYS A 7 -4.87 -4.32 -2.35
CA CYS A 7 -4.31 -3.10 -2.94
C CYS A 7 -5.39 -2.11 -3.38
N TYR A 8 -6.62 -2.57 -3.65
CA TYR A 8 -7.75 -1.76 -4.10
C TYR A 8 -8.49 -1.08 -2.94
N LEU A 9 -8.04 -1.29 -1.70
CA LEU A 9 -8.59 -0.64 -0.52
C LEU A 9 -8.00 0.77 -0.42
N PRO A 10 -8.81 1.85 -0.53
CA PRO A 10 -8.38 3.24 -0.30
C PRO A 10 -7.59 3.40 1.01
N ASP A 11 -6.80 4.46 1.12
CA ASP A 11 -6.05 4.72 2.35
C ASP A 11 -7.01 4.72 3.54
N ASP A 12 -6.74 3.80 4.48
CA ASP A 12 -7.56 3.61 5.67
C ASP A 12 -6.70 3.84 6.93
N PRO A 13 -6.26 5.10 7.18
CA PRO A 13 -5.58 5.45 8.44
C PRO A 13 -6.40 5.22 9.70
N GLY A 14 -7.70 4.95 9.56
CA GLY A 14 -8.64 4.83 10.64
C GLY A 14 -9.25 6.17 11.06
N VAL A 15 -9.90 6.18 12.22
CA VAL A 15 -10.58 7.38 12.75
C VAL A 15 -9.65 8.29 13.56
N CYS A 16 -8.60 7.73 14.14
CA CYS A 16 -7.61 8.47 14.90
C CYS A 16 -6.46 8.97 14.01
N LYS A 17 -5.53 9.68 14.63
CA LYS A 17 -4.39 10.30 13.94
C LYS A 17 -3.19 10.44 14.87
N ALA A 18 -2.74 9.30 15.41
CA ALA A 18 -1.53 9.22 16.25
C ALA A 18 -0.25 9.67 15.53
N HIS A 19 -0.34 9.91 14.21
CA HIS A 19 0.70 10.50 13.38
C HIS A 19 1.82 9.53 13.05
N ILE A 20 1.48 8.44 12.36
CA ILE A 20 2.44 7.39 11.99
C ILE A 20 2.65 7.39 10.47
N PRO A 21 3.88 7.60 9.95
CA PRO A 21 4.15 7.53 8.51
C PRO A 21 3.75 6.17 7.94
N ARG A 22 2.80 6.17 7.02
CA ARG A 22 2.28 4.96 6.38
C ARG A 22 2.07 5.21 4.89
N PHE A 23 1.93 4.15 4.13
CA PHE A 23 1.82 4.17 2.67
C PHE A 23 0.70 3.25 2.23
N TYR A 24 0.06 3.62 1.12
CA TYR A 24 -0.95 2.79 0.48
C TYR A 24 -0.79 2.88 -1.03
N TYR A 25 -1.10 1.80 -1.75
CA TYR A 25 -1.07 1.81 -3.20
C TYR A 25 -2.45 2.17 -3.78
N ASN A 26 -2.51 3.12 -4.71
CA ASN A 26 -3.70 3.48 -5.45
C ASN A 26 -3.68 2.81 -6.85
N PRO A 27 -4.33 1.65 -7.02
CA PRO A 27 -4.41 0.97 -8.32
C PRO A 27 -5.25 1.74 -9.34
N ALA A 28 -6.10 2.68 -8.89
CA ALA A 28 -6.88 3.57 -9.76
C ALA A 28 -6.02 4.63 -10.48
N SER A 29 -4.73 4.76 -10.13
CA SER A 29 -3.77 5.71 -10.71
C SER A 29 -2.40 5.06 -10.99
N ASN A 30 -2.30 3.73 -10.82
CA ASN A 30 -1.06 2.97 -10.97
C ASN A 30 0.12 3.53 -10.13
N LYS A 31 -0.15 4.03 -8.91
CA LYS A 31 0.88 4.62 -8.05
C LYS A 31 0.47 4.65 -6.58
N CYS A 32 1.44 4.59 -5.67
CA CYS A 32 1.17 4.75 -4.24
C CYS A 32 1.34 6.19 -3.76
N LYS A 33 0.92 6.44 -2.52
CA LYS A 33 1.13 7.70 -1.80
C LYS A 33 1.44 7.44 -0.32
N GLU A 34 2.03 8.42 0.32
CA GLU A 34 2.21 8.46 1.77
C GLU A 34 0.99 9.08 2.45
N PHE A 35 0.54 8.47 3.54
CA PHE A 35 -0.56 8.95 4.38
C PHE A 35 -0.16 8.86 5.86
N ILE A 36 -0.85 9.59 6.72
CA ILE A 36 -0.65 9.51 8.18
C ILE A 36 -1.63 8.54 8.81
N TYR A 37 -1.13 7.51 9.45
CA TYR A 37 -1.89 6.51 10.16
C TYR A 37 -2.17 6.90 11.63
N GLY A 38 -3.31 6.44 12.17
CA GLY A 38 -3.66 6.57 13.57
C GLY A 38 -4.00 5.23 14.20
N GLY A 39 -3.74 5.07 15.50
CA GLY A 39 -3.97 3.81 16.22
C GLY A 39 -5.45 3.48 16.50
N CYS A 40 -6.34 3.60 15.51
CA CYS A 40 -7.77 3.31 15.67
C CYS A 40 -8.38 2.80 14.34
N GLY A 41 -8.18 1.52 14.05
CA GLY A 41 -8.61 0.89 12.80
C GLY A 41 -7.55 0.95 11.72
N GLY A 42 -7.77 0.18 10.65
CA GLY A 42 -6.85 0.06 9.52
C GLY A 42 -7.19 -1.12 8.62
N ASN A 43 -6.38 -1.31 7.59
CA ASN A 43 -6.55 -2.36 6.59
C ASN A 43 -5.23 -3.08 6.26
N ALA A 44 -5.21 -3.95 5.26
CA ALA A 44 -3.99 -4.61 4.81
C ALA A 44 -3.07 -3.72 3.95
N ASN A 45 -3.59 -2.65 3.34
CA ASN A 45 -2.81 -1.73 2.50
C ASN A 45 -2.14 -0.65 3.36
N ASN A 46 -1.07 -1.04 4.04
CA ASN A 46 -0.34 -0.15 4.94
C ASN A 46 1.16 -0.50 4.90
N PHE A 47 1.97 0.40 4.36
CA PHE A 47 3.41 0.22 4.13
C PHE A 47 4.25 1.34 4.72
N GLU A 48 5.56 1.20 4.75
CA GLU A 48 6.46 2.23 5.31
C GLU A 48 7.11 3.10 4.24
N THR A 49 7.14 2.63 2.99
CA THR A 49 7.69 3.36 1.83
C THR A 49 6.99 3.01 0.53
N ARG A 50 7.47 3.61 -0.58
CA ARG A 50 7.04 3.29 -1.95
C ARG A 50 7.72 2.05 -2.55
N ALA A 51 8.89 1.65 -2.04
CA ALA A 51 9.64 0.54 -2.63
C ALA A 51 8.84 -0.76 -2.54
N GLU A 52 8.30 -1.04 -1.36
CA GLU A 52 7.36 -2.11 -1.08
C GLU A 52 6.00 -1.91 -1.76
N CYS A 53 5.46 -0.68 -1.85
CA CYS A 53 4.21 -0.42 -2.57
C CYS A 53 4.26 -0.95 -4.01
N ARG A 54 5.42 -0.78 -4.68
CA ARG A 54 5.67 -1.31 -6.03
C ARG A 54 5.89 -2.80 -6.00
N HIS A 55 6.62 -3.33 -5.02
CA HIS A 55 6.80 -4.77 -4.87
C HIS A 55 5.50 -5.52 -4.57
N THR A 56 4.48 -4.84 -4.03
CA THR A 56 3.20 -5.42 -3.65
C THR A 56 2.18 -5.37 -4.80
N CYS A 57 1.97 -4.19 -5.40
CA CYS A 57 0.95 -4.03 -6.44
C CYS A 57 1.51 -3.96 -7.87
N VAL A 58 2.85 -3.98 -8.02
CA VAL A 58 3.56 -3.93 -9.30
C VAL A 58 4.61 -5.05 -9.38
N ALA A 59 4.17 -6.28 -9.16
CA ALA A 59 4.99 -7.48 -9.32
C ALA A 59 4.12 -8.72 -9.57
N SER A 60 4.64 -9.69 -10.33
CA SER A 60 4.05 -11.02 -10.56
C SER A 60 4.66 -12.10 -9.64
N ARG A 61 5.25 -11.66 -8.52
CA ARG A 61 6.01 -12.48 -7.57
C ARG A 61 5.55 -12.17 -6.15
N LYS A 62 5.89 -13.06 -5.22
CA LYS A 62 5.67 -12.87 -3.79
C LYS A 62 6.81 -12.03 -3.18
N GLY A 63 8.02 -12.59 -3.11
CA GLY A 63 9.14 -11.95 -2.40
C GLY A 63 8.75 -11.53 -0.96
N GLY A 64 9.22 -10.36 -0.53
CA GLY A 64 9.02 -9.84 0.82
C GLY A 64 10.11 -10.33 1.78
N PRO A 65 11.35 -9.76 1.69
CA PRO A 65 12.42 -10.11 2.61
C PRO A 65 12.01 -9.92 4.07
N ARG A 66 12.37 -10.86 4.93
CA ARG A 66 12.11 -10.84 6.37
C ARG A 66 13.39 -11.23 7.09
N ARG A 67 13.98 -10.29 7.81
CA ARG A 67 15.16 -10.50 8.68
C ARG A 67 14.73 -10.39 10.15
N PRO A 68 15.42 -11.07 11.08
CA PRO A 68 15.19 -10.91 12.52
C PRO A 68 15.47 -9.46 12.97
N ASP A 2 -3.11 -10.37 -10.69
CA ASP A 2 -1.79 -10.87 -10.24
C ASP A 2 -1.34 -10.30 -8.87
N ARG A 3 -2.07 -9.31 -8.36
CA ARG A 3 -1.75 -8.55 -7.14
C ARG A 3 -2.85 -8.74 -6.10
N PRO A 4 -2.63 -8.40 -4.82
CA PRO A 4 -3.63 -8.64 -3.79
C PRO A 4 -4.81 -7.68 -3.90
N LYS A 5 -6.03 -8.14 -3.56
CA LYS A 5 -7.22 -7.28 -3.61
C LYS A 5 -7.20 -6.16 -2.56
N PHE A 6 -6.52 -6.36 -1.42
CA PHE A 6 -6.39 -5.31 -0.40
C PHE A 6 -5.60 -4.09 -0.92
N CYS A 7 -4.87 -4.27 -2.03
CA CYS A 7 -4.23 -3.19 -2.75
C CYS A 7 -5.24 -2.14 -3.28
N TYR A 8 -6.49 -2.53 -3.52
CA TYR A 8 -7.54 -1.66 -4.05
C TYR A 8 -8.29 -0.87 -2.96
N LEU A 9 -8.05 -1.21 -1.69
CA LEU A 9 -8.70 -0.51 -0.58
C LEU A 9 -8.06 0.88 -0.45
N PRO A 10 -8.82 1.98 -0.60
CA PRO A 10 -8.32 3.35 -0.45
C PRO A 10 -7.57 3.54 0.87
N ASP A 11 -6.70 4.56 0.93
CA ASP A 11 -5.94 4.86 2.15
C ASP A 11 -6.88 4.96 3.35
N ASP A 12 -6.79 3.97 4.26
CA ASP A 12 -7.66 3.82 5.42
C ASP A 12 -6.80 3.83 6.69
N PRO A 13 -6.34 5.01 7.14
CA PRO A 13 -5.62 5.17 8.41
C PRO A 13 -6.39 4.71 9.66
N GLY A 14 -7.69 4.46 9.54
CA GLY A 14 -8.59 4.08 10.60
C GLY A 14 -9.39 5.26 11.17
N VAL A 15 -10.16 4.97 12.22
CA VAL A 15 -11.07 5.94 12.86
C VAL A 15 -10.31 7.05 13.58
N CYS A 16 -9.24 6.67 14.29
CA CYS A 16 -8.39 7.61 15.00
C CYS A 16 -7.49 8.42 14.04
N LYS A 17 -7.03 9.56 14.51
CA LYS A 17 -6.24 10.54 13.75
C LYS A 17 -4.96 10.91 14.46
N ALA A 18 -4.19 9.90 14.85
CA ALA A 18 -2.86 10.07 15.46
C ALA A 18 -1.84 10.51 14.40
N HIS A 19 -0.60 10.02 14.47
CA HIS A 19 0.43 10.39 13.50
C HIS A 19 1.47 9.31 13.28
N ILE A 20 1.27 8.42 12.32
CA ILE A 20 2.23 7.36 11.97
C ILE A 20 2.46 7.36 10.44
N PRO A 21 3.68 7.63 9.94
CA PRO A 21 3.99 7.57 8.51
C PRO A 21 3.63 6.21 7.93
N ARG A 22 2.70 6.18 6.97
CA ARG A 22 2.23 4.96 6.34
C ARG A 22 2.01 5.16 4.85
N PHE A 23 1.90 4.09 4.11
CA PHE A 23 1.80 4.10 2.65
C PHE A 23 0.71 3.17 2.18
N TYR A 24 0.08 3.53 1.08
CA TYR A 24 -0.90 2.69 0.40
C TYR A 24 -0.70 2.78 -1.11
N TYR A 25 -1.01 1.71 -1.81
CA TYR A 25 -0.98 1.70 -3.27
C TYR A 25 -2.34 2.06 -3.84
N ASN A 26 -2.39 2.98 -4.79
CA ASN A 26 -3.60 3.35 -5.52
C ASN A 26 -3.58 2.66 -6.90
N PRO A 27 -4.23 1.49 -7.06
CA PRO A 27 -4.33 0.81 -8.35
C PRO A 27 -5.30 1.48 -9.32
N ALA A 28 -6.16 2.39 -8.84
CA ALA A 28 -7.03 3.21 -9.70
C ALA A 28 -6.24 4.30 -10.46
N SER A 29 -4.99 4.55 -10.11
CA SER A 29 -4.09 5.48 -10.82
C SER A 29 -2.66 4.97 -10.96
N ASN A 30 -2.41 3.69 -10.62
CA ASN A 30 -1.09 3.05 -10.63
C ASN A 30 0.00 3.87 -9.89
N LYS A 31 -0.22 4.21 -8.62
CA LYS A 31 0.73 5.00 -7.83
C LYS A 31 0.56 4.81 -6.33
N CYS A 32 1.66 4.75 -5.59
CA CYS A 32 1.63 4.74 -4.12
C CYS A 32 1.70 6.17 -3.55
N LYS A 33 1.06 6.40 -2.40
CA LYS A 33 1.12 7.66 -1.64
C LYS A 33 1.45 7.39 -0.17
N GLU A 34 2.07 8.36 0.47
CA GLU A 34 2.30 8.40 1.91
C GLU A 34 1.08 9.04 2.58
N PHE A 35 0.35 8.27 3.38
CA PHE A 35 -0.76 8.76 4.20
C PHE A 35 -0.35 8.68 5.70
N ILE A 36 -1.01 9.48 6.54
CA ILE A 36 -0.77 9.41 7.99
C ILE A 36 -1.78 8.47 8.64
N TYR A 37 -1.25 7.42 9.26
CA TYR A 37 -1.99 6.43 10.03
C TYR A 37 -2.27 6.89 11.46
N GLY A 38 -3.42 6.49 12.00
CA GLY A 38 -3.83 6.77 13.35
C GLY A 38 -3.40 5.68 14.33
N GLY A 39 -4.34 4.80 14.65
CA GLY A 39 -4.15 3.77 15.68
C GLY A 39 -5.42 3.05 16.09
N CYS A 40 -6.51 3.14 15.32
CA CYS A 40 -7.83 2.58 15.65
C CYS A 40 -8.50 2.05 14.38
N GLY A 41 -7.90 1.03 13.79
CA GLY A 41 -8.34 0.44 12.52
C GLY A 41 -7.38 0.72 11.38
N GLY A 42 -7.57 -0.02 10.28
CA GLY A 42 -6.81 0.11 9.05
C GLY A 42 -6.88 -1.17 8.25
N ASN A 43 -6.98 -1.05 6.93
CA ASN A 43 -6.92 -2.18 6.02
C ASN A 43 -5.50 -2.78 5.97
N ALA A 44 -5.30 -3.85 5.18
CA ALA A 44 -3.97 -4.46 5.00
C ALA A 44 -3.01 -3.61 4.13
N ASN A 45 -3.48 -2.51 3.53
CA ASN A 45 -2.73 -1.64 2.65
C ASN A 45 -2.03 -0.55 3.51
N ASN A 46 -0.92 -0.93 4.14
CA ASN A 46 -0.23 -0.08 5.10
C ASN A 46 1.30 -0.31 5.11
N PHE A 47 2.01 0.31 4.20
CA PHE A 47 3.47 0.19 4.02
C PHE A 47 4.27 1.34 4.63
N GLU A 48 5.59 1.28 4.57
CA GLU A 48 6.49 2.32 5.10
C GLU A 48 7.23 3.10 4.01
N THR A 49 7.16 2.63 2.76
CA THR A 49 7.79 3.25 1.61
C THR A 49 7.03 3.01 0.31
N ARG A 50 7.41 3.76 -0.73
CA ARG A 50 6.93 3.54 -2.10
C ARG A 50 7.58 2.31 -2.76
N ALA A 51 8.68 1.79 -2.22
CA ALA A 51 9.43 0.70 -2.83
C ALA A 51 8.66 -0.62 -2.74
N GLU A 52 8.27 -1.00 -1.53
CA GLU A 52 7.42 -2.16 -1.24
C GLU A 52 6.03 -2.01 -1.88
N CYS A 53 5.45 -0.81 -1.93
CA CYS A 53 4.25 -0.52 -2.69
C CYS A 53 4.33 -0.98 -4.17
N ARG A 54 5.49 -0.81 -4.82
CA ARG A 54 5.76 -1.33 -6.17
C ARG A 54 6.10 -2.82 -6.19
N HIS A 55 6.44 -3.45 -5.07
CA HIS A 55 6.66 -4.91 -4.97
C HIS A 55 5.39 -5.67 -4.55
N THR A 56 4.42 -4.99 -3.98
CA THR A 56 3.13 -5.57 -3.56
C THR A 56 2.09 -5.49 -4.68
N CYS A 57 2.16 -4.44 -5.54
CA CYS A 57 1.13 -4.21 -6.56
C CYS A 57 1.67 -3.91 -7.97
N VAL A 58 3.00 -3.93 -8.14
CA VAL A 58 3.67 -3.73 -9.44
C VAL A 58 4.74 -4.81 -9.57
N ALA A 59 6.00 -4.44 -9.86
CA ALA A 59 7.14 -5.28 -10.10
C ALA A 59 6.99 -6.15 -11.37
N SER A 60 7.98 -6.05 -12.25
CA SER A 60 7.96 -6.74 -13.54
C SER A 60 9.35 -6.75 -14.18
N ARG A 61 10.39 -7.02 -13.34
CA ARG A 61 11.81 -6.91 -13.69
C ARG A 61 12.13 -5.59 -14.41
N LYS A 62 13.17 -5.56 -15.26
CA LYS A 62 13.55 -4.44 -16.14
C LYS A 62 13.44 -3.07 -15.44
N GLY A 63 14.32 -2.83 -14.47
CA GLY A 63 14.42 -1.55 -13.79
C GLY A 63 14.96 -0.43 -14.68
N GLY A 64 15.20 0.75 -14.11
CA GLY A 64 15.79 1.89 -14.81
C GLY A 64 17.32 1.76 -14.94
N PRO A 65 18.11 2.21 -13.92
CA PRO A 65 19.56 2.21 -14.01
C PRO A 65 20.13 0.82 -13.79
N ARG A 66 21.06 0.40 -14.66
CA ARG A 66 21.70 -0.93 -14.63
C ARG A 66 23.18 -0.90 -15.02
N ARG A 67 23.94 0.05 -14.45
CA ARG A 67 25.36 0.32 -14.78
C ARG A 67 25.50 0.63 -16.29
N PRO A 68 25.32 1.91 -16.69
CA PRO A 68 25.48 2.35 -18.06
C PRO A 68 26.88 2.03 -18.61
N ASP A 2 -4.08 -9.95 -11.61
CA ASP A 2 -2.81 -10.55 -11.17
C ASP A 2 -2.22 -9.88 -9.91
N ARG A 3 -2.70 -8.66 -9.63
CA ARG A 3 -2.32 -7.83 -8.50
C ARG A 3 -3.19 -8.17 -7.26
N PRO A 4 -2.68 -7.99 -6.03
CA PRO A 4 -3.45 -8.26 -4.84
C PRO A 4 -4.71 -7.41 -4.74
N LYS A 5 -5.79 -7.97 -4.19
CA LYS A 5 -7.07 -7.27 -4.01
C LYS A 5 -7.03 -6.24 -2.88
N PHE A 6 -6.24 -6.50 -1.84
CA PHE A 6 -6.06 -5.56 -0.75
C PHE A 6 -5.32 -4.28 -1.18
N CYS A 7 -4.65 -4.26 -2.33
CA CYS A 7 -4.10 -3.06 -2.94
C CYS A 7 -5.19 -2.06 -3.40
N TYR A 8 -6.43 -2.52 -3.63
CA TYR A 8 -7.52 -1.66 -4.08
C TYR A 8 -8.22 -0.94 -2.93
N LEU A 9 -8.13 -1.50 -1.72
CA LEU A 9 -8.71 -0.92 -0.53
C LEU A 9 -8.09 0.47 -0.32
N PRO A 10 -8.89 1.57 -0.31
CA PRO A 10 -8.40 2.92 -0.07
C PRO A 10 -7.55 3.00 1.20
N ASP A 11 -6.70 4.01 1.31
CA ASP A 11 -5.84 4.19 2.47
C ASP A 11 -6.69 4.19 3.75
N ASP A 12 -6.54 3.14 4.55
CA ASP A 12 -7.33 2.91 5.76
C ASP A 12 -6.40 2.98 6.98
N PRO A 13 -6.02 4.18 7.44
CA PRO A 13 -5.30 4.35 8.71
C PRO A 13 -6.05 3.81 9.92
N GLY A 14 -7.33 3.49 9.80
CA GLY A 14 -8.24 3.16 10.87
C GLY A 14 -8.97 4.40 11.38
N VAL A 15 -9.09 4.53 12.71
CA VAL A 15 -9.84 5.62 13.35
C VAL A 15 -8.94 6.60 14.13
N CYS A 16 -7.96 6.09 14.87
CA CYS A 16 -7.06 6.92 15.68
C CYS A 16 -6.09 7.75 14.81
N LYS A 17 -5.61 8.87 15.35
CA LYS A 17 -4.75 9.83 14.64
C LYS A 17 -3.46 10.13 15.43
N ALA A 18 -2.54 9.17 15.45
CA ALA A 18 -1.23 9.32 16.11
C ALA A 18 -0.13 9.88 15.21
N HIS A 19 -0.37 10.01 13.92
CA HIS A 19 0.57 10.58 12.93
C HIS A 19 1.79 9.70 12.66
N ILE A 20 1.57 8.56 11.99
CA ILE A 20 2.61 7.61 11.61
C ILE A 20 2.77 7.60 10.08
N PRO A 21 3.98 7.87 9.51
CA PRO A 21 4.21 7.79 8.07
C PRO A 21 3.91 6.38 7.57
N ARG A 22 2.90 6.23 6.72
CA ARG A 22 2.45 4.95 6.16
C ARG A 22 2.23 5.10 4.66
N PHE A 23 2.12 4.01 3.94
CA PHE A 23 1.99 4.00 2.49
C PHE A 23 0.91 3.02 2.04
N TYR A 24 0.15 3.41 1.03
CA TYR A 24 -0.87 2.57 0.39
C TYR A 24 -0.74 2.71 -1.12
N TYR A 25 -1.01 1.63 -1.86
CA TYR A 25 -1.02 1.68 -3.32
C TYR A 25 -2.38 2.10 -3.85
N ASN A 26 -2.42 3.05 -4.79
CA ASN A 26 -3.65 3.45 -5.48
C ASN A 26 -3.66 2.84 -6.90
N PRO A 27 -4.27 1.66 -7.11
CA PRO A 27 -4.34 1.03 -8.41
C PRO A 27 -5.13 1.85 -9.43
N ALA A 28 -6.15 2.60 -9.00
CA ALA A 28 -6.93 3.47 -9.87
C ALA A 28 -6.08 4.57 -10.54
N SER A 29 -5.00 5.01 -9.90
CA SER A 29 -4.00 5.91 -10.48
C SER A 29 -2.70 5.20 -10.88
N ASN A 30 -2.57 3.91 -10.61
CA ASN A 30 -1.35 3.11 -10.74
C ASN A 30 -0.14 3.69 -9.96
N LYS A 31 -0.36 4.53 -8.95
CA LYS A 31 0.70 5.17 -8.15
C LYS A 31 0.49 4.92 -6.65
N CYS A 32 1.59 4.82 -5.89
CA CYS A 32 1.53 4.74 -4.43
C CYS A 32 1.57 6.14 -3.82
N LYS A 33 0.91 6.35 -2.67
CA LYS A 33 0.98 7.59 -1.89
C LYS A 33 1.27 7.27 -0.42
N GLU A 34 1.80 8.27 0.29
CA GLU A 34 1.92 8.21 1.74
C GLU A 34 0.65 8.72 2.43
N PHE A 35 0.24 8.06 3.49
CA PHE A 35 -0.89 8.45 4.34
C PHE A 35 -0.45 8.44 5.81
N ILE A 36 -1.20 9.16 6.65
CA ILE A 36 -0.96 9.21 8.09
C ILE A 36 -1.75 8.10 8.80
N TYR A 37 -1.02 7.17 9.43
CA TYR A 37 -1.59 6.13 10.28
C TYR A 37 -1.70 6.57 11.75
N GLY A 38 -2.56 5.90 12.52
CA GLY A 38 -2.71 6.12 13.95
C GLY A 38 -2.22 4.95 14.80
N GLY A 39 -3.15 4.05 15.13
CA GLY A 39 -2.89 2.93 16.04
C GLY A 39 -4.13 2.10 16.38
N CYS A 40 -5.19 2.22 15.59
CA CYS A 40 -6.50 1.62 15.88
C CYS A 40 -7.15 1.19 14.56
N GLY A 41 -6.60 0.18 13.90
CA GLY A 41 -7.05 -0.30 12.59
C GLY A 41 -5.88 -0.57 11.65
N GLY A 42 -6.03 -0.23 10.37
CA GLY A 42 -5.02 -0.53 9.36
C GLY A 42 -5.38 -1.75 8.53
N ASN A 43 -5.62 -1.54 7.24
CA ASN A 43 -5.79 -2.65 6.31
C ASN A 43 -4.44 -3.26 5.90
N ALA A 44 -4.50 -4.32 5.08
CA ALA A 44 -3.31 -4.95 4.50
C ALA A 44 -2.61 -4.09 3.41
N ASN A 45 -3.02 -2.82 3.23
CA ASN A 45 -2.44 -1.87 2.29
C ASN A 45 -1.59 -0.82 3.04
N ASN A 46 -0.90 -1.24 4.10
CA ASN A 46 -0.08 -0.37 4.93
C ASN A 46 1.40 -0.73 4.79
N PHE A 47 2.20 0.24 4.35
CA PHE A 47 3.62 0.10 4.07
C PHE A 47 4.43 1.24 4.69
N GLU A 48 5.74 1.14 4.73
CA GLU A 48 6.65 2.17 5.26
C GLU A 48 7.25 3.07 4.17
N THR A 49 7.28 2.59 2.93
CA THR A 49 7.80 3.35 1.78
C THR A 49 7.13 2.96 0.46
N ARG A 50 7.47 3.70 -0.61
CA ARG A 50 7.04 3.41 -1.99
C ARG A 50 7.70 2.14 -2.57
N ALA A 51 8.84 1.69 -2.04
CA ALA A 51 9.59 0.57 -2.60
C ALA A 51 8.87 -0.76 -2.39
N GLU A 52 8.57 -1.06 -1.14
CA GLU A 52 7.70 -2.16 -0.72
C GLU A 52 6.28 -2.00 -1.28
N CYS A 53 5.67 -0.80 -1.19
CA CYS A 53 4.35 -0.48 -1.74
C CYS A 53 4.29 -0.75 -3.26
N ARG A 54 5.41 -0.61 -3.97
CA ARG A 54 5.53 -0.96 -5.38
C ARG A 54 5.49 -2.48 -5.53
N HIS A 55 6.28 -3.24 -4.79
CA HIS A 55 6.23 -4.72 -4.87
C HIS A 55 4.83 -5.26 -4.55
N THR A 56 4.02 -4.53 -3.80
CA THR A 56 2.63 -4.87 -3.50
C THR A 56 1.80 -5.08 -4.76
N CYS A 57 1.58 -4.01 -5.53
CA CYS A 57 0.71 -4.04 -6.70
C CYS A 57 1.47 -4.16 -8.02
N VAL A 58 2.71 -3.66 -8.08
CA VAL A 58 3.60 -3.74 -9.26
C VAL A 58 4.46 -4.98 -9.15
N ALA A 59 3.83 -6.14 -9.15
CA ALA A 59 4.47 -7.45 -9.17
C ALA A 59 3.72 -8.40 -10.11
N SER A 60 4.39 -9.47 -10.53
CA SER A 60 3.86 -10.46 -11.48
C SER A 60 3.34 -9.84 -12.77
N ARG A 61 4.27 -9.47 -13.67
CA ARG A 61 4.00 -8.72 -14.92
C ARG A 61 3.41 -7.33 -14.64
N LYS A 62 3.49 -6.43 -15.63
CA LYS A 62 2.95 -5.07 -15.48
C LYS A 62 1.43 -5.01 -15.69
N GLY A 63 0.84 -6.16 -16.06
CA GLY A 63 -0.55 -6.28 -16.50
C GLY A 63 -0.71 -6.01 -18.00
N GLY A 64 -1.95 -5.87 -18.45
CA GLY A 64 -2.32 -5.54 -19.82
C GLY A 64 -3.38 -4.43 -19.87
N PRO A 65 -3.86 -4.08 -21.08
CA PRO A 65 -4.86 -3.03 -21.30
C PRO A 65 -6.24 -3.42 -20.78
N ARG A 66 -6.49 -3.25 -19.46
CA ARG A 66 -7.73 -3.60 -18.74
C ARG A 66 -8.03 -5.11 -18.72
N ARG A 67 -8.40 -5.68 -19.86
CA ARG A 67 -8.72 -7.09 -20.06
C ARG A 67 -7.75 -7.71 -21.06
N PRO A 68 -7.41 -9.01 -20.89
CA PRO A 68 -6.55 -9.73 -21.81
C PRO A 68 -7.29 -10.05 -23.12
N ASP A 2 -3.69 -9.83 -11.37
CA ASP A 2 -2.51 -10.67 -11.05
C ASP A 2 -1.88 -10.33 -9.68
N ARG A 3 -2.13 -9.11 -9.22
CA ARG A 3 -1.64 -8.55 -7.96
C ARG A 3 -2.73 -8.68 -6.87
N PRO A 4 -2.49 -8.32 -5.60
CA PRO A 4 -3.47 -8.54 -4.55
C PRO A 4 -4.67 -7.59 -4.68
N LYS A 5 -5.86 -8.12 -4.42
CA LYS A 5 -7.11 -7.35 -4.40
C LYS A 5 -7.24 -6.37 -3.23
N PHE A 6 -6.57 -6.63 -2.10
CA PHE A 6 -6.53 -5.65 -1.00
C PHE A 6 -5.82 -4.35 -1.43
N CYS A 7 -5.08 -4.37 -2.55
CA CYS A 7 -4.51 -3.15 -3.13
C CYS A 7 -5.58 -2.15 -3.57
N TYR A 8 -6.76 -2.64 -3.93
CA TYR A 8 -7.89 -1.82 -4.38
C TYR A 8 -8.67 -1.21 -3.22
N LEU A 9 -8.21 -1.40 -1.98
CA LEU A 9 -8.79 -0.78 -0.79
C LEU A 9 -8.06 0.54 -0.51
N PRO A 10 -8.76 1.70 -0.54
CA PRO A 10 -8.20 3.01 -0.16
C PRO A 10 -7.40 2.96 1.15
N ASP A 11 -6.53 3.94 1.35
CA ASP A 11 -5.74 4.03 2.58
C ASP A 11 -6.67 3.98 3.80
N ASP A 12 -6.36 3.09 4.74
CA ASP A 12 -7.15 2.88 5.96
C ASP A 12 -6.26 3.04 7.19
N PRO A 13 -5.85 4.26 7.56
CA PRO A 13 -5.17 4.53 8.83
C PRO A 13 -5.96 4.15 10.08
N GLY A 14 -7.24 3.85 9.93
CA GLY A 14 -8.20 3.63 10.99
C GLY A 14 -8.88 4.92 11.44
N VAL A 15 -9.25 4.98 12.72
CA VAL A 15 -10.05 6.08 13.31
C VAL A 15 -9.33 6.81 14.45
N CYS A 16 -8.04 6.53 14.63
CA CYS A 16 -7.22 7.14 15.69
C CYS A 16 -6.73 8.53 15.30
N LYS A 17 -6.19 9.25 16.28
CA LYS A 17 -5.64 10.63 16.14
C LYS A 17 -4.13 10.73 16.27
N ALA A 18 -3.40 9.64 16.04
CA ALA A 18 -1.94 9.60 16.17
C ALA A 18 -1.27 10.04 14.85
N HIS A 19 0.01 9.69 14.66
CA HIS A 19 0.72 10.03 13.42
C HIS A 19 1.87 9.06 13.16
N ILE A 20 1.74 8.17 12.19
CA ILE A 20 2.79 7.23 11.77
C ILE A 20 2.91 7.29 10.24
N PRO A 21 4.04 7.72 9.66
CA PRO A 21 4.23 7.78 8.21
C PRO A 21 4.07 6.40 7.59
N ARG A 22 3.01 6.19 6.80
CA ARG A 22 2.73 4.95 6.04
C ARG A 22 2.60 5.28 4.56
N PHE A 23 2.48 4.24 3.76
CA PHE A 23 2.25 4.29 2.33
C PHE A 23 1.16 3.28 1.97
N TYR A 24 0.43 3.56 0.91
CA TYR A 24 -0.56 2.64 0.33
C TYR A 24 -0.53 2.78 -1.20
N TYR A 25 -0.87 1.73 -1.94
CA TYR A 25 -0.88 1.78 -3.41
C TYR A 25 -2.29 2.10 -3.87
N ASN A 26 -2.44 3.11 -4.73
CA ASN A 26 -3.70 3.44 -5.35
C ASN A 26 -3.76 2.87 -6.78
N PRO A 27 -4.26 1.62 -6.99
CA PRO A 27 -4.35 1.03 -8.31
C PRO A 27 -5.33 1.78 -9.21
N ALA A 28 -6.24 2.61 -8.66
CA ALA A 28 -7.15 3.45 -9.44
C ALA A 28 -6.45 4.37 -10.44
N SER A 29 -5.17 4.68 -10.22
CA SER A 29 -4.32 5.46 -11.15
C SER A 29 -2.95 4.81 -11.38
N ASN A 30 -2.74 3.59 -10.88
CA ASN A 30 -1.43 2.93 -10.84
C ASN A 30 -0.36 3.77 -10.10
N LYS A 31 -0.70 4.47 -9.01
CA LYS A 31 0.24 5.35 -8.29
C LYS A 31 0.20 5.14 -6.78
N CYS A 32 1.36 4.99 -6.15
CA CYS A 32 1.47 4.98 -4.68
C CYS A 32 1.29 6.40 -4.10
N LYS A 33 0.86 6.47 -2.82
CA LYS A 33 0.84 7.70 -2.01
C LYS A 33 1.24 7.40 -0.56
N GLU A 34 1.58 8.43 0.19
CA GLU A 34 1.85 8.38 1.63
C GLU A 34 0.60 8.78 2.42
N PHE A 35 0.32 8.06 3.50
CA PHE A 35 -0.80 8.36 4.40
C PHE A 35 -0.32 8.35 5.87
N ILE A 36 -0.99 9.12 6.72
CA ILE A 36 -0.68 9.16 8.15
C ILE A 36 -1.54 8.11 8.86
N TYR A 37 -0.89 7.15 9.52
CA TYR A 37 -1.54 6.12 10.31
C TYR A 37 -1.74 6.55 11.77
N GLY A 38 -2.86 6.11 12.34
CA GLY A 38 -3.19 6.33 13.74
C GLY A 38 -2.71 5.18 14.63
N GLY A 39 -3.54 4.16 14.78
CA GLY A 39 -3.34 3.08 15.76
C GLY A 39 -4.63 2.40 16.20
N CYS A 40 -5.72 2.58 15.46
CA CYS A 40 -7.04 2.03 15.82
C CYS A 40 -7.39 0.87 14.88
N GLY A 41 -7.69 1.20 13.62
CA GLY A 41 -7.93 0.24 12.54
C GLY A 41 -6.68 0.03 11.69
N GLY A 42 -6.87 -0.38 10.45
CA GLY A 42 -5.78 -0.77 9.55
C GLY A 42 -6.25 -1.84 8.57
N ASN A 43 -6.13 -1.58 7.27
CA ASN A 43 -6.34 -2.59 6.24
C ASN A 43 -5.06 -3.38 5.95
N ALA A 44 -5.08 -4.24 4.93
CA ALA A 44 -3.91 -4.99 4.47
C ALA A 44 -2.98 -4.22 3.52
N ASN A 45 -3.40 -3.01 3.07
CA ASN A 45 -2.60 -2.19 2.16
C ASN A 45 -1.66 -1.23 2.92
N ASN A 46 -1.25 -1.62 4.13
CA ASN A 46 -0.39 -0.86 5.02
C ASN A 46 1.09 -1.04 4.62
N PHE A 47 1.71 -0.02 4.06
CA PHE A 47 3.12 -0.07 3.68
C PHE A 47 3.97 0.94 4.43
N GLU A 48 5.27 0.78 4.36
CA GLU A 48 6.24 1.66 5.01
C GLU A 48 6.84 2.69 4.05
N THR A 49 7.01 2.34 2.77
CA THR A 49 7.57 3.21 1.74
C THR A 49 7.08 2.85 0.34
N ARG A 50 7.32 3.73 -0.63
CA ARG A 50 7.11 3.47 -2.07
C ARG A 50 7.80 2.18 -2.56
N ALA A 51 8.91 1.77 -1.91
CA ALA A 51 9.66 0.58 -2.29
C ALA A 51 8.81 -0.68 -2.05
N GLU A 52 8.30 -0.87 -0.83
CA GLU A 52 7.37 -1.94 -0.51
C GLU A 52 6.05 -1.79 -1.27
N CYS A 53 5.53 -0.57 -1.37
CA CYS A 53 4.31 -0.26 -2.10
C CYS A 53 4.33 -0.80 -3.55
N ARG A 54 5.48 -0.62 -4.23
CA ARG A 54 5.70 -1.19 -5.57
C ARG A 54 5.87 -2.69 -5.57
N HIS A 55 6.37 -3.32 -4.51
CA HIS A 55 6.46 -4.78 -4.42
C HIS A 55 5.13 -5.44 -4.09
N THR A 56 4.23 -4.73 -3.42
CA THR A 56 2.92 -5.26 -3.03
C THR A 56 1.92 -5.21 -4.19
N CYS A 57 1.90 -4.15 -5.00
CA CYS A 57 0.91 -4.00 -6.08
C CYS A 57 1.52 -3.94 -7.49
N VAL A 58 2.84 -3.89 -7.61
CA VAL A 58 3.57 -3.89 -8.90
C VAL A 58 4.69 -4.92 -8.79
N ALA A 59 5.90 -4.54 -9.20
CA ALA A 59 7.10 -5.37 -9.31
C ALA A 59 6.95 -6.51 -10.33
N SER A 60 8.05 -6.81 -11.02
CA SER A 60 8.11 -7.86 -12.03
C SER A 60 9.56 -8.33 -12.19
N ARG A 61 10.19 -8.70 -11.06
CA ARG A 61 11.57 -9.21 -11.00
C ARG A 61 12.58 -8.36 -11.81
N LYS A 62 12.84 -7.14 -11.33
CA LYS A 62 13.77 -6.21 -12.02
C LYS A 62 15.21 -6.76 -11.99
N GLY A 63 15.80 -6.99 -13.15
CA GLY A 63 17.20 -7.41 -13.29
C GLY A 63 17.83 -6.85 -14.57
N GLY A 64 19.17 -6.74 -14.56
CA GLY A 64 19.92 -6.19 -15.69
C GLY A 64 19.74 -4.67 -15.91
N PRO A 65 20.07 -4.17 -17.11
CA PRO A 65 19.91 -2.77 -17.49
C PRO A 65 18.48 -2.27 -17.28
N ARG A 66 18.33 -0.98 -16.95
CA ARG A 66 17.03 -0.36 -16.65
C ARG A 66 16.68 0.57 -17.79
N ARG A 67 15.85 0.08 -18.71
CA ARG A 67 15.31 0.88 -19.82
C ARG A 67 14.17 1.82 -19.41
N PRO A 68 13.16 1.39 -18.61
CA PRO A 68 12.10 2.25 -18.11
C PRO A 68 12.51 3.00 -16.83
N ASP A 2 -3.91 -10.29 -10.92
CA ASP A 2 -2.52 -10.78 -10.76
C ASP A 2 -1.81 -10.28 -9.47
N ARG A 3 -2.47 -9.34 -8.77
CA ARG A 3 -2.00 -8.56 -7.62
C ARG A 3 -3.02 -8.73 -6.47
N PRO A 4 -2.70 -8.37 -5.23
CA PRO A 4 -3.63 -8.57 -4.12
C PRO A 4 -4.82 -7.60 -4.19
N LYS A 5 -6.01 -8.07 -3.78
CA LYS A 5 -7.20 -7.21 -3.71
C LYS A 5 -7.14 -6.14 -2.62
N PHE A 6 -6.41 -6.40 -1.53
CA PHE A 6 -6.25 -5.42 -0.45
C PHE A 6 -5.46 -4.18 -0.91
N CYS A 7 -4.73 -4.28 -2.03
CA CYS A 7 -4.09 -3.14 -2.68
C CYS A 7 -5.08 -2.10 -3.21
N TYR A 8 -6.35 -2.46 -3.40
CA TYR A 8 -7.37 -1.54 -3.93
C TYR A 8 -8.06 -0.73 -2.86
N LEU A 9 -8.13 -1.26 -1.65
CA LEU A 9 -8.74 -0.60 -0.49
C LEU A 9 -8.08 0.78 -0.36
N PRO A 10 -8.86 1.89 -0.51
CA PRO A 10 -8.35 3.26 -0.34
C PRO A 10 -7.58 3.43 0.96
N ASP A 11 -6.74 4.47 1.04
CA ASP A 11 -6.01 4.76 2.26
C ASP A 11 -6.99 4.85 3.44
N ASP A 12 -6.82 3.95 4.42
CA ASP A 12 -7.69 3.83 5.58
C ASP A 12 -6.85 4.08 6.84
N PRO A 13 -6.44 5.35 7.12
CA PRO A 13 -5.79 5.69 8.38
C PRO A 13 -6.66 5.50 9.64
N GLY A 14 -7.95 5.27 9.44
CA GLY A 14 -8.97 5.24 10.48
C GLY A 14 -9.43 6.63 10.86
N VAL A 15 -9.83 6.79 12.13
CA VAL A 15 -10.43 8.03 12.67
C VAL A 15 -9.69 8.58 13.90
N CYS A 16 -8.52 8.02 14.21
CA CYS A 16 -7.77 8.43 15.40
C CYS A 16 -6.90 9.66 15.11
N LYS A 17 -6.96 10.61 16.03
CA LYS A 17 -6.16 11.86 16.04
C LYS A 17 -4.70 11.65 16.48
N ALA A 18 -4.01 10.70 15.85
CA ALA A 18 -2.59 10.43 16.12
C ALA A 18 -1.74 10.86 14.91
N HIS A 19 -0.54 10.28 14.76
CA HIS A 19 0.34 10.62 13.64
C HIS A 19 1.39 9.54 13.37
N ILE A 20 1.11 8.59 12.46
CA ILE A 20 2.04 7.51 12.11
C ILE A 20 2.28 7.53 10.59
N PRO A 21 3.49 7.83 10.09
CA PRO A 21 3.81 7.72 8.67
C PRO A 21 3.46 6.32 8.16
N ARG A 22 2.62 6.25 7.15
CA ARG A 22 2.17 5.00 6.53
C ARG A 22 2.02 5.18 5.03
N PHE A 23 1.90 4.10 4.30
CA PHE A 23 1.82 4.11 2.84
C PHE A 23 0.72 3.18 2.36
N TYR A 24 0.13 3.53 1.23
CA TYR A 24 -0.84 2.67 0.56
C TYR A 24 -0.63 2.76 -0.95
N TYR A 25 -0.95 1.69 -1.68
CA TYR A 25 -0.94 1.72 -3.14
C TYR A 25 -2.30 2.13 -3.70
N ASN A 26 -2.33 3.07 -4.64
CA ASN A 26 -3.56 3.46 -5.35
C ASN A 26 -3.56 2.85 -6.76
N PRO A 27 -4.17 1.66 -6.97
CA PRO A 27 -4.21 1.03 -8.29
C PRO A 27 -4.97 1.84 -9.32
N ALA A 28 -6.04 2.54 -8.93
CA ALA A 28 -6.79 3.41 -9.83
C ALA A 28 -5.92 4.51 -10.45
N SER A 29 -4.91 5.00 -9.72
CA SER A 29 -3.94 5.97 -10.21
C SER A 29 -2.57 5.34 -10.59
N ASN A 30 -2.45 4.02 -10.51
CA ASN A 30 -1.22 3.27 -10.76
C ASN A 30 0.00 3.78 -9.96
N LYS A 31 -0.19 4.22 -8.71
CA LYS A 31 0.88 4.78 -7.87
C LYS A 31 0.54 4.76 -6.40
N CYS A 32 1.54 4.54 -5.55
CA CYS A 32 1.36 4.66 -4.10
C CYS A 32 1.49 6.10 -3.58
N LYS A 33 1.14 6.31 -2.31
CA LYS A 33 1.26 7.56 -1.58
C LYS A 33 1.54 7.30 -0.11
N GLU A 34 2.17 8.28 0.55
CA GLU A 34 2.33 8.34 1.99
C GLU A 34 1.09 8.99 2.60
N PHE A 35 0.42 8.31 3.52
CA PHE A 35 -0.69 8.82 4.29
C PHE A 35 -0.35 8.76 5.79
N ILE A 36 -0.98 9.60 6.61
CA ILE A 36 -0.78 9.54 8.08
C ILE A 36 -1.85 8.67 8.72
N TYR A 37 -1.40 7.60 9.37
CA TYR A 37 -2.22 6.68 10.14
C TYR A 37 -2.47 7.17 11.58
N GLY A 38 -3.65 6.87 12.10
CA GLY A 38 -4.05 7.17 13.45
C GLY A 38 -3.80 6.02 14.44
N GLY A 39 -4.75 5.08 14.48
CA GLY A 39 -4.81 4.05 15.54
C GLY A 39 -6.22 3.55 15.89
N CYS A 40 -7.25 4.04 15.21
CA CYS A 40 -8.66 3.65 15.49
C CYS A 40 -9.19 2.61 14.49
N GLY A 41 -8.44 2.33 13.41
CA GLY A 41 -8.84 1.44 12.34
C GLY A 41 -7.84 1.52 11.20
N GLY A 42 -7.78 0.45 10.41
CA GLY A 42 -6.94 0.38 9.23
C GLY A 42 -7.22 -0.86 8.41
N ASN A 43 -6.44 -1.03 7.34
CA ASN A 43 -6.56 -2.14 6.42
C ASN A 43 -5.20 -2.85 6.22
N ALA A 44 -5.18 -3.93 5.44
CA ALA A 44 -3.95 -4.61 5.05
C ALA A 44 -3.06 -3.80 4.08
N ASN A 45 -3.47 -2.59 3.68
CA ASN A 45 -2.74 -1.71 2.76
C ASN A 45 -2.06 -0.60 3.56
N ASN A 46 -0.95 -0.97 4.22
CA ASN A 46 -0.27 -0.11 5.18
C ASN A 46 1.24 -0.42 5.20
N PHE A 47 2.01 0.29 4.40
CA PHE A 47 3.48 0.14 4.32
C PHE A 47 4.23 1.35 4.86
N GLU A 48 5.56 1.35 4.73
CA GLU A 48 6.46 2.42 5.21
C GLU A 48 7.26 3.10 4.09
N THR A 49 7.15 2.69 2.83
CA THR A 49 7.84 3.36 1.70
C THR A 49 7.03 3.32 0.40
N ARG A 50 7.67 3.74 -0.71
CA ARG A 50 7.11 3.66 -2.07
C ARG A 50 7.73 2.53 -2.89
N ALA A 51 8.65 1.78 -2.29
CA ALA A 51 9.37 0.72 -2.97
C ALA A 51 8.60 -0.61 -2.87
N GLU A 52 8.15 -0.98 -1.68
CA GLU A 52 7.35 -2.17 -1.47
C GLU A 52 6.02 -2.07 -2.21
N CYS A 53 5.46 -0.87 -2.39
CA CYS A 53 4.20 -0.62 -3.08
C CYS A 53 4.27 -1.16 -4.52
N ARG A 54 5.46 -1.04 -5.13
CA ARG A 54 5.75 -1.59 -6.45
C ARG A 54 5.94 -3.09 -6.40
N HIS A 55 6.51 -3.64 -5.35
CA HIS A 55 6.68 -5.10 -5.17
C HIS A 55 5.40 -5.82 -4.68
N THR A 56 4.43 -5.06 -4.18
CA THR A 56 3.14 -5.55 -3.69
C THR A 56 2.10 -5.56 -4.80
N CYS A 57 2.08 -4.51 -5.65
CA CYS A 57 1.07 -4.35 -6.69
C CYS A 57 1.63 -4.20 -8.12
N VAL A 58 2.78 -3.55 -8.32
CA VAL A 58 3.33 -3.33 -9.67
C VAL A 58 4.08 -4.58 -10.16
N ALA A 59 5.39 -4.61 -9.92
CA ALA A 59 6.25 -5.75 -10.18
C ALA A 59 5.93 -6.89 -9.20
N SER A 60 6.53 -8.06 -9.45
CA SER A 60 6.24 -9.31 -8.73
C SER A 60 4.81 -9.81 -8.98
N ARG A 61 4.69 -10.82 -9.86
CA ARG A 61 3.41 -11.45 -10.21
C ARG A 61 3.28 -12.81 -9.52
N LYS A 62 2.07 -13.14 -9.03
CA LYS A 62 1.79 -14.41 -8.36
C LYS A 62 1.28 -15.48 -9.33
N GLY A 63 1.82 -15.51 -10.55
CA GLY A 63 1.30 -16.28 -11.68
C GLY A 63 -0.10 -15.80 -12.13
N GLY A 64 -0.82 -16.64 -12.87
CA GLY A 64 -2.19 -16.37 -13.35
C GLY A 64 -3.25 -17.18 -12.59
N PRO A 65 -4.52 -16.72 -12.54
CA PRO A 65 -5.67 -17.50 -12.04
C PRO A 65 -5.94 -18.74 -12.88
N ARG A 66 -6.83 -19.62 -12.38
CA ARG A 66 -7.22 -20.89 -13.06
C ARG A 66 -6.00 -21.75 -13.40
N ARG A 67 -5.18 -22.02 -12.37
CA ARG A 67 -4.00 -22.89 -12.45
C ARG A 67 -4.32 -24.39 -12.19
N PRO A 68 -5.06 -24.75 -11.11
CA PRO A 68 -5.43 -26.14 -10.87
C PRO A 68 -6.58 -26.56 -11.79
#